data_5LHA
#
_entry.id   5LHA
#
_cell.length_a   96.790
_cell.length_b   97.069
_cell.length_c   153.389
_cell.angle_alpha   90.000
_cell.angle_beta   90.000
_cell.angle_gamma   90.000
#
_symmetry.space_group_name_H-M   'P 21 21 21'
#
loop_
_entity.id
_entity.type
_entity.pdbx_description
1 polymer 'OMEGA TRANSAMINASE'
2 non-polymer "4'-DEOXY-4'-AMINOPYRIDOXAL-5'-PHOSPHATE"
3 water water
#
_entity_poly.entity_id   1
_entity_poly.type   'polypeptide(L)'
_entity_poly.pdbx_seq_one_letter_code
;MHHHHHHGSSYEKYKNAEKKFWHPMGSSAAPHRDKTLVIARGDGNYITDIDGQRMLDGVGGLWNVNIGHNRASVKAAIAA
QLDELAYYQTFDGIAHPRVFDLAERLTGMFAQERMARVLFSSGGSDAVETALKMARQYWIASGEPGRTRFLSLRNGYHGV
HMGGTSVGGNGVYHYNHGQLLAGCHLLDTPWLYRNPWDCRDPQALTAHCIRQLEEQIALLGAQTIAALIAEPVQGAGGVI
VPPADYWPRLREVCDRHGILLIADEVVTGFGRSGCMLGSRGWGVAPDILCLAKGITAGYIPLGATLFNQRIADAIENGQG
FSHMIMHGYTYSGHPTACAAALAVLDIVEAEDLPGNAAKVGAQLLEQLQPLVERYAVVGEVRGKGLMIALDLVSDKRTRQ
PLDPAAGQPSRIADEARRAGVLVRPIGNKIILSPPLTLTRDEAGLMVSALEAAFARCG
;
_entity_poly.pdbx_strand_id   A,B,C,D
#
# COMPACT_ATOMS: atom_id res chain seq x y z
N GLU A 12 35.57 -21.46 31.51
CA GLU A 12 34.90 -21.38 30.21
C GLU A 12 35.37 -20.20 29.37
N LYS A 13 35.69 -20.47 28.11
CA LYS A 13 36.33 -19.50 27.22
C LYS A 13 35.36 -18.87 26.23
N TYR A 14 34.22 -18.39 26.72
CA TYR A 14 33.32 -17.57 25.90
C TYR A 14 33.66 -16.08 25.98
N LYS A 15 34.67 -15.72 26.78
CA LYS A 15 35.04 -14.32 26.91
C LYS A 15 35.71 -13.79 25.63
N ASN A 16 36.63 -14.55 25.05
CA ASN A 16 37.23 -14.21 23.76
C ASN A 16 36.46 -14.74 22.55
N ALA A 17 35.39 -15.53 22.75
CA ALA A 17 34.72 -16.18 21.63
C ALA A 17 34.23 -15.17 20.59
N GLU A 18 34.29 -15.58 19.32
CA GLU A 18 33.78 -14.75 18.24
C GLU A 18 32.27 -14.89 18.11
N LYS A 19 31.62 -13.80 17.71
CA LYS A 19 30.17 -13.67 17.73
C LYS A 19 29.62 -13.84 16.32
N LYS A 20 28.93 -14.96 16.07
CA LYS A 20 28.36 -15.26 14.76
C LYS A 20 26.85 -15.03 14.71
N PHE A 21 26.27 -14.47 15.77
CA PHE A 21 24.85 -14.15 15.78
C PHE A 21 24.68 -12.65 16.00
N TRP A 22 23.48 -12.18 15.69
CA TRP A 22 23.09 -10.79 15.86
C TRP A 22 22.20 -10.61 17.09
N HIS A 23 22.59 -9.66 17.97
CA HIS A 23 21.76 -9.30 19.11
C HIS A 23 20.51 -8.59 18.63
N PRO A 24 19.32 -9.06 18.96
CA PRO A 24 18.14 -8.23 18.73
C PRO A 24 18.24 -6.95 19.53
N MET A 25 17.80 -5.86 18.89
CA MET A 25 17.66 -4.54 19.49
C MET A 25 18.99 -3.90 19.88
N GLY A 26 20.07 -4.17 19.14
CA GLY A 26 21.36 -3.58 19.46
C GLY A 26 22.17 -3.27 18.21
N SER A 27 23.13 -2.36 18.40
CA SER A 27 24.06 -1.98 17.33
C SER A 27 24.91 -3.17 16.93
N SER A 28 24.97 -3.45 15.63
CA SER A 28 25.84 -4.49 15.13
C SER A 28 27.18 -3.94 14.73
N ALA A 29 27.46 -2.68 15.03
CA ALA A 29 28.71 -2.07 14.65
C ALA A 29 29.80 -2.42 15.64
N ALA A 30 31.00 -2.61 15.12
CA ALA A 30 32.21 -2.73 15.91
C ALA A 30 32.65 -1.34 16.37
N PRO A 31 33.23 -1.23 17.56
CA PRO A 31 33.58 -2.34 18.45
C PRO A 31 32.47 -2.72 19.42
N HIS A 32 31.37 -1.96 19.43
CA HIS A 32 30.29 -2.23 20.36
C HIS A 32 29.76 -3.66 20.23
N ARG A 33 29.75 -4.20 19.01
CA ARG A 33 29.14 -5.51 18.80
C ARG A 33 29.84 -6.58 19.63
N ASP A 34 31.14 -6.39 19.92
CA ASP A 34 31.96 -7.41 20.56
C ASP A 34 31.88 -7.40 22.08
N LYS A 35 31.27 -6.38 22.68
CA LYS A 35 30.96 -6.42 24.10
C LYS A 35 29.81 -7.39 24.33
N THR A 36 29.90 -8.19 25.40
CA THR A 36 28.85 -9.12 25.74
C THR A 36 28.87 -9.39 27.22
N LEU A 37 27.70 -9.38 27.85
CA LEU A 37 27.48 -9.98 29.16
C LEU A 37 26.95 -11.40 28.94
N VAL A 38 27.76 -12.40 29.24
CA VAL A 38 27.44 -13.79 28.94
C VAL A 38 26.89 -14.47 30.19
N ILE A 39 25.58 -14.72 30.20
CA ILE A 39 24.90 -15.35 31.32
C ILE A 39 25.03 -16.86 31.19
N ALA A 40 25.55 -17.51 32.24
CA ALA A 40 25.76 -18.95 32.21
C ALA A 40 24.62 -19.75 32.81
N ARG A 41 24.10 -19.33 33.95
CA ARG A 41 23.18 -20.17 34.71
C ARG A 41 22.13 -19.29 35.36
N GLY A 42 20.96 -19.88 35.59
CA GLY A 42 19.90 -19.20 36.29
C GLY A 42 19.25 -20.12 37.30
N ASP A 43 18.93 -19.57 38.48
CA ASP A 43 18.25 -20.36 39.49
C ASP A 43 17.43 -19.42 40.37
N GLY A 44 16.15 -19.72 40.53
CA GLY A 44 15.29 -18.84 41.29
C GLY A 44 15.14 -17.51 40.55
N ASN A 45 15.38 -16.40 41.24
CA ASN A 45 15.36 -15.08 40.64
C ASN A 45 16.77 -14.52 40.46
N TYR A 46 17.79 -15.39 40.43
CA TYR A 46 19.17 -14.98 40.30
C TYR A 46 19.78 -15.61 39.05
N ILE A 47 20.73 -14.89 38.45
CA ILE A 47 21.50 -15.39 37.31
C ILE A 47 22.98 -15.12 37.56
N THR A 48 23.82 -15.95 36.92
CA THR A 48 25.26 -15.90 37.09
C THR A 48 25.93 -15.90 35.72
N ASP A 49 26.90 -15.02 35.51
CA ASP A 49 27.56 -14.94 34.22
C ASP A 49 28.72 -15.93 34.16
N ILE A 50 29.41 -15.96 33.02
CA ILE A 50 30.55 -16.86 32.82
C ILE A 50 31.74 -16.49 33.69
N ASP A 51 31.71 -15.32 34.33
CA ASP A 51 32.74 -14.92 35.27
C ASP A 51 32.35 -15.26 36.70
N GLY A 52 31.27 -16.01 36.89
CA GLY A 52 30.83 -16.40 38.22
C GLY A 52 30.24 -15.31 39.08
N GLN A 53 29.97 -14.13 38.52
CA GLN A 53 29.34 -13.06 39.28
C GLN A 53 27.82 -13.24 39.27
N ARG A 54 27.21 -13.09 40.43
CA ARG A 54 25.79 -13.38 40.64
C ARG A 54 25.01 -12.07 40.77
N MET A 55 23.86 -12.01 40.11
CA MET A 55 23.04 -10.79 40.13
C MET A 55 21.57 -11.15 40.18
N LEU A 56 20.79 -10.35 40.90
CA LEU A 56 19.35 -10.50 40.88
C LEU A 56 18.85 -10.18 39.48
N ASP A 57 17.94 -11.02 38.98
CA ASP A 57 17.45 -10.88 37.61
C ASP A 57 16.30 -9.88 37.62
N GLY A 58 16.65 -8.61 37.73
CA GLY A 58 15.67 -7.53 37.76
C GLY A 58 14.90 -7.34 36.47
N VAL A 59 15.32 -8.00 35.39
CA VAL A 59 14.61 -7.93 34.10
C VAL A 59 13.73 -9.15 33.86
N GLY A 60 13.88 -10.20 34.65
CA GLY A 60 13.01 -11.36 34.49
C GLY A 60 13.17 -12.03 33.15
N GLY A 61 14.41 -12.17 32.66
CA GLY A 61 14.66 -12.62 31.31
C GLY A 61 14.37 -11.47 30.35
N LEU A 62 13.13 -11.41 29.87
CA LEU A 62 12.57 -10.29 29.11
C LEU A 62 11.11 -10.21 29.55
N TRP A 63 10.90 -9.68 30.77
CA TRP A 63 9.68 -9.86 31.55
C TRP A 63 8.92 -11.14 31.20
N ASN A 64 9.56 -12.30 31.37
CA ASN A 64 8.89 -13.55 31.06
C ASN A 64 9.22 -14.72 31.99
N VAL A 65 10.34 -14.66 32.70
CA VAL A 65 10.68 -15.75 33.61
C VAL A 65 9.98 -15.47 34.93
N ASN A 66 8.64 -15.54 34.91
CA ASN A 66 7.81 -14.99 35.97
C ASN A 66 7.69 -15.91 37.17
N ILE A 67 7.98 -17.21 37.01
CA ILE A 67 8.01 -18.14 38.13
C ILE A 67 9.41 -18.40 38.66
N GLY A 68 10.43 -17.78 38.06
CA GLY A 68 11.80 -18.02 38.45
C GLY A 68 12.48 -19.08 37.61
N HIS A 69 13.81 -19.06 37.64
CA HIS A 69 14.57 -20.04 36.87
C HIS A 69 14.57 -21.39 37.58
N ASN A 70 14.68 -22.45 36.78
CA ASN A 70 15.00 -23.80 37.27
C ASN A 70 13.93 -24.37 38.20
N ARG A 71 12.66 -24.12 37.90
CA ARG A 71 11.56 -24.74 38.64
C ARG A 71 11.45 -26.22 38.28
N ALA A 72 11.55 -27.09 39.30
CA ALA A 72 11.64 -28.53 39.05
C ALA A 72 10.37 -29.06 38.38
N SER A 73 9.20 -28.69 38.90
CA SER A 73 7.93 -29.21 38.36
C SER A 73 7.78 -28.93 36.86
N VAL A 74 8.16 -27.72 36.42
CA VAL A 74 8.09 -27.38 35.00
C VAL A 74 9.11 -28.20 34.20
N LYS A 75 10.34 -28.32 34.71
CA LYS A 75 11.32 -29.17 34.04
C LYS A 75 10.84 -30.61 33.94
N ALA A 76 10.19 -31.11 34.99
CA ALA A 76 9.64 -32.47 34.96
C ALA A 76 8.51 -32.61 33.95
N ALA A 77 7.67 -31.58 33.82
CA ALA A 77 6.60 -31.64 32.82
C ALA A 77 7.16 -31.75 31.40
N ILE A 78 8.22 -31.00 31.11
CA ILE A 78 8.80 -31.04 29.76
C ILE A 78 9.38 -32.42 29.47
N ALA A 79 10.12 -32.98 30.43
CA ALA A 79 10.68 -34.31 30.28
C ALA A 79 9.60 -35.36 30.06
N ALA A 80 8.51 -35.28 30.83
CA ALA A 80 7.42 -36.23 30.67
C ALA A 80 6.85 -36.20 29.26
N GLN A 81 6.59 -35.02 28.72
CA GLN A 81 5.98 -34.93 27.41
C GLN A 81 6.93 -35.37 26.29
N LEU A 82 8.22 -35.05 26.43
CA LEU A 82 9.21 -35.50 25.44
C LEU A 82 9.22 -37.03 25.32
N ASP A 83 9.11 -37.75 26.45
CA ASP A 83 9.05 -39.21 26.42
C ASP A 83 7.81 -39.72 25.70
N GLU A 84 6.71 -38.99 25.78
CA GLU A 84 5.46 -39.41 25.18
C GLU A 84 5.38 -38.97 23.73
N LEU A 85 5.39 -37.66 23.49
CA LEU A 85 5.28 -37.12 22.15
C LEU A 85 5.79 -35.68 22.23
N ALA A 86 7.05 -35.50 21.84
CA ALA A 86 7.62 -34.16 21.82
C ALA A 86 6.84 -33.24 20.89
N TYR A 87 6.50 -33.73 19.69
CA TYR A 87 5.80 -32.92 18.71
C TYR A 87 4.92 -33.79 17.80
N TYR A 88 3.70 -33.31 17.54
CA TYR A 88 3.01 -33.60 16.30
C TYR A 88 2.19 -32.38 15.87
N GLN A 89 1.81 -32.38 14.60
CA GLN A 89 1.08 -31.26 14.02
C GLN A 89 -0.37 -31.22 14.48
N THR A 90 -1.01 -30.05 14.30
CA THR A 90 -2.44 -29.88 14.50
C THR A 90 -3.12 -29.28 13.28
N PHE A 91 -2.54 -29.46 12.10
CA PHE A 91 -3.23 -28.96 10.91
C PHE A 91 -4.49 -29.78 10.68
N ASP A 92 -5.32 -29.31 9.74
N ASP A 92 -5.29 -29.35 9.70
CA ASP A 92 -6.68 -29.79 9.45
CA ASP A 92 -6.68 -29.79 9.50
C ASP A 92 -6.99 -31.24 9.87
C ASP A 92 -6.97 -31.23 9.91
N GLY A 93 -7.82 -31.40 10.91
CA GLY A 93 -8.31 -32.71 11.30
C GLY A 93 -7.40 -33.55 12.17
N ILE A 94 -6.23 -33.04 12.54
CA ILE A 94 -5.25 -33.80 13.30
C ILE A 94 -4.94 -33.03 14.57
N ALA A 95 -4.78 -33.74 15.68
CA ALA A 95 -4.35 -33.07 16.90
C ALA A 95 -3.70 -34.08 17.84
N HIS A 96 -3.58 -33.72 19.11
CA HIS A 96 -2.91 -34.51 20.13
C HIS A 96 -3.43 -34.03 21.48
N PRO A 97 -3.25 -34.82 22.54
CA PRO A 97 -3.95 -34.48 23.80
C PRO A 97 -3.58 -33.13 24.40
N ARG A 98 -2.30 -32.74 24.38
CA ARG A 98 -1.85 -31.57 25.13
C ARG A 98 -2.49 -30.29 24.62
N VAL A 99 -2.76 -30.19 23.31
CA VAL A 99 -3.38 -28.98 22.76
C VAL A 99 -4.84 -28.86 23.19
N PHE A 100 -5.55 -29.98 23.32
CA PHE A 100 -6.87 -29.96 23.93
C PHE A 100 -6.80 -29.38 25.33
N ASP A 101 -5.87 -29.89 26.14
CA ASP A 101 -5.82 -29.53 27.56
C ASP A 101 -5.66 -28.04 27.75
N LEU A 102 -4.68 -27.44 27.05
CA LEU A 102 -4.37 -26.02 27.23
C LEU A 102 -5.45 -25.11 26.64
N ALA A 103 -6.01 -25.49 25.49
CA ALA A 103 -7.10 -24.70 24.90
C ALA A 103 -8.31 -24.66 25.83
N GLU A 104 -8.72 -25.82 26.34
CA GLU A 104 -9.76 -25.87 27.37
C GLU A 104 -9.38 -25.04 28.58
N ARG A 105 -8.11 -25.15 29.00
CA ARG A 105 -7.62 -24.43 30.18
C ARG A 105 -7.67 -22.93 29.97
N LEU A 106 -7.19 -22.46 28.82
CA LEU A 106 -7.13 -21.02 28.56
C LEU A 106 -8.53 -20.42 28.46
N THR A 107 -9.41 -21.06 27.70
CA THR A 107 -10.77 -20.55 27.58
C THR A 107 -11.51 -20.56 28.91
N GLY A 108 -11.16 -21.50 29.79
CA GLY A 108 -11.76 -21.50 31.12
C GLY A 108 -11.29 -20.35 32.00
N MET A 109 -9.98 -20.04 31.95
CA MET A 109 -9.42 -18.96 32.74
C MET A 109 -10.01 -17.61 32.35
N PHE A 110 -10.36 -17.44 31.08
CA PHE A 110 -10.84 -16.17 30.56
C PHE A 110 -12.30 -16.26 30.11
N ALA A 111 -13.10 -17.03 30.83
CA ALA A 111 -14.53 -17.03 30.56
C ALA A 111 -15.13 -15.66 30.85
N GLN A 112 -14.60 -14.97 31.85
CA GLN A 112 -15.02 -13.61 32.14
C GLN A 112 -14.97 -12.72 30.91
N GLU A 113 -14.06 -13.01 29.99
CA GLU A 113 -13.97 -12.28 28.73
C GLU A 113 -14.63 -13.02 27.57
N ARG A 114 -15.40 -14.07 27.87
CA ARG A 114 -16.16 -14.84 26.87
C ARG A 114 -15.27 -15.33 25.74
N MET A 115 -13.99 -15.57 26.03
CA MET A 115 -13.09 -16.16 25.04
C MET A 115 -13.54 -17.58 24.71
N ALA A 116 -13.54 -17.91 23.42
CA ALA A 116 -14.10 -19.17 22.95
C ALA A 116 -13.12 -20.05 22.19
N ARG A 117 -12.18 -19.45 21.44
CA ARG A 117 -11.25 -20.19 20.60
C ARG A 117 -9.84 -19.66 20.78
N VAL A 118 -8.87 -20.57 20.66
CA VAL A 118 -7.44 -20.24 20.75
C VAL A 118 -6.80 -20.61 19.42
N LEU A 119 -5.95 -19.72 18.91
CA LEU A 119 -5.02 -20.02 17.83
C LEU A 119 -3.61 -19.92 18.40
N PHE A 120 -2.95 -21.07 18.55
CA PHE A 120 -1.66 -21.17 19.21
C PHE A 120 -0.53 -20.77 18.25
N SER A 121 0.57 -20.36 18.85
CA SER A 121 1.74 -19.93 18.11
C SER A 121 2.95 -20.06 19.03
N SER A 122 4.02 -19.33 18.75
CA SER A 122 5.28 -19.52 19.46
C SER A 122 5.80 -18.28 20.17
N GLY A 123 5.14 -17.14 20.03
CA GLY A 123 5.65 -15.93 20.65
C GLY A 123 4.65 -14.81 20.53
N GLY A 124 5.04 -13.65 21.07
CA GLY A 124 4.14 -12.51 21.11
C GLY A 124 3.89 -11.87 19.75
N SER A 125 4.94 -11.75 18.93
CA SER A 125 4.77 -11.24 17.57
C SER A 125 3.87 -12.15 16.76
N ASP A 126 3.99 -13.47 16.94
CA ASP A 126 3.05 -14.40 16.33
C ASP A 126 1.63 -14.09 16.75
N ALA A 127 1.42 -13.92 18.06
CA ALA A 127 0.08 -13.68 18.57
C ALA A 127 -0.50 -12.40 18.00
N VAL A 128 0.34 -11.38 17.85
CA VAL A 128 -0.10 -10.11 17.28
C VAL A 128 -0.38 -10.27 15.78
N GLU A 129 0.57 -10.83 15.05
CA GLU A 129 0.37 -11.09 13.63
C GLU A 129 -0.92 -11.87 13.40
N THR A 130 -1.17 -12.87 14.23
CA THR A 130 -2.38 -13.68 14.13
C THR A 130 -3.63 -12.85 14.40
N ALA A 131 -3.59 -11.98 15.42
CA ALA A 131 -4.74 -11.15 15.73
C ALA A 131 -5.09 -10.22 14.58
N LEU A 132 -4.09 -9.71 13.87
CA LEU A 132 -4.35 -8.77 12.76
C LEU A 132 -5.01 -9.48 11.58
N LYS A 133 -4.44 -10.59 11.12
CA LYS A 133 -4.97 -11.30 9.97
C LYS A 133 -6.34 -11.92 10.26
N MET A 134 -6.54 -12.43 11.47
CA MET A 134 -7.82 -13.05 11.81
C MET A 134 -8.90 -12.02 12.06
N ALA A 135 -8.53 -10.83 12.54
CA ALA A 135 -9.48 -9.72 12.60
C ALA A 135 -9.99 -9.39 11.20
N ARG A 136 -9.09 -9.39 10.21
CA ARG A 136 -9.50 -9.23 8.81
C ARG A 136 -10.47 -10.32 8.39
N GLN A 137 -10.20 -11.57 8.80
CA GLN A 137 -11.08 -12.68 8.40
C GLN A 137 -12.46 -12.57 9.04
N TYR A 138 -12.52 -12.18 10.31
CA TYR A 138 -13.80 -12.00 11.00
C TYR A 138 -14.74 -11.11 10.19
N TRP A 139 -14.25 -9.95 9.74
CA TRP A 139 -15.10 -9.02 9.01
C TRP A 139 -15.52 -9.58 7.66
N ILE A 140 -14.61 -10.29 6.98
CA ILE A 140 -14.98 -10.91 5.70
C ILE A 140 -16.08 -11.95 5.90
N ALA A 141 -15.96 -12.78 6.94
CA ALA A 141 -17.01 -13.74 7.23
C ALA A 141 -18.30 -13.06 7.64
N SER A 142 -18.22 -11.89 8.26
CA SER A 142 -19.42 -11.15 8.62
C SER A 142 -19.97 -10.34 7.46
N GLY A 143 -19.39 -10.48 6.27
CA GLY A 143 -19.91 -9.77 5.11
C GLY A 143 -19.56 -8.32 5.03
N GLU A 144 -18.42 -7.93 5.61
CA GLU A 144 -18.02 -6.52 5.69
C GLU A 144 -16.55 -6.38 5.32
N PRO A 145 -16.18 -6.70 4.07
CA PRO A 145 -14.77 -6.63 3.68
C PRO A 145 -14.22 -5.23 3.59
N GLY A 146 -15.02 -4.19 3.75
CA GLY A 146 -14.51 -2.84 3.84
C GLY A 146 -13.77 -2.54 5.13
N ARG A 147 -13.91 -3.40 6.14
CA ARG A 147 -13.30 -3.24 7.47
C ARG A 147 -11.87 -3.75 7.43
N THR A 148 -10.90 -2.85 7.17
CA THR A 148 -9.53 -3.27 6.92
C THR A 148 -8.46 -2.54 7.76
N ARG A 149 -8.75 -1.32 8.18
CA ARG A 149 -7.75 -0.50 8.84
C ARG A 149 -7.59 -0.88 10.31
N PHE A 150 -6.43 -0.54 10.87
CA PHE A 150 -6.08 -0.85 12.25
C PHE A 150 -5.69 0.44 12.98
N LEU A 151 -6.10 0.58 14.23
CA LEU A 151 -5.66 1.67 15.09
C LEU A 151 -4.73 1.15 16.17
N SER A 152 -3.74 1.97 16.55
CA SER A 152 -2.88 1.64 17.68
C SER A 152 -2.40 2.95 18.29
N LEU A 153 -1.65 2.83 19.38
CA LEU A 153 -1.26 3.95 20.22
C LEU A 153 0.23 4.25 20.05
N ARG A 154 0.58 5.52 20.23
CA ARG A 154 1.97 5.91 20.28
C ARG A 154 2.67 5.16 21.39
N ASN A 155 3.95 4.84 21.15
CA ASN A 155 4.79 4.10 22.08
C ASN A 155 4.30 2.67 22.29
N GLY A 156 3.28 2.27 21.54
CA GLY A 156 2.83 0.90 21.62
C GLY A 156 3.81 -0.03 20.92
N TYR A 157 3.98 -1.22 21.48
CA TYR A 157 4.89 -2.20 20.91
C TYR A 157 4.16 -3.53 20.78
N HIS A 158 4.19 -4.10 19.57
CA HIS A 158 3.42 -5.29 19.26
C HIS A 158 4.23 -6.29 18.45
N GLY A 159 5.54 -6.34 18.66
CA GLY A 159 6.39 -7.29 17.97
C GLY A 159 6.96 -6.79 16.65
N VAL A 160 7.63 -7.70 15.95
CA VAL A 160 8.46 -7.31 14.81
C VAL A 160 8.20 -8.13 13.55
N HIS A 161 7.11 -8.90 13.52
CA HIS A 161 6.62 -9.33 12.22
C HIS A 161 6.06 -8.10 11.50
N MET A 162 5.90 -8.19 10.18
CA MET A 162 5.62 -6.99 9.43
C MET A 162 4.28 -6.35 9.82
N GLY A 163 3.25 -7.16 10.02
CA GLY A 163 1.99 -6.65 10.53
C GLY A 163 2.16 -5.93 11.85
N GLY A 164 2.73 -6.62 12.84
CA GLY A 164 2.94 -6.01 14.13
C GLY A 164 3.88 -4.82 14.09
N THR A 165 4.91 -4.88 13.24
CA THR A 165 5.77 -3.71 13.06
C THR A 165 4.98 -2.53 12.53
N SER A 166 4.01 -2.78 11.64
CA SER A 166 3.26 -1.69 11.02
C SER A 166 2.42 -0.92 12.04
N VAL A 167 1.96 -1.58 13.11
CA VAL A 167 1.13 -0.92 14.11
C VAL A 167 1.92 -0.46 15.32
N GLY A 168 3.24 -0.62 15.32
CA GLY A 168 4.05 -0.17 16.45
C GLY A 168 4.16 1.35 16.46
N GLY A 169 4.14 1.92 17.66
CA GLY A 169 4.13 3.35 17.85
C GLY A 169 5.47 3.98 18.15
N ASN A 170 6.58 3.25 17.97
CA ASN A 170 7.93 3.77 18.19
C ASN A 170 8.68 3.68 16.87
N GLY A 171 9.20 4.82 16.41
CA GLY A 171 9.89 4.87 15.13
C GLY A 171 11.14 4.01 15.04
N VAL A 172 11.85 3.81 16.15
CA VAL A 172 13.13 3.11 16.11
C VAL A 172 12.99 1.73 15.47
N TYR A 173 11.83 1.09 15.60
CA TYR A 173 11.57 -0.22 15.00
C TYR A 173 11.16 -0.15 13.53
N HIS A 174 10.88 1.04 13.01
CA HIS A 174 10.43 1.26 11.64
C HIS A 174 11.55 1.64 10.69
N TYR A 175 12.51 2.44 11.15
CA TYR A 175 13.35 3.23 10.24
C TYR A 175 14.04 2.38 9.19
N ASN A 176 14.50 1.17 9.56
CA ASN A 176 15.39 0.39 8.72
C ASN A 176 14.65 -0.64 7.83
N HIS A 177 13.34 -0.50 7.64
CA HIS A 177 12.60 -1.56 6.95
C HIS A 177 11.60 -1.11 5.89
N GLY A 178 11.51 0.19 5.58
CA GLY A 178 10.64 0.67 4.51
C GLY A 178 9.15 0.66 4.81
N GLN A 179 8.36 0.77 3.74
CA GLN A 179 6.91 0.83 3.84
C GLN A 179 6.37 -0.56 4.13
N LEU A 180 5.56 -0.66 5.16
CA LEU A 180 4.94 -1.93 5.49
C LEU A 180 3.43 -1.83 5.26
N LEU A 181 2.61 -2.34 6.16
CA LEU A 181 1.19 -2.39 5.91
C LEU A 181 0.59 -0.98 5.86
N ALA A 182 -0.23 -0.73 4.86
CA ALA A 182 -0.94 0.54 4.71
C ALA A 182 -2.16 0.57 5.61
N GLY A 183 -2.71 1.77 5.78
CA GLY A 183 -3.96 1.91 6.52
C GLY A 183 -3.86 1.67 8.00
N CYS A 184 -2.69 1.91 8.59
CA CYS A 184 -2.49 1.79 10.03
C CYS A 184 -2.34 3.17 10.63
N HIS A 185 -3.10 3.46 11.69
CA HIS A 185 -3.21 4.82 12.20
C HIS A 185 -2.93 4.89 13.69
N LEU A 186 -2.13 5.88 14.09
CA LEU A 186 -1.70 6.01 15.48
C LEU A 186 -2.54 7.02 16.23
N LEU A 187 -2.80 6.71 17.50
CA LEU A 187 -3.46 7.60 18.43
C LEU A 187 -2.46 7.98 19.52
N ASP A 188 -2.66 9.13 20.14
CA ASP A 188 -1.78 9.52 21.24
C ASP A 188 -2.00 8.61 22.44
N THR A 189 -1.00 8.46 23.21
CA THR A 189 -1.22 7.58 24.35
C THR A 189 -1.52 8.41 25.60
N PRO A 190 -2.39 7.93 26.50
CA PRO A 190 -2.67 8.70 27.73
C PRO A 190 -1.52 8.63 28.72
N TRP A 191 -0.47 9.41 28.41
CA TRP A 191 0.81 9.41 29.12
C TRP A 191 0.90 10.72 29.89
N LEU A 192 0.85 10.64 31.22
CA LEU A 192 0.81 11.86 32.03
C LEU A 192 2.13 12.61 31.97
N TYR A 193 3.25 11.90 31.89
CA TYR A 193 4.55 12.57 31.94
C TYR A 193 4.82 13.36 30.66
N ARG A 194 4.42 12.84 29.49
CA ARG A 194 4.63 13.51 28.21
C ARG A 194 3.39 13.32 27.34
N ASN A 195 2.67 14.40 27.03
CA ASN A 195 1.50 14.32 26.16
C ASN A 195 1.30 15.67 25.49
N PRO A 196 0.61 15.70 24.35
CA PRO A 196 0.45 16.97 23.59
C PRO A 196 -0.23 18.10 24.35
N TRP A 197 -0.97 17.83 25.42
CA TRP A 197 -1.70 18.87 26.14
C TRP A 197 -0.96 19.34 27.40
N ASP A 198 0.23 18.81 27.65
CA ASP A 198 0.93 18.97 28.92
C ASP A 198 -0.02 18.79 30.11
N CYS A 199 -0.92 17.82 29.99
CA CYS A 199 -1.99 17.60 30.95
C CYS A 199 -1.55 16.58 31.99
N ARG A 200 -1.52 17.00 33.26
CA ARG A 200 -1.09 16.11 34.34
C ARG A 200 -2.26 15.62 35.19
N ASP A 201 -3.48 15.72 34.67
CA ASP A 201 -4.67 15.29 35.39
C ASP A 201 -5.28 14.10 34.66
N PRO A 202 -5.44 12.95 35.33
CA PRO A 202 -5.83 11.72 34.62
C PRO A 202 -7.18 11.79 33.92
N GLN A 203 -8.23 12.29 34.58
CA GLN A 203 -9.54 12.34 33.93
C GLN A 203 -9.51 13.28 32.73
N ALA A 204 -8.85 14.43 32.85
CA ALA A 204 -8.76 15.34 31.72
C ALA A 204 -7.93 14.74 30.59
N LEU A 205 -6.92 13.93 30.93
CA LEU A 205 -6.06 13.33 29.90
C LEU A 205 -6.78 12.21 29.17
N THR A 206 -7.52 11.37 29.90
CA THR A 206 -8.35 10.37 29.24
C THR A 206 -9.33 11.00 28.28
N ALA A 207 -9.98 12.10 28.70
CA ALA A 207 -10.99 12.76 27.88
C ALA A 207 -10.40 13.33 26.59
N HIS A 208 -9.22 13.95 26.67
CA HIS A 208 -8.52 14.41 25.49
C HIS A 208 -8.28 13.26 24.51
N CYS A 209 -7.81 12.12 25.04
CA CYS A 209 -7.44 11.01 24.17
C CYS A 209 -8.66 10.39 23.51
N ILE A 210 -9.73 10.19 24.27
CA ILE A 210 -10.97 9.62 23.73
C ILE A 210 -11.57 10.53 22.66
N ARG A 211 -11.60 11.83 22.93
CA ARG A 211 -12.11 12.76 21.92
C ARG A 211 -11.29 12.68 20.63
N GLN A 212 -9.96 12.58 20.76
CA GLN A 212 -9.11 12.36 19.60
C GLN A 212 -9.48 11.07 18.89
N LEU A 213 -9.79 10.02 19.65
CA LEU A 213 -10.15 8.74 19.05
C LEU A 213 -11.45 8.82 18.25
N GLU A 214 -12.48 9.48 18.82
CA GLU A 214 -13.73 9.65 18.07
C GLU A 214 -13.52 10.43 16.78
N GLU A 215 -12.71 11.48 16.85
CA GLU A 215 -12.48 12.30 15.67
C GLU A 215 -11.78 11.50 14.58
N GLN A 216 -10.80 10.68 14.95
CA GLN A 216 -10.10 9.84 13.98
C GLN A 216 -11.05 8.82 13.36
N ILE A 217 -11.93 8.24 14.17
CA ILE A 217 -12.89 7.24 13.67
C ILE A 217 -13.83 7.88 12.66
N ALA A 218 -14.34 9.07 12.98
CA ALA A 218 -15.22 9.80 12.07
C ALA A 218 -14.50 10.13 10.76
N LEU A 219 -13.26 10.59 10.85
CA LEU A 219 -12.52 10.98 9.65
C LEU A 219 -12.36 9.82 8.68
N LEU A 220 -12.01 8.64 9.20
CA LEU A 220 -11.76 7.48 8.37
C LEU A 220 -13.04 6.79 7.94
N GLY A 221 -14.10 6.91 8.74
CA GLY A 221 -15.28 6.12 8.50
C GLY A 221 -15.15 4.81 9.25
N ALA A 222 -15.99 4.62 10.27
CA ALA A 222 -15.93 3.41 11.07
C ALA A 222 -16.02 2.15 10.21
N GLN A 223 -16.74 2.22 9.09
CA GLN A 223 -16.91 1.06 8.23
C GLN A 223 -15.61 0.58 7.57
N THR A 224 -14.50 1.31 7.72
CA THR A 224 -13.23 0.85 7.17
C THR A 224 -12.27 0.28 8.22
N ILE A 225 -12.66 0.24 9.50
CA ILE A 225 -11.74 -0.04 10.59
C ILE A 225 -12.01 -1.42 11.14
N ALA A 226 -10.98 -2.28 11.12
CA ALA A 226 -11.12 -3.66 11.57
C ALA A 226 -10.94 -3.79 13.08
N ALA A 227 -9.88 -3.18 13.64
CA ALA A 227 -9.61 -3.38 15.04
C ALA A 227 -8.74 -2.25 15.58
N LEU A 228 -8.80 -2.09 16.90
CA LEU A 228 -7.89 -1.26 17.68
C LEU A 228 -7.09 -2.17 18.60
N ILE A 229 -5.77 -2.00 18.62
CA ILE A 229 -4.89 -2.81 19.44
C ILE A 229 -4.17 -1.92 20.44
N ALA A 230 -4.10 -2.39 21.69
CA ALA A 230 -3.51 -1.58 22.74
C ALA A 230 -3.05 -2.49 23.87
N GLU A 231 -1.95 -2.10 24.51
CA GLU A 231 -1.44 -2.80 25.69
C GLU A 231 -2.10 -2.20 26.92
N PRO A 232 -2.60 -3.02 27.86
CA PRO A 232 -3.19 -2.43 29.06
C PRO A 232 -2.20 -1.62 29.88
N VAL A 233 -0.93 -2.03 29.93
CA VAL A 233 0.16 -1.15 30.35
C VAL A 233 1.23 -1.25 29.27
N GLN A 234 1.61 -0.12 28.71
CA GLN A 234 2.57 -0.13 27.61
C GLN A 234 3.94 -0.43 28.17
N GLY A 235 4.53 -1.55 27.74
CA GLY A 235 5.75 -2.01 28.33
C GLY A 235 6.99 -1.41 27.73
N ALA A 236 7.40 -1.94 26.57
CA ALA A 236 8.65 -1.52 25.96
C ALA A 236 8.65 -0.04 25.61
N GLY A 237 7.48 0.57 25.47
CA GLY A 237 7.39 2.00 25.24
C GLY A 237 7.72 2.87 26.44
N GLY A 238 7.87 2.25 27.63
CA GLY A 238 8.34 2.95 28.81
C GLY A 238 7.52 2.79 30.08
N VAL A 239 6.80 1.67 30.21
CA VAL A 239 5.89 1.41 31.33
C VAL A 239 4.94 2.58 31.51
N ILE A 240 4.10 2.81 30.51
CA ILE A 240 3.10 3.87 30.58
C ILE A 240 1.82 3.26 31.11
N VAL A 241 1.44 3.67 32.32
CA VAL A 241 0.22 3.19 32.96
C VAL A 241 -0.89 4.18 32.60
N PRO A 242 -1.90 3.76 31.82
CA PRO A 242 -2.97 4.67 31.47
C PRO A 242 -3.81 5.00 32.69
N PRO A 243 -4.53 6.13 32.67
CA PRO A 243 -5.51 6.40 33.73
C PRO A 243 -6.58 5.32 33.79
N ALA A 244 -7.21 5.21 34.97
CA ALA A 244 -8.09 4.09 35.25
C ALA A 244 -9.33 4.08 34.37
N ASP A 245 -9.82 5.25 33.96
CA ASP A 245 -11.00 5.32 33.12
C ASP A 245 -10.69 5.23 31.62
N TYR A 246 -9.42 5.15 31.23
CA TYR A 246 -9.09 5.13 29.80
C TYR A 246 -9.58 3.87 29.11
N TRP A 247 -9.20 2.70 29.62
CA TRP A 247 -9.58 1.45 28.95
C TRP A 247 -11.08 1.21 28.96
N PRO A 248 -11.81 1.51 30.05
CA PRO A 248 -13.28 1.44 29.96
C PRO A 248 -13.88 2.34 28.89
N ARG A 249 -13.35 3.55 28.71
CA ARG A 249 -13.87 4.43 27.65
C ARG A 249 -13.33 4.03 26.28
N LEU A 250 -12.25 3.25 26.24
CA LEU A 250 -11.82 2.62 24.99
C LEU A 250 -12.84 1.59 24.56
N ARG A 251 -13.21 0.67 25.46
CA ARG A 251 -14.24 -0.34 25.20
C ARG A 251 -15.53 0.28 24.70
N GLU A 252 -15.95 1.38 25.33
CA GLU A 252 -17.22 2.00 24.96
C GLU A 252 -17.17 2.56 23.54
N VAL A 253 -16.08 3.25 23.20
CA VAL A 253 -15.98 3.87 21.90
C VAL A 253 -15.94 2.82 20.79
N CYS A 254 -15.19 1.73 21.01
CA CYS A 254 -15.16 0.65 20.04
C CYS A 254 -16.54 0.04 19.84
N ASP A 255 -17.33 -0.04 20.93
CA ASP A 255 -18.67 -0.61 20.83
C ASP A 255 -19.60 0.26 19.98
N ARG A 256 -19.46 1.58 20.08
CA ARG A 256 -20.24 2.50 19.25
C ARG A 256 -20.12 2.17 17.77
N HIS A 257 -18.98 1.62 17.36
CA HIS A 257 -18.69 1.41 15.95
C HIS A 257 -18.42 -0.05 15.60
N GLY A 258 -18.65 -0.96 16.53
CA GLY A 258 -18.41 -2.38 16.32
C GLY A 258 -16.96 -2.76 16.13
N ILE A 259 -16.03 -1.84 16.42
CA ILE A 259 -14.61 -2.09 16.19
C ILE A 259 -14.12 -3.10 17.20
N LEU A 260 -13.32 -4.06 16.74
CA LEU A 260 -12.78 -5.07 17.63
C LEU A 260 -11.66 -4.48 18.48
N LEU A 261 -11.68 -4.80 19.77
CA LEU A 261 -10.67 -4.32 20.71
C LEU A 261 -9.72 -5.47 21.02
N ILE A 262 -8.48 -5.33 20.59
CA ILE A 262 -7.42 -6.30 20.82
C ILE A 262 -6.58 -5.86 22.00
N ALA A 263 -6.56 -6.66 23.06
CA ALA A 263 -5.68 -6.42 24.18
C ALA A 263 -4.38 -7.17 23.93
N ASP A 264 -3.28 -6.43 23.84
CA ASP A 264 -1.96 -7.05 23.77
C ASP A 264 -1.54 -7.35 25.20
N GLU A 265 -1.72 -8.60 25.60
CA GLU A 265 -1.42 -9.03 26.96
C GLU A 265 -0.12 -9.82 27.03
N VAL A 266 0.75 -9.67 26.03
CA VAL A 266 1.99 -10.45 25.99
C VAL A 266 2.80 -10.21 27.27
N VAL A 267 2.88 -8.97 27.72
CA VAL A 267 3.62 -8.63 28.94
C VAL A 267 2.73 -8.70 30.18
N THR A 268 1.52 -8.10 30.09
CA THR A 268 0.59 -8.04 31.22
C THR A 268 -0.13 -9.36 31.49
N GLY A 269 -0.12 -10.29 30.54
CA GLY A 269 -0.75 -11.56 30.74
C GLY A 269 -0.17 -12.34 31.90
N PHE A 270 -1.05 -12.82 32.77
CA PHE A 270 -0.76 -13.73 33.86
C PHE A 270 -0.08 -13.07 35.06
N GLY A 271 -0.27 -11.76 35.27
CA GLY A 271 -0.06 -11.23 36.60
C GLY A 271 0.84 -10.03 36.83
N ARG A 272 1.66 -9.63 35.84
CA ARG A 272 2.70 -8.65 36.11
C ARG A 272 2.15 -7.34 36.69
N SER A 273 0.96 -6.94 36.25
CA SER A 273 0.39 -5.65 36.65
C SER A 273 -0.59 -5.76 37.80
N GLY A 274 -0.73 -6.92 38.41
CA GLY A 274 -1.61 -7.09 39.56
C GLY A 274 -2.87 -7.86 39.27
N CYS A 275 -3.04 -8.38 38.06
CA CYS A 275 -4.27 -9.06 37.68
C CYS A 275 -3.91 -10.10 36.63
N MET A 276 -4.73 -11.15 36.52
CA MET A 276 -4.47 -12.20 35.53
C MET A 276 -4.47 -11.65 34.12
N LEU A 277 -5.22 -10.59 33.87
CA LEU A 277 -5.14 -9.80 32.65
C LEU A 277 -5.07 -8.33 33.01
N GLY A 278 -4.29 -7.59 32.22
CA GLY A 278 -4.30 -6.14 32.34
C GLY A 278 -5.66 -5.54 32.00
N SER A 279 -6.32 -6.10 30.98
CA SER A 279 -7.64 -5.61 30.58
C SER A 279 -8.68 -5.88 31.66
N ARG A 280 -8.65 -7.09 32.23
CA ARG A 280 -9.50 -7.40 33.37
C ARG A 280 -9.22 -6.48 34.54
N GLY A 281 -7.95 -6.14 34.77
CA GLY A 281 -7.62 -5.28 35.90
C GLY A 281 -8.22 -3.90 35.79
N TRP A 282 -8.47 -3.44 34.57
CA TRP A 282 -9.19 -2.20 34.28
C TRP A 282 -10.70 -2.40 34.17
N GLY A 283 -11.19 -3.63 34.38
CA GLY A 283 -12.61 -3.91 34.32
C GLY A 283 -13.17 -4.02 32.91
N VAL A 284 -12.38 -4.50 31.97
CA VAL A 284 -12.72 -4.45 30.55
C VAL A 284 -12.53 -5.84 29.93
N ALA A 285 -13.50 -6.24 29.11
CA ALA A 285 -13.42 -7.44 28.30
C ALA A 285 -13.11 -7.05 26.86
N PRO A 286 -11.90 -7.28 26.36
CA PRO A 286 -11.62 -7.03 24.95
C PRO A 286 -12.17 -8.15 24.09
N ASP A 287 -12.10 -7.94 22.76
CA ASP A 287 -12.57 -8.97 21.84
C ASP A 287 -11.53 -10.05 21.60
N ILE A 288 -10.24 -9.70 21.65
CA ILE A 288 -9.14 -10.61 21.36
C ILE A 288 -8.04 -10.42 22.40
N LEU A 289 -7.42 -11.53 22.82
CA LEU A 289 -6.25 -11.52 23.71
C LEU A 289 -5.04 -12.06 22.97
N CYS A 290 -3.91 -11.36 23.10
CA CYS A 290 -2.60 -11.81 22.62
C CYS A 290 -1.69 -12.14 23.81
N LEU A 291 -1.19 -13.37 23.86
CA LEU A 291 -0.40 -13.86 24.98
C LEU A 291 0.89 -14.54 24.53
N ALA A 292 1.92 -14.40 25.37
CA ALA A 292 3.19 -15.11 25.19
C ALA A 292 4.00 -15.01 26.47
N LYS A 293 5.32 -15.02 26.35
CA LYS A 293 6.26 -14.77 27.44
C LYS A 293 5.98 -15.64 28.67
N GLY A 294 5.39 -15.04 29.71
CA GLY A 294 5.14 -15.75 30.95
C GLY A 294 4.25 -16.96 30.84
N ILE A 295 3.54 -17.10 29.71
CA ILE A 295 2.61 -18.23 29.55
C ILE A 295 3.34 -19.57 29.74
N THR A 296 4.60 -19.64 29.32
CA THR A 296 5.46 -20.77 29.63
C THR A 296 6.61 -20.36 30.54
N ALA A 297 6.55 -19.15 31.09
CA ALA A 297 7.61 -18.62 31.94
C ALA A 297 8.94 -18.65 31.21
N GLY A 298 8.89 -18.53 29.89
CA GLY A 298 10.06 -18.55 29.03
C GLY A 298 10.67 -19.91 28.81
N TYR A 299 10.16 -20.96 29.45
CA TYR A 299 10.87 -22.25 29.40
C TYR A 299 10.84 -22.83 27.99
N ILE A 300 9.73 -22.66 27.29
CA ILE A 300 9.57 -23.16 25.92
C ILE A 300 8.82 -22.07 25.15
N PRO A 301 9.21 -21.75 23.92
CA PRO A 301 8.49 -20.73 23.16
C PRO A 301 7.03 -21.13 22.95
N LEU A 302 6.12 -20.26 23.39
CA LEU A 302 4.71 -20.47 23.12
C LEU A 302 4.01 -19.12 23.06
N GLY A 303 3.11 -18.99 22.08
CA GLY A 303 2.25 -17.84 22.00
C GLY A 303 0.82 -18.32 21.80
N ALA A 304 -0.13 -17.43 22.09
CA ALA A 304 -1.53 -17.76 21.91
C ALA A 304 -2.35 -16.51 21.62
N THR A 305 -3.31 -16.65 20.71
CA THR A 305 -4.32 -15.64 20.45
C THR A 305 -5.68 -16.24 20.74
N LEU A 306 -6.43 -15.62 21.66
CA LEU A 306 -7.76 -16.08 22.01
C LEU A 306 -8.79 -15.17 21.38
N PHE A 307 -9.91 -15.76 20.96
CA PHE A 307 -11.00 -15.05 20.30
C PHE A 307 -12.29 -15.31 21.05
N ASN A 308 -13.11 -14.27 21.20
CA ASN A 308 -14.33 -14.44 21.95
C ASN A 308 -15.41 -15.11 21.10
N GLN A 309 -16.54 -15.42 21.74
CA GLN A 309 -17.64 -16.13 21.08
C GLN A 309 -18.15 -15.34 19.88
N ARG A 310 -18.29 -14.03 20.02
CA ARG A 310 -18.69 -13.17 18.91
C ARG A 310 -17.89 -13.47 17.65
N ILE A 311 -16.57 -13.34 17.73
CA ILE A 311 -15.68 -13.58 16.60
C ILE A 311 -15.72 -15.04 16.16
N ALA A 312 -15.67 -15.96 17.13
CA ALA A 312 -15.63 -17.38 16.80
C ALA A 312 -16.88 -17.80 16.00
N ASP A 313 -18.04 -17.35 16.44
CA ASP A 313 -19.31 -17.70 15.79
C ASP A 313 -19.36 -17.20 14.35
N ALA A 314 -18.87 -15.98 14.12
CA ALA A 314 -18.91 -15.41 12.77
C ALA A 314 -18.02 -16.19 11.81
N ILE A 315 -16.83 -16.54 12.26
CA ILE A 315 -15.88 -17.23 11.39
C ILE A 315 -16.34 -18.66 11.13
N GLU A 316 -16.77 -19.37 12.19
CA GLU A 316 -17.23 -20.74 12.02
C GLU A 316 -18.55 -20.82 11.25
N ASN A 317 -19.36 -19.77 11.24
CA ASN A 317 -20.56 -19.73 10.39
C ASN A 317 -20.33 -18.95 9.10
N GLY A 318 -19.09 -18.59 8.79
CA GLY A 318 -18.85 -17.82 7.59
C GLY A 318 -19.21 -18.61 6.34
N GLN A 319 -19.69 -17.89 5.34
CA GLN A 319 -20.15 -18.52 4.12
C GLN A 319 -18.97 -18.81 3.19
N GLY A 320 -19.07 -19.93 2.48
CA GLY A 320 -18.08 -20.25 1.47
C GLY A 320 -16.67 -20.35 2.03
N PHE A 321 -15.73 -19.70 1.35
CA PHE A 321 -14.35 -19.82 1.79
C PHE A 321 -14.09 -19.07 3.09
N SER A 322 -14.99 -18.19 3.51
CA SER A 322 -14.73 -17.36 4.69
C SER A 322 -14.68 -18.15 5.98
N HIS A 323 -15.11 -19.42 5.99
CA HIS A 323 -14.93 -20.27 7.17
C HIS A 323 -13.67 -21.12 7.08
N MET A 324 -12.87 -20.95 6.01
CA MET A 324 -11.57 -21.59 5.89
C MET A 324 -10.51 -20.78 6.64
N ILE A 325 -9.89 -21.40 7.64
CA ILE A 325 -8.86 -20.73 8.43
C ILE A 325 -7.51 -21.21 7.89
N MET A 326 -6.95 -20.43 6.97
N MET A 326 -6.94 -20.44 6.97
CA MET A 326 -5.69 -20.79 6.30
CA MET A 326 -5.70 -20.82 6.31
C MET A 326 -4.49 -20.14 6.96
C MET A 326 -4.49 -20.15 6.95
N HIS A 327 -4.51 -20.03 8.28
CA HIS A 327 -3.43 -19.37 9.02
C HIS A 327 -3.01 -20.25 10.20
N GLY A 328 -1.71 -20.39 10.38
CA GLY A 328 -1.19 -21.18 11.48
C GLY A 328 0.21 -21.67 11.20
N TYR A 329 0.77 -22.35 12.20
CA TYR A 329 2.20 -22.61 12.24
C TYR A 329 2.49 -24.08 12.47
N THR A 330 3.61 -24.53 11.88
CA THR A 330 4.10 -25.88 12.12
C THR A 330 4.11 -26.19 13.60
N TYR A 331 4.49 -25.22 14.42
CA TYR A 331 4.59 -25.44 15.85
C TYR A 331 3.41 -24.88 16.65
N SER A 332 2.33 -24.47 15.98
CA SER A 332 1.09 -24.19 16.69
C SER A 332 0.66 -25.41 17.49
N GLY A 333 0.48 -25.22 18.80
CA GLY A 333 0.03 -26.29 19.67
C GLY A 333 1.10 -27.28 20.06
N HIS A 334 2.37 -26.90 19.99
CA HIS A 334 3.50 -27.78 20.25
C HIS A 334 3.30 -28.54 21.57
N PRO A 335 3.34 -29.88 21.54
CA PRO A 335 3.01 -30.63 22.76
C PRO A 335 3.92 -30.31 23.91
N THR A 336 5.24 -30.21 23.68
CA THR A 336 6.12 -29.89 24.79
C THR A 336 5.81 -28.49 25.33
N ALA A 337 5.55 -27.53 24.43
CA ALA A 337 5.22 -26.18 24.86
C ALA A 337 3.95 -26.16 25.70
N CYS A 338 2.92 -26.87 25.26
CA CYS A 338 1.68 -26.89 26.01
C CYS A 338 1.89 -27.49 27.40
N ALA A 339 2.56 -28.65 27.46
CA ALA A 339 2.85 -29.33 28.72
C ALA A 339 3.53 -28.39 29.72
N ALA A 340 4.57 -27.67 29.26
CA ALA A 340 5.23 -26.71 30.12
C ALA A 340 4.29 -25.59 30.54
N ALA A 341 3.45 -25.12 29.61
CA ALA A 341 2.48 -24.07 29.93
C ALA A 341 1.56 -24.48 31.07
N LEU A 342 1.03 -25.71 31.02
CA LEU A 342 0.11 -26.17 32.05
C LEU A 342 0.76 -26.14 33.43
N ALA A 343 2.02 -26.55 33.51
CA ALA A 343 2.72 -26.51 34.79
C ALA A 343 2.94 -25.08 35.25
N VAL A 344 3.19 -24.18 34.30
CA VAL A 344 3.45 -22.78 34.66
C VAL A 344 2.18 -22.13 35.19
N LEU A 345 1.04 -22.38 34.54
CA LEU A 345 -0.21 -21.78 35.01
C LEU A 345 -0.58 -22.26 36.40
N ASP A 346 -0.29 -23.52 36.70
CA ASP A 346 -0.56 -24.06 38.03
C ASP A 346 0.18 -23.26 39.10
N ILE A 347 1.47 -22.99 38.88
CA ILE A 347 2.25 -22.21 39.84
C ILE A 347 1.67 -20.80 39.98
N VAL A 348 1.27 -20.19 38.86
CA VAL A 348 0.77 -18.81 38.88
C VAL A 348 -0.46 -18.71 39.79
N GLU A 349 -1.38 -19.65 39.64
CA GLU A 349 -2.61 -19.61 40.43
C GLU A 349 -2.38 -20.09 41.85
N ALA A 350 -1.55 -21.12 42.03
CA ALA A 350 -1.32 -21.65 43.37
C ALA A 350 -0.62 -20.63 44.27
N GLU A 351 0.35 -19.90 43.72
CA GLU A 351 1.16 -18.97 44.51
C GLU A 351 0.67 -17.53 44.43
N ASP A 352 -0.53 -17.30 43.91
CA ASP A 352 -1.08 -15.96 43.65
C ASP A 352 -0.02 -14.96 43.19
N LEU A 353 0.59 -15.27 42.05
CA LEU A 353 1.63 -14.39 41.52
C LEU A 353 1.03 -13.04 41.09
N PRO A 354 -0.22 -12.97 40.61
CA PRO A 354 -0.82 -11.65 40.42
C PRO A 354 -0.93 -10.88 41.72
N GLY A 355 -1.24 -11.58 42.82
CA GLY A 355 -1.32 -10.92 44.12
C GLY A 355 0.04 -10.48 44.65
N ASN A 356 1.06 -11.32 44.47
CA ASN A 356 2.41 -10.92 44.90
C ASN A 356 2.92 -9.72 44.12
N ALA A 357 2.61 -9.65 42.82
CA ALA A 357 3.04 -8.54 41.98
C ALA A 357 2.41 -7.23 42.44
N ALA A 358 1.10 -7.25 42.72
CA ALA A 358 0.42 -6.05 43.20
C ALA A 358 1.00 -5.56 44.53
N LYS A 359 1.39 -6.49 45.41
CA LYS A 359 1.81 -6.13 46.75
C LYS A 359 3.26 -5.65 46.78
N VAL A 360 4.18 -6.47 46.28
CA VAL A 360 5.59 -6.13 46.34
C VAL A 360 5.94 -5.03 45.35
N GLY A 361 5.26 -4.99 44.20
CA GLY A 361 5.46 -3.91 43.25
C GLY A 361 5.17 -2.53 43.83
N ALA A 362 4.02 -2.41 44.51
CA ALA A 362 3.70 -1.14 45.19
C ALA A 362 4.78 -0.78 46.20
N GLN A 363 5.13 -1.71 47.08
CA GLN A 363 6.23 -1.51 48.01
C GLN A 363 7.48 -1.04 47.27
N LEU A 364 7.85 -1.72 46.18
CA LEU A 364 9.04 -1.36 45.44
C LEU A 364 8.92 0.05 44.85
N LEU A 365 7.77 0.36 44.24
CA LEU A 365 7.54 1.68 43.67
C LEU A 365 7.63 2.78 44.72
N GLU A 366 7.04 2.52 45.89
CA GLU A 366 7.13 3.45 47.01
C GLU A 366 8.57 3.76 47.37
N GLN A 367 9.40 2.72 47.46
CA GLN A 367 10.79 2.88 47.87
C GLN A 367 11.63 3.62 46.83
N LEU A 368 11.17 3.70 45.58
CA LEU A 368 11.92 4.36 44.51
C LEU A 368 11.61 5.84 44.38
N GLN A 369 10.53 6.31 44.99
CA GLN A 369 10.16 7.72 44.86
C GLN A 369 11.21 8.70 45.38
N PRO A 370 11.89 8.46 46.51
CA PRO A 370 12.94 9.40 46.94
C PRO A 370 14.05 9.62 45.93
N LEU A 371 14.26 8.70 44.99
CA LEU A 371 15.26 8.90 43.94
C LEU A 371 14.93 10.13 43.12
N VAL A 372 13.64 10.42 42.92
CA VAL A 372 13.23 11.56 42.11
C VAL A 372 13.79 12.86 42.68
N GLU A 373 13.64 13.06 43.99
CA GLU A 373 14.17 14.28 44.61
C GLU A 373 15.68 14.25 44.72
N ARG A 374 16.27 13.09 45.01
CA ARG A 374 17.71 13.02 45.26
C ARG A 374 18.53 13.34 44.01
N TYR A 375 18.07 12.88 42.84
CA TYR A 375 18.87 12.88 41.63
C TYR A 375 18.17 13.69 40.54
N ALA A 376 18.82 14.75 40.07
CA ALA A 376 18.24 15.59 39.02
C ALA A 376 17.87 14.78 37.78
N VAL A 377 18.71 13.79 37.42
CA VAL A 377 18.48 13.06 36.18
C VAL A 377 17.23 12.19 36.25
N VAL A 378 16.74 11.90 37.45
CA VAL A 378 15.54 11.07 37.62
C VAL A 378 14.31 11.96 37.46
N GLY A 379 13.61 11.80 36.35
CA GLY A 379 12.42 12.59 36.09
C GLY A 379 11.20 12.14 36.87
N GLU A 380 10.81 10.89 36.71
CA GLU A 380 9.77 10.27 37.54
C GLU A 380 9.99 8.76 37.54
N VAL A 381 9.30 8.09 38.47
CA VAL A 381 9.28 6.64 38.53
C VAL A 381 7.83 6.20 38.54
N ARG A 382 7.44 5.40 37.55
CA ARG A 382 6.06 4.95 37.39
C ARG A 382 6.03 3.44 37.23
N GLY A 383 4.85 2.87 37.47
CA GLY A 383 4.71 1.43 37.40
C GLY A 383 3.36 0.98 37.86
N LYS A 384 3.10 -0.31 37.63
CA LYS A 384 1.88 -0.98 38.08
C LYS A 384 2.19 -2.47 38.17
N GLY A 385 1.99 -3.06 39.36
CA GLY A 385 2.49 -4.41 39.57
C GLY A 385 4.01 -4.42 39.50
N LEU A 386 4.58 -5.43 38.84
CA LEU A 386 6.04 -5.56 38.72
C LEU A 386 6.56 -5.16 37.35
N MET A 387 6.00 -4.13 36.75
CA MET A 387 6.62 -3.40 35.64
C MET A 387 6.76 -1.93 36.06
N ILE A 388 7.98 -1.42 36.02
CA ILE A 388 8.30 -0.08 36.49
C ILE A 388 9.32 0.52 35.53
N ALA A 389 9.23 1.83 35.32
CA ALA A 389 10.23 2.54 34.53
C ALA A 389 10.69 3.78 35.26
N LEU A 390 12.00 4.01 35.21
CA LEU A 390 12.60 5.26 35.69
C LEU A 390 12.89 6.12 34.47
N ASP A 391 12.28 7.28 34.40
CA ASP A 391 12.39 8.13 33.22
C ASP A 391 13.48 9.19 33.44
N LEU A 392 14.59 9.05 32.72
CA LEU A 392 15.72 9.94 32.88
C LEU A 392 15.60 11.08 31.87
N VAL A 393 15.74 12.31 32.37
CA VAL A 393 15.59 13.52 31.57
C VAL A 393 16.84 14.37 31.74
N SER A 394 17.06 15.25 30.76
CA SER A 394 18.10 16.26 30.88
C SER A 394 17.62 17.51 31.58
N ASP A 395 16.30 17.73 31.60
CA ASP A 395 15.72 18.95 32.14
C ASP A 395 14.42 18.58 32.84
N LYS A 396 14.32 18.91 34.13
CA LYS A 396 13.13 18.59 34.90
C LYS A 396 11.90 19.33 34.38
N ARG A 397 12.07 20.60 33.99
CA ARG A 397 10.91 21.42 33.63
C ARG A 397 10.26 20.94 32.33
N THR A 398 11.06 20.65 31.30
CA THR A 398 10.52 20.30 30.00
C THR A 398 10.37 18.81 29.77
N ARG A 399 10.87 17.98 30.71
CA ARG A 399 10.83 16.52 30.62
C ARG A 399 11.50 15.98 29.35
N GLN A 400 12.46 16.69 28.79
CA GLN A 400 13.13 16.17 27.60
C GLN A 400 13.94 14.94 27.98
N PRO A 401 13.76 13.83 27.28
CA PRO A 401 14.53 12.62 27.61
C PRO A 401 16.04 12.81 27.44
N LEU A 402 16.80 12.09 28.26
CA LEU A 402 18.22 11.90 27.99
C LEU A 402 18.40 11.30 26.61
N ASP A 403 19.47 11.69 25.93
CA ASP A 403 19.81 11.05 24.67
C ASP A 403 20.60 9.78 24.95
N PRO A 404 20.11 8.61 24.53
CA PRO A 404 20.85 7.36 24.78
C PRO A 404 22.22 7.36 24.13
N ALA A 405 22.40 8.09 23.03
CA ALA A 405 23.71 8.12 22.37
C ALA A 405 24.79 8.69 23.27
N ALA A 406 24.45 9.50 24.26
CA ALA A 406 25.43 9.94 25.24
C ALA A 406 25.87 8.80 26.16
N GLY A 407 25.06 7.74 26.26
CA GLY A 407 25.46 6.53 26.97
C GLY A 407 25.27 6.53 28.46
N GLN A 408 24.68 7.59 29.03
CA GLN A 408 24.49 7.64 30.47
C GLN A 408 23.52 6.58 31.01
N PRO A 409 22.39 6.31 30.35
CA PRO A 409 21.49 5.25 30.88
C PRO A 409 22.11 3.87 30.98
N SER A 410 22.89 3.44 29.99
CA SER A 410 23.54 2.13 30.13
C SER A 410 24.63 2.15 31.19
N ARG A 411 25.29 3.29 31.39
CA ARG A 411 26.32 3.37 32.43
C ARG A 411 25.70 3.17 33.80
N ILE A 412 24.54 3.80 34.05
CA ILE A 412 23.80 3.55 35.28
C ILE A 412 23.44 2.08 35.39
N ALA A 413 22.99 1.49 34.28
CA ALA A 413 22.65 0.07 34.28
C ALA A 413 23.85 -0.79 34.64
N ASP A 414 25.02 -0.48 34.08
CA ASP A 414 26.20 -1.28 34.41
C ASP A 414 26.52 -1.20 35.89
N GLU A 415 26.44 0.00 36.47
CA GLU A 415 26.81 0.15 37.89
C GLU A 415 25.81 -0.57 38.78
N ALA A 416 24.53 -0.55 38.40
CA ALA A 416 23.53 -1.38 39.08
C ALA A 416 23.90 -2.85 39.04
N ARG A 417 24.36 -3.34 37.89
CA ARG A 417 24.78 -4.73 37.77
C ARG A 417 25.96 -5.03 38.67
N ARG A 418 26.98 -4.17 38.64
CA ARG A 418 28.13 -4.35 39.52
C ARG A 418 27.70 -4.41 40.98
N ALA A 419 26.61 -3.73 41.32
CA ALA A 419 26.03 -3.81 42.65
C ALA A 419 25.11 -5.02 42.82
N GLY A 420 25.02 -5.89 41.81
CA GLY A 420 24.35 -7.16 41.95
C GLY A 420 22.94 -7.27 41.41
N VAL A 421 22.49 -6.32 40.61
CA VAL A 421 21.12 -6.33 40.10
C VAL A 421 21.13 -5.94 38.62
N LEU A 422 20.68 -6.85 37.76
CA LEU A 422 20.57 -6.56 36.33
C LEU A 422 19.24 -5.88 36.04
N VAL A 423 19.31 -4.68 35.45
CA VAL A 423 18.15 -3.93 35.00
C VAL A 423 18.37 -3.57 33.53
N ARG A 424 17.34 -3.00 32.92
CA ARG A 424 17.28 -2.88 31.46
C ARG A 424 17.14 -1.44 30.97
N PRO A 425 18.15 -0.88 30.32
CA PRO A 425 17.98 0.43 29.66
C PRO A 425 17.33 0.27 28.29
N ILE A 426 16.26 1.03 28.08
CA ILE A 426 15.62 1.21 26.77
C ILE A 426 15.51 2.71 26.54
N GLY A 427 16.29 3.24 25.60
CA GLY A 427 16.31 4.67 25.38
C GLY A 427 16.77 5.40 26.63
N ASN A 428 15.92 6.29 27.15
CA ASN A 428 16.28 7.11 28.32
C ASN A 428 15.67 6.57 29.60
N LYS A 429 15.16 5.34 29.58
CA LYS A 429 14.38 4.78 30.67
C LYS A 429 14.98 3.46 31.13
N ILE A 430 15.06 3.28 32.45
CA ILE A 430 15.48 2.01 33.04
C ILE A 430 14.23 1.20 33.35
N ILE A 431 14.16 -0.01 32.80
CA ILE A 431 13.03 -0.90 33.01
C ILE A 431 13.37 -1.89 34.12
N LEU A 432 12.45 -2.04 35.07
CA LEU A 432 12.48 -3.06 36.11
C LEU A 432 11.35 -4.05 35.82
N SER A 433 11.68 -5.33 35.65
CA SER A 433 10.62 -6.32 35.39
C SER A 433 11.02 -7.70 35.93
N PRO A 434 11.16 -7.83 37.24
CA PRO A 434 11.69 -9.07 37.82
C PRO A 434 10.64 -10.18 37.83
N PRO A 435 11.03 -11.40 38.21
CA PRO A 435 10.03 -12.47 38.35
C PRO A 435 8.94 -12.06 39.33
N LEU A 436 7.76 -12.61 39.12
CA LEU A 436 6.62 -12.27 39.98
C LEU A 436 6.71 -12.90 41.36
N THR A 437 7.67 -13.80 41.57
CA THR A 437 7.96 -14.35 42.89
C THR A 437 8.84 -13.43 43.73
N LEU A 438 9.16 -12.23 43.24
CA LEU A 438 9.99 -11.29 43.98
C LEU A 438 9.49 -11.10 45.40
N THR A 439 10.41 -11.07 46.35
CA THR A 439 10.07 -10.89 47.76
C THR A 439 10.33 -9.46 48.19
N ARG A 440 9.86 -9.12 49.40
CA ARG A 440 10.23 -7.87 50.03
C ARG A 440 11.73 -7.69 50.03
N ASP A 441 12.45 -8.72 50.49
CA ASP A 441 13.90 -8.69 50.58
C ASP A 441 14.55 -8.36 49.24
N GLU A 442 14.17 -9.10 48.19
CA GLU A 442 14.78 -8.84 46.88
C GLU A 442 14.39 -7.46 46.37
N ALA A 443 13.16 -7.01 46.64
CA ALA A 443 12.75 -5.67 46.23
C ALA A 443 13.64 -4.60 46.86
N GLY A 444 14.01 -4.79 48.13
CA GLY A 444 14.97 -3.88 48.76
C GLY A 444 16.35 -3.94 48.13
N LEU A 445 16.79 -5.14 47.75
CA LEU A 445 18.08 -5.26 47.06
C LEU A 445 18.11 -4.45 45.78
N MET A 446 17.00 -4.45 45.04
CA MET A 446 16.92 -3.67 43.81
C MET A 446 16.97 -2.18 44.11
N VAL A 447 16.29 -1.74 45.16
CA VAL A 447 16.35 -0.34 45.57
C VAL A 447 17.80 0.07 45.86
N SER A 448 18.50 -0.76 46.65
CA SER A 448 19.85 -0.42 47.05
C SER A 448 20.81 -0.32 45.87
N ALA A 449 20.64 -1.19 44.87
CA ALA A 449 21.58 -1.20 43.74
C ALA A 449 21.38 0.01 42.84
N LEU A 450 20.15 0.44 42.64
CA LEU A 450 19.90 1.63 41.84
C LEU A 450 20.37 2.89 42.56
N GLU A 451 20.13 2.97 43.87
CA GLU A 451 20.66 4.07 44.66
C GLU A 451 22.18 4.18 44.48
N ALA A 452 22.88 3.04 44.54
CA ALA A 452 24.32 3.03 44.30
C ALA A 452 24.66 3.48 42.88
N ALA A 453 23.90 3.00 41.90
CA ALA A 453 24.20 3.33 40.50
C ALA A 453 24.05 4.82 40.24
N PHE A 454 23.02 5.45 40.82
CA PHE A 454 22.82 6.88 40.61
C PHE A 454 23.81 7.71 41.42
N ALA A 455 24.26 7.22 42.57
CA ALA A 455 25.34 7.90 43.28
C ALA A 455 26.61 7.89 42.44
N ARG A 456 26.84 6.80 41.72
CA ARG A 456 28.00 6.67 40.86
C ARG A 456 27.82 7.46 39.57
N CYS A 457 26.74 7.20 38.83
CA CYS A 457 26.60 7.67 37.46
C CYS A 457 25.40 8.57 37.24
N GLY A 458 24.75 9.03 38.30
CA GLY A 458 23.58 9.90 38.16
C GLY A 458 23.92 11.35 37.86
N LYS B 13 -36.59 25.53 -22.20
CA LYS B 13 -37.27 24.27 -21.89
C LYS B 13 -36.31 23.25 -21.29
N TYR B 14 -35.37 23.73 -20.47
CA TYR B 14 -34.41 22.87 -19.78
C TYR B 14 -34.84 22.46 -18.38
N LYS B 15 -35.87 23.10 -17.82
CA LYS B 15 -36.27 22.77 -16.44
C LYS B 15 -36.85 21.36 -16.35
N ASN B 16 -37.59 20.96 -17.37
CA ASN B 16 -38.23 19.66 -17.44
C ASN B 16 -37.33 18.61 -18.07
N ALA B 17 -36.21 19.04 -18.64
CA ALA B 17 -35.30 18.16 -19.36
C ALA B 17 -34.74 17.08 -18.44
N GLU B 18 -34.47 15.92 -19.04
CA GLU B 18 -33.84 14.82 -18.32
C GLU B 18 -32.36 15.10 -18.13
N LYS B 19 -31.82 14.71 -16.99
CA LYS B 19 -30.46 15.06 -16.59
C LYS B 19 -29.56 13.85 -16.81
N LYS B 20 -28.68 13.93 -17.81
CA LYS B 20 -27.81 12.82 -18.14
C LYS B 20 -26.38 12.99 -17.62
N PHE B 21 -26.12 13.98 -16.77
CA PHE B 21 -24.83 14.14 -16.13
C PHE B 21 -25.00 14.08 -14.62
N TRP B 22 -23.88 13.89 -13.93
CA TRP B 22 -23.84 13.89 -12.47
C TRP B 22 -23.26 15.20 -11.97
N HIS B 23 -23.94 15.83 -11.02
CA HIS B 23 -23.38 16.98 -10.33
C HIS B 23 -22.26 16.51 -9.41
N PRO B 24 -21.06 17.07 -9.53
CA PRO B 24 -20.03 16.80 -8.52
C PRO B 24 -20.48 17.28 -7.16
N MET B 25 -20.07 16.54 -6.12
CA MET B 25 -20.22 16.94 -4.73
C MET B 25 -21.69 17.03 -4.31
N GLY B 26 -22.54 16.21 -4.90
CA GLY B 26 -23.96 16.25 -4.57
C GLY B 26 -24.59 14.88 -4.62
N SER B 27 -25.73 14.76 -3.95
CA SER B 27 -26.46 13.51 -3.95
C SER B 27 -26.99 13.19 -5.33
N SER B 28 -26.70 11.98 -5.80
CA SER B 28 -27.20 11.50 -7.08
C SER B 28 -28.52 10.77 -6.93
N ALA B 29 -29.12 10.83 -5.74
CA ALA B 29 -30.38 10.16 -5.48
C ALA B 29 -31.59 10.98 -5.92
N ALA B 30 -32.63 10.29 -6.42
CA ALA B 30 -33.91 10.95 -6.62
C ALA B 30 -34.64 11.08 -5.28
N PRO B 31 -35.42 12.15 -5.08
CA PRO B 31 -35.77 13.24 -6.01
C PRO B 31 -34.82 14.42 -6.00
N HIS B 32 -33.84 14.43 -5.08
CA HIS B 32 -32.88 15.52 -5.03
C HIS B 32 -32.16 15.67 -6.36
N ARG B 33 -31.98 14.56 -7.08
CA ARG B 33 -31.11 14.54 -8.24
C ARG B 33 -31.52 15.55 -9.30
N ASP B 34 -32.82 15.75 -9.51
CA ASP B 34 -33.27 16.53 -10.65
C ASP B 34 -33.64 17.98 -10.34
N LYS B 35 -33.50 18.42 -9.09
CA LYS B 35 -33.60 19.84 -8.79
C LYS B 35 -32.35 20.55 -9.28
N THR B 36 -32.52 21.68 -9.96
CA THR B 36 -31.41 22.32 -10.63
C THR B 36 -31.64 23.81 -10.75
N LEU B 37 -30.63 24.61 -10.40
CA LEU B 37 -30.54 26.01 -10.77
C LEU B 37 -29.72 26.11 -12.06
N VAL B 38 -30.38 26.43 -13.18
CA VAL B 38 -29.75 26.43 -14.49
C VAL B 38 -29.35 27.86 -14.83
N ILE B 39 -28.04 28.13 -14.81
CA ILE B 39 -27.50 29.44 -15.17
C ILE B 39 -27.34 29.53 -16.68
N ALA B 40 -27.96 30.56 -17.29
CA ALA B 40 -27.98 30.76 -18.74
C ALA B 40 -26.89 31.72 -19.22
N ARG B 41 -26.67 32.83 -18.50
CA ARG B 41 -25.77 33.87 -18.97
C ARG B 41 -25.00 34.47 -17.80
N GLY B 42 -23.81 34.96 -18.11
CA GLY B 42 -23.00 35.66 -17.13
C GLY B 42 -22.36 36.90 -17.70
N ASP B 43 -22.40 37.99 -16.94
CA ASP B 43 -21.76 39.22 -17.35
C ASP B 43 -21.34 40.02 -16.13
N GLY B 44 -20.08 40.44 -16.13
CA GLY B 44 -19.59 41.18 -14.98
C GLY B 44 -19.54 40.27 -13.78
N ASN B 45 -20.13 40.73 -12.67
CA ASN B 45 -20.20 39.93 -11.45
C ASN B 45 -21.61 39.39 -11.20
N TYR B 46 -22.44 39.29 -12.24
CA TYR B 46 -23.83 38.83 -12.16
C TYR B 46 -24.05 37.65 -13.10
N ILE B 47 -25.01 36.80 -12.74
CA ILE B 47 -25.42 35.69 -13.60
C ILE B 47 -26.95 35.70 -13.72
N THR B 48 -27.44 35.09 -14.80
CA THR B 48 -28.86 35.05 -15.13
C THR B 48 -29.28 33.61 -15.35
N ASP B 49 -30.38 33.20 -14.72
CA ASP B 49 -30.84 31.83 -14.89
C ASP B 49 -31.80 31.76 -16.08
N ILE B 50 -32.30 30.56 -16.37
CA ILE B 50 -33.21 30.38 -17.49
C ILE B 50 -34.57 31.03 -17.28
N ASP B 51 -34.87 31.50 -16.08
CA ASP B 51 -36.09 32.26 -15.81
C ASP B 51 -35.90 33.77 -15.90
N GLY B 52 -34.77 34.22 -16.45
CA GLY B 52 -34.51 35.63 -16.59
C GLY B 52 -34.22 36.36 -15.30
N GLN B 53 -34.05 35.65 -14.18
CA GLN B 53 -33.69 36.28 -12.91
C GLN B 53 -32.18 36.43 -12.82
N ARG B 54 -31.74 37.62 -12.45
CA ARG B 54 -30.33 37.90 -12.25
C ARG B 54 -30.01 37.87 -10.75
N MET B 55 -28.81 37.38 -10.44
CA MET B 55 -28.32 37.37 -9.07
C MET B 55 -26.83 37.66 -9.09
N LEU B 56 -26.35 38.31 -8.02
CA LEU B 56 -24.92 38.49 -7.84
C LEU B 56 -24.24 37.14 -7.68
N ASP B 57 -23.09 36.98 -8.33
CA ASP B 57 -22.35 35.72 -8.36
C ASP B 57 -21.41 35.64 -7.15
N GLY B 58 -22.00 35.44 -5.98
CA GLY B 58 -21.24 35.40 -4.75
C GLY B 58 -20.27 34.23 -4.63
N VAL B 59 -20.35 33.24 -5.52
CA VAL B 59 -19.42 32.12 -5.51
C VAL B 59 -18.32 32.23 -6.55
N GLY B 60 -18.44 33.15 -7.50
CA GLY B 60 -17.40 33.35 -8.49
C GLY B 60 -17.19 32.17 -9.42
N GLY B 61 -18.28 31.57 -9.87
CA GLY B 61 -18.16 30.31 -10.58
C GLY B 61 -17.92 29.27 -9.50
N LEU B 62 -16.64 29.00 -9.22
CA LEU B 62 -16.17 28.19 -8.08
C LEU B 62 -14.84 28.80 -7.62
N TRP B 63 -14.93 29.92 -6.89
CA TRP B 63 -13.84 30.87 -6.68
C TRP B 63 -12.81 30.88 -7.80
N ASN B 64 -13.26 31.15 -9.02
CA ASN B 64 -12.33 31.21 -10.16
C ASN B 64 -12.69 32.26 -11.19
N VAL B 65 -13.93 32.75 -11.26
CA VAL B 65 -14.25 33.79 -12.24
C VAL B 65 -13.89 35.11 -11.61
N ASN B 66 -12.59 35.33 -11.39
CA ASN B 66 -12.16 36.40 -10.50
C ASN B 66 -12.17 37.78 -11.14
N ILE B 67 -12.11 37.86 -12.47
CA ILE B 67 -12.21 39.14 -13.17
C ILE B 67 -13.62 39.42 -13.66
N GLY B 68 -14.57 38.52 -13.41
CA GLY B 68 -15.92 38.69 -13.89
C GLY B 68 -16.17 37.96 -15.20
N HIS B 69 -17.45 37.73 -15.49
CA HIS B 69 -17.86 37.08 -16.71
C HIS B 69 -17.79 38.06 -17.89
N ASN B 70 -17.59 37.50 -19.10
CA ASN B 70 -17.79 38.23 -20.36
C ASN B 70 -16.81 39.38 -20.57
N ARG B 71 -15.57 39.20 -20.14
CA ARG B 71 -14.54 40.21 -20.37
C ARG B 71 -14.15 40.24 -21.84
N ALA B 72 -14.30 41.40 -22.47
CA ALA B 72 -14.13 41.51 -23.92
C ALA B 72 -12.71 41.17 -24.35
N SER B 73 -11.72 41.73 -23.66
CA SER B 73 -10.31 41.51 -24.03
C SER B 73 -9.95 40.03 -23.98
N VAL B 74 -10.37 39.33 -22.92
CA VAL B 74 -10.07 37.90 -22.79
C VAL B 74 -10.74 37.11 -23.90
N LYS B 75 -11.99 37.46 -24.22
CA LYS B 75 -12.67 36.82 -25.33
C LYS B 75 -11.92 37.06 -26.64
N ALA B 76 -11.42 38.28 -26.84
CA ALA B 76 -10.66 38.61 -28.04
C ALA B 76 -9.37 37.81 -28.13
N ALA B 77 -8.68 37.63 -27.00
CA ALA B 77 -7.47 36.81 -26.99
C ALA B 77 -7.78 35.38 -27.40
N ILE B 78 -8.89 34.83 -26.92
CA ILE B 78 -9.23 33.46 -27.27
C ILE B 78 -9.48 33.36 -28.78
N ALA B 79 -10.30 34.26 -29.30
CA ALA B 79 -10.61 34.25 -30.73
C ALA B 79 -9.35 34.42 -31.58
N ALA B 80 -8.47 35.34 -31.19
CA ALA B 80 -7.24 35.53 -31.93
C ALA B 80 -6.42 34.24 -31.99
N GLN B 81 -6.28 33.54 -30.86
CA GLN B 81 -5.45 32.35 -30.86
C GLN B 81 -6.07 31.23 -31.67
N LEU B 82 -7.40 31.07 -31.59
CA LEU B 82 -8.08 30.06 -32.39
C LEU B 82 -7.79 30.25 -33.88
N ASP B 83 -7.74 31.51 -34.35
CA ASP B 83 -7.45 31.77 -35.75
C ASP B 83 -6.06 31.31 -36.13
N GLU B 84 -5.11 31.40 -35.20
CA GLU B 84 -3.72 31.06 -35.47
C GLU B 84 -3.45 29.56 -35.28
N LEU B 85 -3.65 29.09 -34.06
CA LEU B 85 -3.37 27.70 -33.72
C LEU B 85 -4.13 27.41 -32.43
N ALA B 86 -5.29 26.77 -32.57
CA ALA B 86 -6.07 26.41 -31.40
C ALA B 86 -5.29 25.52 -30.48
N TYR B 87 -4.64 24.51 -31.05
CA TYR B 87 -3.88 23.53 -30.29
C TYR B 87 -2.72 22.98 -31.09
N TYR B 88 -1.57 22.85 -30.42
CA TYR B 88 -0.61 21.80 -30.78
C TYR B 88 0.03 21.29 -29.50
N GLN B 89 0.65 20.11 -29.62
CA GLN B 89 1.29 19.43 -28.49
C GLN B 89 2.60 20.11 -28.09
N THR B 90 3.05 19.83 -26.86
CA THR B 90 4.37 20.24 -26.40
C THR B 90 5.17 19.06 -25.87
N PHE B 91 4.87 17.85 -26.34
CA PHE B 91 5.67 16.72 -25.90
C PHE B 91 7.08 16.85 -26.48
N ASP B 92 7.98 16.00 -26.00
CA ASP B 92 9.42 16.07 -26.28
C ASP B 92 9.78 16.82 -27.56
N GLY B 93 10.49 17.94 -27.42
CA GLY B 93 11.09 18.63 -28.54
C GLY B 93 10.15 19.45 -29.39
N ILE B 94 8.88 19.53 -29.04
CA ILE B 94 7.88 20.25 -29.82
C ILE B 94 7.25 21.30 -28.92
N ALA B 95 7.01 22.49 -29.46
CA ALA B 95 6.31 23.51 -28.67
C ALA B 95 5.68 24.51 -29.64
N HIS B 96 5.28 25.65 -29.08
CA HIS B 96 4.55 26.68 -29.81
C HIS B 96 4.66 27.98 -29.04
N PRO B 97 4.32 29.12 -29.66
CA PRO B 97 4.56 30.43 -29.02
C PRO B 97 3.88 30.66 -27.68
N ARG B 98 2.60 30.30 -27.52
CA ARG B 98 1.87 30.72 -26.33
C ARG B 98 2.44 30.08 -25.06
N VAL B 99 2.90 28.83 -25.14
CA VAL B 99 3.41 28.16 -23.94
C VAL B 99 4.73 28.76 -23.49
N PHE B 100 5.60 29.15 -24.45
CA PHE B 100 6.78 29.94 -24.09
C PHE B 100 6.36 31.21 -23.37
N ASP B 101 5.39 31.95 -23.93
CA ASP B 101 5.01 33.24 -23.38
C ASP B 101 4.55 33.12 -21.93
N LEU B 102 3.64 32.18 -21.68
CA LEU B 102 3.10 32.05 -20.33
C LEU B 102 4.12 31.46 -19.35
N ALA B 103 4.93 30.51 -19.80
CA ALA B 103 5.97 29.98 -18.92
C ALA B 103 6.92 31.08 -18.47
N GLU B 104 7.38 31.91 -19.41
CA GLU B 104 8.18 33.08 -19.07
C GLU B 104 7.42 34.02 -18.13
N ARG B 105 6.14 34.25 -18.40
CA ARG B 105 5.36 35.18 -17.60
C ARG B 105 5.25 34.71 -16.16
N LEU B 106 4.89 33.44 -15.97
CA LEU B 106 4.71 32.90 -14.63
C LEU B 106 6.00 32.88 -13.83
N THR B 107 7.09 32.41 -14.44
CA THR B 107 8.36 32.38 -13.71
C THR B 107 8.84 33.79 -13.34
N GLY B 108 8.53 34.77 -14.18
CA GLY B 108 8.89 36.14 -13.84
C GLY B 108 8.08 36.70 -12.69
N MET B 109 6.77 36.45 -12.69
CA MET B 109 5.90 36.97 -11.63
C MET B 109 6.31 36.44 -10.28
N PHE B 110 6.88 35.25 -10.24
CA PHE B 110 7.27 34.59 -9.00
C PHE B 110 8.77 34.44 -8.91
N ALA B 111 9.50 35.43 -9.42
CA ALA B 111 10.94 35.41 -9.23
C ALA B 111 11.31 35.56 -7.77
N GLN B 112 10.47 36.23 -6.98
CA GLN B 112 10.69 36.32 -5.53
C GLN B 112 10.77 34.93 -4.91
N GLU B 113 9.96 34.01 -5.41
CA GLU B 113 9.92 32.64 -4.92
C GLU B 113 10.89 31.72 -5.66
N ARG B 114 11.74 32.28 -6.52
CA ARG B 114 12.80 31.53 -7.20
C ARG B 114 12.24 30.43 -8.10
N MET B 115 11.03 30.63 -8.67
CA MET B 115 10.45 29.61 -9.54
C MET B 115 11.18 29.56 -10.88
N ALA B 116 11.43 28.34 -11.34
CA ALA B 116 12.31 28.12 -12.48
C ALA B 116 11.65 27.40 -13.66
N ARG B 117 10.75 26.47 -13.40
CA ARG B 117 10.15 25.66 -14.44
C ARG B 117 8.66 25.52 -14.18
N VAL B 118 7.89 25.38 -15.26
CA VAL B 118 6.45 25.14 -15.18
C VAL B 118 6.15 23.80 -15.84
N LEU B 119 5.30 23.00 -15.19
CA LEU B 119 4.67 21.85 -15.82
C LEU B 119 3.18 22.16 -15.91
N PHE B 120 2.71 22.41 -17.12
CA PHE B 120 1.33 22.83 -17.35
C PHE B 120 0.38 21.65 -17.38
N SER B 121 -0.88 21.93 -17.07
CA SER B 121 -1.93 20.95 -17.03
C SER B 121 -3.25 21.68 -17.22
N SER B 122 -4.36 21.06 -16.80
CA SER B 122 -5.67 21.60 -17.16
C SER B 122 -6.53 21.94 -15.95
N GLY B 123 -6.04 21.72 -14.73
CA GLY B 123 -6.86 22.05 -13.57
C GLY B 123 -6.10 21.91 -12.28
N GLY B 124 -6.80 22.24 -11.19
CA GLY B 124 -6.18 22.26 -9.89
C GLY B 124 -5.80 20.88 -9.38
N SER B 125 -6.65 19.89 -9.65
CA SER B 125 -6.32 18.50 -9.31
C SER B 125 -5.11 18.03 -10.11
N ASP B 126 -5.04 18.41 -11.39
CA ASP B 126 -3.83 18.15 -12.17
C ASP B 126 -2.61 18.78 -11.50
N ALA B 127 -2.71 20.06 -11.15
CA ALA B 127 -1.55 20.76 -10.60
C ALA B 127 -1.06 20.08 -9.33
N VAL B 128 -1.99 19.56 -8.53
CA VAL B 128 -1.62 18.88 -7.30
C VAL B 128 -0.99 17.53 -7.60
N GLU B 129 -1.65 16.72 -8.43
CA GLU B 129 -1.08 15.43 -8.82
C GLU B 129 0.34 15.59 -9.35
N THR B 130 0.54 16.58 -10.23
CA THR B 130 1.85 16.83 -10.82
C THR B 130 2.87 17.23 -9.77
N ALA B 131 2.47 18.06 -8.81
CA ALA B 131 3.41 18.44 -7.75
C ALA B 131 3.84 17.22 -6.94
N LEU B 132 2.91 16.29 -6.69
CA LEU B 132 3.23 15.09 -5.92
C LEU B 132 4.16 14.16 -6.69
N LYS B 133 3.84 13.88 -7.96
CA LYS B 133 4.64 12.95 -8.73
C LYS B 133 6.04 13.49 -9.00
N MET B 134 6.15 14.80 -9.22
CA MET B 134 7.46 15.38 -9.48
C MET B 134 8.27 15.51 -8.20
N ALA B 135 7.61 15.67 -7.05
CA ALA B 135 8.32 15.58 -5.77
C ALA B 135 8.99 14.22 -5.60
N ARG B 136 8.29 13.14 -5.95
CA ARG B 136 8.91 11.82 -5.97
C ARG B 136 10.10 11.78 -6.92
N GLN B 137 9.96 12.38 -8.11
CA GLN B 137 11.06 12.31 -9.08
C GLN B 137 12.25 13.13 -8.61
N TYR B 138 12.02 14.29 -7.99
CA TYR B 138 13.11 15.09 -7.45
C TYR B 138 14.02 14.27 -6.54
N TRP B 139 13.43 13.54 -5.59
CA TRP B 139 14.25 12.78 -4.66
C TRP B 139 15.00 11.65 -5.35
N ILE B 140 14.36 11.01 -6.34
CA ILE B 140 15.06 9.96 -7.08
C ILE B 140 16.26 10.54 -7.82
N ALA B 141 16.08 11.70 -8.47
CA ALA B 141 17.19 12.33 -9.19
C ALA B 141 18.27 12.78 -8.22
N SER B 142 17.88 13.10 -6.98
CA SER B 142 18.81 13.46 -5.91
C SER B 142 19.43 12.25 -5.22
N GLY B 143 19.15 11.03 -5.69
CA GLY B 143 19.76 9.85 -5.11
C GLY B 143 19.15 9.43 -3.79
N GLU B 144 17.89 9.77 -3.54
CA GLU B 144 17.24 9.49 -2.25
C GLU B 144 15.85 8.96 -2.51
N PRO B 145 15.74 7.78 -3.15
CA PRO B 145 14.42 7.25 -3.47
C PRO B 145 13.67 6.78 -2.24
N GLY B 146 14.29 6.80 -1.07
CA GLY B 146 13.57 6.50 0.15
C GLY B 146 12.59 7.56 0.56
N ARG B 147 12.69 8.74 -0.04
CA ARG B 147 11.82 9.87 0.27
C ARG B 147 10.52 9.72 -0.50
N THR B 148 9.50 9.13 0.13
CA THR B 148 8.26 8.81 -0.57
C THR B 148 7.01 9.38 0.11
N ARG B 149 7.05 9.58 1.43
CA ARG B 149 5.86 10.01 2.15
C ARG B 149 5.54 11.49 1.98
N PHE B 150 4.25 11.81 2.17
CA PHE B 150 3.68 13.15 2.04
C PHE B 150 2.94 13.54 3.32
N LEU B 151 3.11 14.80 3.74
CA LEU B 151 2.37 15.38 4.87
C LEU B 151 1.35 16.38 4.36
N SER B 152 0.22 16.52 5.07
CA SER B 152 -0.79 17.53 4.76
C SER B 152 -1.60 17.82 6.02
N LEU B 153 -2.54 18.76 5.91
CA LEU B 153 -3.30 19.26 7.06
C LEU B 153 -4.74 18.78 7.06
N ARG B 154 -5.27 18.58 8.26
CA ARG B 154 -6.69 18.31 8.44
C ARG B 154 -7.51 19.47 7.91
N ASN B 155 -8.66 19.15 7.32
CA ASN B 155 -9.55 20.04 6.58
C ASN B 155 -8.93 20.57 5.30
N GLY B 156 -7.71 20.17 4.96
CA GLY B 156 -7.13 20.62 3.71
C GLY B 156 -7.76 19.91 2.52
N TYR B 157 -7.88 20.64 1.42
CA TYR B 157 -8.48 20.10 0.21
C TYR B 157 -7.56 20.33 -0.97
N HIS B 158 -7.30 19.27 -1.73
CA HIS B 158 -6.31 19.36 -2.81
C HIS B 158 -6.76 18.63 -4.07
N GLY B 159 -8.07 18.64 -4.36
CA GLY B 159 -8.55 18.00 -5.58
C GLY B 159 -8.95 16.54 -5.41
N VAL B 160 -9.22 15.90 -6.55
CA VAL B 160 -9.89 14.59 -6.54
C VAL B 160 -9.24 13.58 -7.49
N HIS B 161 -8.03 13.86 -7.96
CA HIS B 161 -7.28 12.73 -8.48
C HIS B 161 -6.88 11.82 -7.31
N MET B 162 -6.47 10.60 -7.62
CA MET B 162 -6.22 9.66 -6.52
C MET B 162 -5.09 10.15 -5.62
N GLY B 163 -4.08 10.79 -6.19
CA GLY B 163 -3.06 11.45 -5.39
C GLY B 163 -3.59 12.55 -4.49
N GLY B 164 -4.27 13.54 -5.07
CA GLY B 164 -4.79 14.65 -4.28
C GLY B 164 -5.82 14.20 -3.26
N THR B 165 -6.66 13.24 -3.64
CA THR B 165 -7.61 12.69 -2.67
C THR B 165 -6.87 12.08 -1.49
N SER B 166 -5.74 11.39 -1.75
CA SER B 166 -5.02 10.69 -0.69
C SER B 166 -4.52 11.64 0.38
N VAL B 167 -4.21 12.89 0.00
CA VAL B 167 -3.70 13.88 0.93
C VAL B 167 -4.82 14.81 1.42
N GLY B 168 -6.07 14.53 1.07
CA GLY B 168 -7.17 15.38 1.51
C GLY B 168 -7.47 15.19 2.99
N GLY B 169 -7.85 16.29 3.65
CA GLY B 169 -8.09 16.31 5.07
C GLY B 169 -9.54 16.24 5.51
N ASN B 170 -10.48 15.98 4.60
CA ASN B 170 -11.91 15.87 4.90
C ASN B 170 -12.39 14.49 4.48
N GLY B 171 -13.04 13.77 5.41
CA GLY B 171 -13.45 12.41 5.13
C GLY B 171 -14.44 12.26 3.99
N VAL B 172 -15.31 13.26 3.79
CA VAL B 172 -16.41 13.15 2.83
C VAL B 172 -15.93 12.80 1.42
N TYR B 173 -14.72 13.20 1.06
CA TYR B 173 -14.21 12.87 -0.26
C TYR B 173 -13.58 11.49 -0.33
N HIS B 174 -13.37 10.84 0.82
CA HIS B 174 -12.71 9.55 0.91
C HIS B 174 -13.66 8.37 0.99
N TYR B 175 -14.81 8.52 1.66
CA TYR B 175 -15.58 7.37 2.14
C TYR B 175 -15.96 6.42 1.01
N ASN B 176 -16.17 6.92 -0.21
CA ASN B 176 -16.71 6.08 -1.27
C ASN B 176 -15.65 5.51 -2.21
N HIS B 177 -14.37 5.52 -1.85
CA HIS B 177 -13.35 5.15 -2.81
C HIS B 177 -12.29 4.17 -2.30
N GLY B 178 -12.40 3.69 -1.06
CA GLY B 178 -11.47 2.65 -0.67
C GLY B 178 -10.06 3.17 -0.43
N GLN B 179 -9.12 2.23 -0.39
CA GLN B 179 -7.73 2.54 -0.09
C GLN B 179 -7.05 3.21 -1.29
N LEU B 180 -6.41 4.34 -1.03
CA LEU B 180 -5.64 5.00 -2.08
C LEU B 180 -4.15 4.94 -1.77
N LEU B 181 -3.44 6.05 -1.93
CA LEU B 181 -1.99 6.04 -1.78
C LEU B 181 -1.58 5.88 -0.32
N ALA B 182 -0.64 4.98 -0.07
CA ALA B 182 -0.10 4.79 1.26
C ALA B 182 0.94 5.86 1.59
N GLY B 183 1.29 5.94 2.88
CA GLY B 183 2.33 6.83 3.37
C GLY B 183 2.00 8.30 3.37
N CYS B 184 0.72 8.65 3.46
CA CYS B 184 0.30 10.03 3.60
C CYS B 184 -0.21 10.25 5.01
N HIS B 185 0.28 11.30 5.66
CA HIS B 185 0.01 11.48 7.08
C HIS B 185 -0.55 12.88 7.33
N LEU B 186 -1.60 12.94 8.15
CA LEU B 186 -2.33 14.18 8.39
C LEU B 186 -1.85 14.87 9.65
N LEU B 187 -1.81 16.20 9.60
CA LEU B 187 -1.49 17.03 10.74
C LEU B 187 -2.72 17.85 11.11
N ASP B 188 -2.81 18.25 12.36
CA ASP B 188 -3.92 19.08 12.79
C ASP B 188 -3.77 20.50 12.24
N THR B 189 -4.91 21.15 12.01
CA THR B 189 -4.82 22.47 11.41
C THR B 189 -4.89 23.56 12.48
N PRO B 190 -4.09 24.73 12.29
CA PRO B 190 -4.12 25.83 13.29
C PRO B 190 -5.39 26.66 13.19
N TRP B 191 -6.49 26.06 13.67
CA TRP B 191 -7.84 26.57 13.54
C TRP B 191 -8.31 27.02 14.92
N LEU B 192 -8.41 28.33 15.14
CA LEU B 192 -8.68 28.82 16.49
C LEU B 192 -10.07 28.43 16.98
N TYR B 193 -11.04 28.33 16.07
CA TYR B 193 -12.40 28.01 16.49
C TYR B 193 -12.52 26.57 16.94
N ARG B 194 -11.83 25.64 16.27
CA ARG B 194 -11.91 24.22 16.60
C ARG B 194 -10.51 23.62 16.52
N ASN B 195 -9.99 23.14 17.65
CA ASN B 195 -8.70 22.48 17.66
C ASN B 195 -8.65 21.49 18.82
N PRO B 196 -7.83 20.44 18.71
CA PRO B 196 -7.77 19.42 19.78
C PRO B 196 -7.34 19.96 21.14
N TRP B 197 -6.72 21.14 21.20
CA TRP B 197 -6.27 21.70 22.46
C TRP B 197 -7.24 22.73 23.00
N ASP B 198 -8.36 22.98 22.30
CA ASP B 198 -9.24 24.11 22.54
C ASP B 198 -8.45 25.38 22.82
N CYS B 199 -7.41 25.61 22.04
CA CYS B 199 -6.48 26.71 22.28
C CYS B 199 -6.96 27.96 21.57
N ARG B 200 -7.26 29.02 22.35
CA ARG B 200 -7.80 30.26 21.83
C ARG B 200 -6.76 31.39 21.79
N ASP B 201 -5.47 31.06 21.81
CA ASP B 201 -4.40 32.03 21.68
C ASP B 201 -3.62 31.70 20.41
N PRO B 202 -3.55 32.61 19.43
CA PRO B 202 -2.96 32.23 18.13
C PRO B 202 -1.49 31.83 18.20
N GLN B 203 -0.68 32.55 18.99
CA GLN B 203 0.72 32.14 19.15
C GLN B 203 0.81 30.76 19.78
N ALA B 204 0.00 30.50 20.81
CA ALA B 204 0.05 29.21 21.50
C ALA B 204 -0.38 28.07 20.58
N LEU B 205 -1.32 28.35 19.67
CA LEU B 205 -1.81 27.33 18.76
C LEU B 205 -0.77 26.98 17.70
N THR B 206 -0.11 28.00 17.14
CA THR B 206 1.00 27.74 16.23
C THR B 206 2.03 26.83 16.91
N ALA B 207 2.32 27.08 18.20
CA ALA B 207 3.31 26.29 18.91
C ALA B 207 2.86 24.84 19.05
N HIS B 208 1.59 24.62 19.36
CA HIS B 208 1.03 23.26 19.41
C HIS B 208 1.23 22.54 18.07
N CYS B 209 0.93 23.22 16.98
CA CYS B 209 0.92 22.56 15.69
C CYS B 209 2.33 22.25 15.20
N ILE B 210 3.25 23.21 15.37
CA ILE B 210 4.64 22.97 14.98
C ILE B 210 5.26 21.88 15.84
N ARG B 211 4.97 21.90 17.15
CA ARG B 211 5.43 20.83 18.02
C ARG B 211 4.93 19.47 17.56
N GLN B 212 3.67 19.41 17.12
CA GLN B 212 3.14 18.16 16.58
C GLN B 212 3.89 17.73 15.32
N LEU B 213 4.18 18.67 14.43
CA LEU B 213 4.88 18.34 13.19
C LEU B 213 6.28 17.79 13.46
N GLU B 214 7.00 18.40 14.39
CA GLU B 214 8.31 17.88 14.79
C GLU B 214 8.20 16.45 15.29
N GLU B 215 7.14 16.15 16.07
CA GLU B 215 6.94 14.80 16.57
C GLU B 215 6.66 13.82 15.44
N GLN B 216 5.86 14.24 14.45
CA GLN B 216 5.55 13.40 13.29
C GLN B 216 6.80 13.09 12.48
N ILE B 217 7.64 14.10 12.25
CA ILE B 217 8.85 13.90 11.49
C ILE B 217 9.77 12.91 12.21
N ALA B 218 9.92 13.09 13.53
CA ALA B 218 10.76 12.19 14.33
C ALA B 218 10.26 10.75 14.28
N LEU B 219 8.95 10.55 14.46
CA LEU B 219 8.41 9.20 14.43
C LEU B 219 8.61 8.53 13.07
N LEU B 220 8.35 9.25 12.00
CA LEU B 220 8.47 8.65 10.68
C LEU B 220 9.91 8.60 10.20
N GLY B 221 10.74 9.55 10.61
CA GLY B 221 12.06 9.68 10.03
C GLY B 221 12.04 10.60 8.81
N ALA B 222 12.72 11.74 8.92
CA ALA B 222 12.75 12.72 7.84
C ALA B 222 13.18 12.11 6.52
N GLN B 223 14.08 11.12 6.54
CA GLN B 223 14.57 10.50 5.31
C GLN B 223 13.50 9.73 4.55
N THR B 224 12.30 9.55 5.11
CA THR B 224 11.20 8.88 4.43
C THR B 224 10.16 9.86 3.90
N ILE B 225 10.35 11.16 4.12
CA ILE B 225 9.31 12.16 3.86
C ILE B 225 9.70 12.98 2.65
N ALA B 226 8.86 12.97 1.62
CA ALA B 226 9.19 13.67 0.39
C ALA B 226 8.77 15.15 0.43
N ALA B 227 7.54 15.43 0.87
CA ALA B 227 7.02 16.80 0.81
C ALA B 227 5.85 16.95 1.78
N LEU B 228 5.62 18.19 2.17
CA LEU B 228 4.41 18.62 2.89
C LEU B 228 3.63 19.59 2.00
N ILE B 229 2.32 19.37 1.87
CA ILE B 229 1.47 20.22 1.03
C ILE B 229 0.39 20.86 1.90
N ALA B 230 0.16 22.15 1.68
CA ALA B 230 -0.80 22.91 2.49
C ALA B 230 -1.24 24.16 1.72
N GLU B 231 -2.55 24.59 1.96
CA GLU B 231 -3.04 25.82 1.38
C GLU B 231 -2.71 27.02 2.27
N PRO B 232 -2.28 28.15 1.71
CA PRO B 232 -2.00 29.31 2.56
C PRO B 232 -3.23 29.79 3.33
N VAL B 233 -4.40 29.70 2.71
CA VAL B 233 -5.68 29.74 3.43
C VAL B 233 -6.47 28.52 2.97
N GLN B 234 -6.95 27.72 3.92
CA GLN B 234 -7.66 26.49 3.60
C GLN B 234 -9.06 26.84 3.12
N GLY B 235 -9.36 26.51 1.87
CA GLY B 235 -10.57 26.98 1.25
C GLY B 235 -11.79 26.14 1.54
N ALA B 236 -11.95 25.05 0.79
CA ALA B 236 -13.13 24.22 0.89
C ALA B 236 -13.30 23.63 2.29
N GLY B 237 -12.22 23.54 3.06
CA GLY B 237 -12.34 23.09 4.44
C GLY B 237 -13.00 24.08 5.37
N GLY B 238 -13.26 25.30 4.89
CA GLY B 238 -14.05 26.28 5.64
C GLY B 238 -13.41 27.65 5.81
N VAL B 239 -12.54 28.04 4.87
CA VAL B 239 -11.81 29.31 4.96
C VAL B 239 -11.14 29.40 6.32
N ILE B 240 -10.17 28.53 6.57
CA ILE B 240 -9.42 28.55 7.81
C ILE B 240 -8.18 29.41 7.57
N VAL B 241 -8.12 30.55 8.26
CA VAL B 241 -6.99 31.47 8.15
C VAL B 241 -5.98 31.11 9.23
N PRO B 242 -4.77 30.67 8.88
CA PRO B 242 -3.78 30.32 9.90
C PRO B 242 -3.26 31.54 10.63
N PRO B 243 -2.68 31.36 11.82
CA PRO B 243 -1.94 32.45 12.46
C PRO B 243 -0.77 32.91 11.59
N ALA B 244 -0.38 34.18 11.77
CA ALA B 244 0.58 34.78 10.84
C ALA B 244 1.95 34.12 10.92
N ASP B 245 2.33 33.61 12.10
CA ASP B 245 3.63 32.97 12.25
C ASP B 245 3.62 31.49 11.90
N TYR B 246 2.46 30.94 11.55
CA TYR B 246 2.38 29.51 11.27
C TYR B 246 3.21 29.15 10.04
N TRP B 247 2.93 29.81 8.92
CA TRP B 247 3.62 29.46 7.68
C TRP B 247 5.12 29.72 7.72
N PRO B 248 5.63 30.79 8.36
CA PRO B 248 7.10 30.89 8.50
C PRO B 248 7.72 29.70 9.20
N ARG B 249 7.09 29.21 10.27
CA ARG B 249 7.61 28.06 10.98
C ARG B 249 7.50 26.79 10.15
N LEU B 250 6.43 26.67 9.36
CA LEU B 250 6.30 25.58 8.41
C LEU B 250 7.52 25.50 7.51
N ARG B 251 7.86 26.64 6.88
CA ARG B 251 9.07 26.70 6.06
C ARG B 251 10.29 26.28 6.85
N GLU B 252 10.44 26.81 8.07
CA GLU B 252 11.64 26.53 8.86
C GLU B 252 11.73 25.06 9.24
N VAL B 253 10.63 24.45 9.67
CA VAL B 253 10.69 23.04 10.04
C VAL B 253 10.96 22.18 8.82
N CYS B 254 10.35 22.51 7.68
CA CYS B 254 10.62 21.77 6.46
C CYS B 254 12.08 21.89 6.07
N ASP B 255 12.67 23.07 6.27
CA ASP B 255 14.06 23.31 5.93
C ASP B 255 15.01 22.53 6.82
N ARG B 256 14.63 22.29 8.08
CA ARG B 256 15.44 21.45 8.94
C ARG B 256 15.73 20.10 8.31
N HIS B 257 14.81 19.59 7.50
CA HIS B 257 14.92 18.22 7.02
C HIS B 257 14.98 18.10 5.50
N GLY B 258 15.08 19.21 4.78
CA GLY B 258 15.06 19.17 3.33
C GLY B 258 13.75 18.77 2.72
N ILE B 259 12.67 18.75 3.51
CA ILE B 259 11.36 18.35 3.02
C ILE B 259 10.81 19.44 2.12
N LEU B 260 10.25 19.04 0.97
CA LEU B 260 9.71 20.04 0.06
C LEU B 260 8.40 20.61 0.59
N LEU B 261 8.24 21.92 0.46
CA LEU B 261 7.03 22.60 0.89
C LEU B 261 6.21 22.93 -0.36
N ILE B 262 5.07 22.27 -0.50
CA ILE B 262 4.16 22.51 -1.61
C ILE B 262 3.06 23.44 -1.11
N ALA B 263 2.97 24.63 -1.68
CA ALA B 263 1.85 25.52 -1.41
C ALA B 263 0.76 25.27 -2.45
N ASP B 264 -0.42 24.87 -1.99
CA ASP B 264 -1.58 24.76 -2.86
C ASP B 264 -2.22 26.15 -2.99
N GLU B 265 -1.92 26.84 -4.10
CA GLU B 265 -2.43 28.18 -4.37
C GLU B 265 -3.55 28.16 -5.40
N VAL B 266 -4.25 27.04 -5.55
CA VAL B 266 -5.33 26.96 -6.53
C VAL B 266 -6.36 28.06 -6.28
N VAL B 267 -6.76 28.26 -5.02
CA VAL B 267 -7.72 29.30 -4.69
C VAL B 267 -7.04 30.62 -4.37
N THR B 268 -6.02 30.60 -3.50
CA THR B 268 -5.44 31.86 -3.07
C THR B 268 -4.56 32.49 -4.13
N GLY B 269 -4.13 31.72 -5.13
CA GLY B 269 -3.26 32.23 -6.16
C GLY B 269 -3.87 33.39 -6.94
N PHE B 270 -3.07 34.44 -7.12
CA PHE B 270 -3.39 35.63 -7.92
C PHE B 270 -4.35 36.60 -7.25
N GLY B 271 -4.49 36.57 -5.92
CA GLY B 271 -5.02 37.74 -5.24
C GLY B 271 -6.17 37.59 -4.26
N ARG B 272 -6.86 36.44 -4.23
CA ARG B 272 -8.11 36.38 -3.49
C ARG B 272 -7.93 36.79 -2.03
N SER B 273 -6.80 36.43 -1.42
CA SER B 273 -6.57 36.69 0.00
C SER B 273 -5.78 37.98 0.25
N GLY B 274 -5.57 38.80 -0.78
CA GLY B 274 -4.93 40.09 -0.62
C GLY B 274 -3.53 40.19 -1.17
N CYS B 275 -3.01 39.13 -1.80
CA CYS B 275 -1.64 39.12 -2.27
C CYS B 275 -1.60 38.22 -3.49
N MET B 276 -0.58 38.44 -4.34
CA MET B 276 -0.44 37.61 -5.53
C MET B 276 -0.27 36.14 -5.17
N LEU B 277 0.34 35.85 -4.02
CA LEU B 277 0.35 34.51 -3.44
C LEU B 277 -0.01 34.58 -1.96
N GLY B 278 -0.80 33.60 -1.50
CA GLY B 278 -1.05 33.50 -0.08
C GLY B 278 0.21 33.21 0.70
N SER B 279 1.08 32.36 0.17
CA SER B 279 2.34 32.07 0.83
C SER B 279 3.20 33.32 0.92
N ARG B 280 3.27 34.08 -0.17
CA ARG B 280 3.96 35.36 -0.13
C ARG B 280 3.37 36.29 0.92
N GLY B 281 2.05 36.27 1.10
CA GLY B 281 1.42 37.14 2.08
C GLY B 281 1.84 36.81 3.49
N TRP B 282 2.19 35.55 3.75
CA TRP B 282 2.78 35.14 5.01
C TRP B 282 4.30 35.29 5.02
N GLY B 283 4.87 35.77 3.92
CA GLY B 283 6.30 35.97 3.83
C GLY B 283 7.12 34.72 3.59
N VAL B 284 6.60 33.74 2.85
CA VAL B 284 7.26 32.45 2.72
C VAL B 284 7.36 32.07 1.24
N ALA B 285 8.52 31.55 0.87
CA ALA B 285 8.74 31.01 -0.47
C ALA B 285 8.66 29.49 -0.39
N PRO B 286 7.59 28.87 -0.88
CA PRO B 286 7.56 27.42 -0.94
C PRO B 286 8.41 26.93 -2.10
N ASP B 287 8.62 25.61 -2.13
CA ASP B 287 9.40 24.97 -3.18
C ASP B 287 8.57 24.73 -4.44
N ILE B 288 7.28 24.48 -4.29
CA ILE B 288 6.37 24.14 -5.38
C ILE B 288 5.13 24.99 -5.25
N LEU B 289 4.64 25.49 -6.39
CA LEU B 289 3.37 26.21 -6.48
C LEU B 289 2.39 25.41 -7.33
N CYS B 290 1.18 25.23 -6.82
CA CYS B 290 0.08 24.66 -7.58
C CYS B 290 -0.90 25.78 -7.89
N LEU B 291 -1.20 25.99 -9.17
CA LEU B 291 -2.06 27.08 -9.60
C LEU B 291 -3.14 26.53 -10.51
N ALA B 292 -4.32 27.16 -10.44
CA ALA B 292 -5.42 26.86 -11.35
C ALA B 292 -6.49 27.92 -11.24
N LYS B 293 -7.75 27.53 -11.48
CA LYS B 293 -8.91 28.37 -11.23
C LYS B 293 -8.72 29.78 -11.80
N GLY B 294 -8.37 30.74 -10.92
CA GLY B 294 -8.22 32.12 -11.33
C GLY B 294 -7.16 32.36 -12.38
N ILE B 295 -6.27 31.38 -12.63
CA ILE B 295 -5.20 31.59 -13.61
C ILE B 295 -5.75 31.98 -14.97
N THR B 296 -6.90 31.42 -15.37
CA THR B 296 -7.57 31.84 -16.59
C THR B 296 -8.93 32.45 -16.31
N ALA B 297 -9.24 32.71 -15.04
CA ALA B 297 -10.56 33.22 -14.62
C ALA B 297 -11.70 32.31 -15.08
N GLY B 298 -11.42 31.01 -15.19
CA GLY B 298 -12.41 30.06 -15.64
C GLY B 298 -12.71 30.05 -17.13
N TYR B 299 -12.09 30.92 -17.93
CA TYR B 299 -12.52 31.03 -19.32
C TYR B 299 -12.14 29.80 -20.13
N ILE B 300 -10.96 29.24 -19.89
CA ILE B 300 -10.49 28.02 -20.54
C ILE B 300 -9.77 27.20 -19.48
N PRO B 301 -10.01 25.90 -19.38
CA PRO B 301 -9.35 25.09 -18.34
C PRO B 301 -7.84 25.17 -18.42
N LEU B 302 -7.21 25.56 -17.33
CA LEU B 302 -5.75 25.54 -17.26
C LEU B 302 -5.29 25.31 -15.83
N GLY B 303 -4.23 24.52 -15.69
CA GLY B 303 -3.54 24.37 -14.44
C GLY B 303 -2.05 24.53 -14.66
N ALA B 304 -1.34 24.82 -13.58
CA ALA B 304 0.11 24.91 -13.68
C ALA B 304 0.76 24.53 -12.35
N THR B 305 1.87 23.79 -12.45
CA THR B 305 2.71 23.50 -11.30
C THR B 305 4.09 24.08 -11.54
N LEU B 306 4.53 24.96 -10.65
CA LEU B 306 5.84 25.61 -10.74
C LEU B 306 6.81 24.99 -9.74
N PHE B 307 8.08 24.90 -10.13
CA PHE B 307 9.14 24.33 -9.33
C PHE B 307 10.27 25.33 -9.21
N ASN B 308 10.91 25.39 -8.04
CA ASN B 308 11.98 26.35 -7.85
C ASN B 308 13.28 25.83 -8.46
N GLN B 309 14.32 26.67 -8.40
CA GLN B 309 15.62 26.32 -8.98
C GLN B 309 16.19 25.07 -8.36
N ARG B 310 16.08 24.92 -7.04
CA ARG B 310 16.55 23.72 -6.35
C ARG B 310 16.08 22.46 -7.06
N ILE B 311 14.76 22.31 -7.21
CA ILE B 311 14.21 21.12 -7.85
C ILE B 311 14.62 21.04 -9.32
N ALA B 312 14.56 22.17 -10.03
CA ALA B 312 14.88 22.18 -11.46
C ALA B 312 16.30 21.70 -11.71
N ASP B 313 17.26 22.22 -10.95
CA ASP B 313 18.66 21.84 -11.16
C ASP B 313 18.87 20.34 -10.91
N ALA B 314 18.27 19.82 -9.84
CA ALA B 314 18.46 18.40 -9.51
C ALA B 314 17.90 17.49 -10.58
N ILE B 315 16.71 17.79 -11.10
CA ILE B 315 16.07 16.90 -12.07
C ILE B 315 16.81 16.96 -13.40
N GLU B 316 17.11 18.17 -13.87
CA GLU B 316 17.80 18.34 -15.14
C GLU B 316 19.24 17.83 -15.09
N ASN B 317 19.84 17.74 -13.91
CA ASN B 317 21.17 17.18 -13.74
C ASN B 317 21.14 15.73 -13.29
N GLY B 318 19.97 15.10 -13.25
CA GLY B 318 19.89 13.73 -12.80
C GLY B 318 20.59 12.77 -13.74
N GLN B 319 21.17 11.71 -13.17
CA GLN B 319 21.89 10.74 -13.97
C GLN B 319 20.93 9.74 -14.61
N GLY B 320 21.27 9.33 -15.83
CA GLY B 320 20.51 8.29 -16.53
C GLY B 320 19.05 8.63 -16.70
N PHE B 321 18.17 7.69 -16.38
CA PHE B 321 16.75 7.86 -16.63
C PHE B 321 16.13 8.92 -15.74
N SER B 322 16.83 9.36 -14.69
CA SER B 322 16.24 10.25 -13.69
C SER B 322 15.96 11.65 -14.20
N HIS B 323 16.52 12.06 -15.35
CA HIS B 323 16.23 13.36 -15.95
C HIS B 323 15.19 13.29 -17.06
N MET B 324 14.67 12.10 -17.34
CA MET B 324 13.54 11.92 -18.26
C MET B 324 12.24 12.20 -17.52
N ILE B 325 11.47 13.18 -17.97
CA ILE B 325 10.22 13.52 -17.29
C ILE B 325 9.09 12.85 -18.05
N MET B 326 8.64 11.71 -17.56
CA MET B 326 7.55 10.97 -18.20
C MET B 326 6.22 11.29 -17.55
N HIS B 327 5.92 12.58 -17.44
CA HIS B 327 4.69 13.07 -16.85
C HIS B 327 4.21 14.29 -17.63
N GLY B 328 2.93 14.31 -17.95
CA GLY B 328 2.35 15.44 -18.64
C GLY B 328 1.12 15.00 -19.39
N TYR B 329 0.47 15.98 -20.02
CA TYR B 329 -0.88 15.82 -20.54
C TYR B 329 -0.95 16.29 -21.98
N THR B 330 -1.85 15.66 -22.73
CA THR B 330 -2.13 16.08 -24.11
C THR B 330 -2.37 17.58 -24.21
N TYR B 331 -3.02 18.16 -23.20
CA TYR B 331 -3.35 19.57 -23.20
C TYR B 331 -2.40 20.39 -22.32
N SER B 332 -1.29 19.80 -21.89
CA SER B 332 -0.22 20.58 -21.28
C SER B 332 0.20 21.69 -22.23
N GLY B 333 0.08 22.94 -21.77
CA GLY B 333 0.47 24.05 -22.61
C GLY B 333 -0.48 24.40 -23.72
N HIS B 334 -1.77 24.06 -23.59
CA HIS B 334 -2.76 24.34 -24.60
C HIS B 334 -2.70 25.82 -25.02
N PRO B 335 -2.52 26.11 -26.31
CA PRO B 335 -2.29 27.51 -26.72
C PRO B 335 -3.44 28.45 -26.41
N THR B 336 -4.68 28.03 -26.68
CA THR B 336 -5.82 28.91 -26.43
C THR B 336 -5.97 29.19 -24.94
N ALA B 337 -5.75 28.17 -24.10
CA ALA B 337 -5.77 28.37 -22.65
C ALA B 337 -4.68 29.35 -22.23
N CYS B 338 -3.48 29.22 -22.79
CA CYS B 338 -2.40 30.15 -22.46
C CYS B 338 -2.72 31.56 -22.92
N ALA B 339 -3.19 31.72 -24.16
CA ALA B 339 -3.61 33.03 -24.66
C ALA B 339 -4.58 33.69 -23.69
N ALA B 340 -5.61 32.96 -23.23
CA ALA B 340 -6.55 33.52 -22.27
C ALA B 340 -5.87 33.87 -20.94
N ALA B 341 -4.98 32.99 -20.48
CA ALA B 341 -4.26 33.22 -19.23
C ALA B 341 -3.48 34.53 -19.29
N LEU B 342 -2.77 34.77 -20.40
CA LEU B 342 -2.01 36.01 -20.54
C LEU B 342 -2.93 37.23 -20.47
N ALA B 343 -4.09 37.16 -21.11
CA ALA B 343 -5.02 38.29 -21.09
C ALA B 343 -5.58 38.54 -19.70
N VAL B 344 -5.82 37.49 -18.93
CA VAL B 344 -6.36 37.63 -17.58
C VAL B 344 -5.31 38.22 -16.63
N LEU B 345 -4.06 37.74 -16.72
CA LEU B 345 -3.01 38.24 -15.84
C LEU B 345 -2.77 39.74 -16.05
N ASP B 346 -2.93 40.23 -17.28
CA ASP B 346 -2.85 41.67 -17.52
C ASP B 346 -3.88 42.41 -16.67
N ILE B 347 -5.13 41.94 -16.68
CA ILE B 347 -6.19 42.57 -15.90
C ILE B 347 -5.92 42.48 -14.41
N VAL B 348 -5.44 41.31 -13.95
CA VAL B 348 -5.24 41.13 -12.51
C VAL B 348 -4.26 42.16 -11.97
N GLU B 349 -3.13 42.35 -12.67
CA GLU B 349 -2.12 43.30 -12.23
C GLU B 349 -2.53 44.74 -12.51
N ALA B 350 -3.12 45.00 -13.67
CA ALA B 350 -3.50 46.37 -14.01
C ALA B 350 -4.55 46.89 -13.06
N GLU B 351 -5.52 46.05 -12.69
CA GLU B 351 -6.62 46.49 -11.85
C GLU B 351 -6.35 46.24 -10.39
N ASP B 352 -5.10 45.94 -10.03
CA ASP B 352 -4.68 45.55 -8.69
C ASP B 352 -5.79 44.77 -7.99
N LEU B 353 -6.15 43.61 -8.54
CA LEU B 353 -7.20 42.82 -7.93
C LEU B 353 -6.81 42.25 -6.57
N PRO B 354 -5.54 41.91 -6.29
CA PRO B 354 -5.23 41.50 -4.91
C PRO B 354 -5.52 42.58 -3.89
N GLY B 355 -5.25 43.84 -4.22
CA GLY B 355 -5.57 44.93 -3.30
C GLY B 355 -7.06 45.17 -3.16
N ASN B 356 -7.81 45.08 -4.25
CA ASN B 356 -9.25 45.26 -4.14
C ASN B 356 -9.85 44.19 -3.24
N ALA B 357 -9.35 42.96 -3.34
CA ALA B 357 -9.82 41.88 -2.48
C ALA B 357 -9.49 42.15 -1.01
N ALA B 358 -8.27 42.61 -0.73
CA ALA B 358 -7.87 42.90 0.64
C ALA B 358 -8.77 43.97 1.27
N LYS B 359 -9.08 45.04 0.52
CA LYS B 359 -9.81 46.17 1.07
C LYS B 359 -11.31 45.87 1.16
N VAL B 360 -11.91 45.38 0.08
CA VAL B 360 -13.33 45.09 0.09
C VAL B 360 -13.63 43.84 0.90
N GLY B 361 -12.72 42.87 0.91
CA GLY B 361 -12.87 41.71 1.77
C GLY B 361 -12.95 42.08 3.24
N ALA B 362 -12.00 42.92 3.70
CA ALA B 362 -12.05 43.39 5.07
C ALA B 362 -13.37 44.09 5.36
N GLN B 363 -13.72 45.08 4.52
CA GLN B 363 -14.99 45.77 4.61
C GLN B 363 -16.17 44.80 4.72
N LEU B 364 -16.21 43.81 3.83
CA LEU B 364 -17.30 42.84 3.84
C LEU B 364 -17.31 42.03 5.14
N LEU B 365 -16.11 41.59 5.60
CA LEU B 365 -16.04 40.82 6.84
C LEU B 365 -16.56 41.62 8.03
N GLU B 366 -16.18 42.89 8.12
CA GLU B 366 -16.68 43.76 9.18
C GLU B 366 -18.20 43.87 9.14
N GLN B 367 -18.76 44.10 7.94
CA GLN B 367 -20.20 44.27 7.78
C GLN B 367 -20.99 42.99 8.04
N LEU B 368 -20.32 41.83 8.02
CA LEU B 368 -20.99 40.56 8.30
C LEU B 368 -21.04 40.25 9.79
N GLN B 369 -20.29 41.00 10.60
CA GLN B 369 -20.27 40.77 12.05
C GLN B 369 -21.64 40.94 12.70
N PRO B 370 -22.47 41.94 12.36
CA PRO B 370 -23.79 42.02 13.00
C PRO B 370 -24.66 40.80 12.77
N LEU B 371 -24.43 40.03 11.70
CA LEU B 371 -25.16 38.78 11.53
C LEU B 371 -24.86 37.80 12.66
N VAL B 372 -23.58 37.73 13.06
CA VAL B 372 -23.17 36.82 14.12
C VAL B 372 -23.91 37.15 15.42
N GLU B 373 -24.04 38.44 15.72
CA GLU B 373 -24.70 38.88 16.95
C GLU B 373 -26.17 38.47 16.96
N ARG B 374 -26.79 38.40 15.78
CA ARG B 374 -28.23 38.40 15.66
C ARG B 374 -28.83 37.01 15.55
N TYR B 375 -28.09 36.05 15.02
CA TYR B 375 -28.61 34.72 14.71
C TYR B 375 -27.79 33.68 15.46
N ALA B 376 -28.47 32.94 16.34
CA ALA B 376 -27.83 31.87 17.10
C ALA B 376 -27.09 30.88 16.22
N VAL B 377 -27.64 30.58 15.03
CA VAL B 377 -27.06 29.55 14.19
C VAL B 377 -25.70 29.95 13.62
N VAL B 378 -25.36 31.24 13.62
CA VAL B 378 -24.05 31.69 13.14
C VAL B 378 -23.07 31.57 14.29
N GLY B 379 -22.15 30.61 14.19
CA GLY B 379 -21.12 30.42 15.21
C GLY B 379 -20.03 31.47 15.12
N GLU B 380 -19.43 31.61 13.94
CA GLU B 380 -18.51 32.71 13.67
C GLU B 380 -18.41 32.94 12.17
N VAL B 381 -17.84 34.09 11.82
CA VAL B 381 -17.52 34.43 10.44
C VAL B 381 -16.04 34.79 10.39
N ARG B 382 -15.31 34.14 9.50
CA ARG B 382 -13.88 34.38 9.34
C ARG B 382 -13.56 34.55 7.85
N GLY B 383 -12.40 35.12 7.57
CA GLY B 383 -12.03 35.38 6.20
C GLY B 383 -10.72 36.11 6.11
N LYS B 384 -10.24 36.23 4.89
CA LYS B 384 -9.05 37.03 4.61
C LYS B 384 -9.15 37.40 3.14
N GLY B 385 -9.22 38.69 2.83
CA GLY B 385 -9.57 39.06 1.48
C GLY B 385 -10.99 38.62 1.14
N LEU B 386 -11.18 38.14 -0.09
CA LEU B 386 -12.53 37.77 -0.54
C LEU B 386 -12.78 36.28 -0.56
N MET B 387 -12.26 35.56 0.43
CA MET B 387 -12.76 34.24 0.77
C MET B 387 -13.21 34.32 2.22
N ILE B 388 -14.50 34.07 2.43
CA ILE B 388 -15.13 34.24 3.73
C ILE B 388 -16.09 33.09 3.93
N ALA B 389 -16.17 32.61 5.17
CA ALA B 389 -17.11 31.56 5.52
C ALA B 389 -17.88 31.96 6.77
N LEU B 390 -19.18 31.67 6.75
CA LEU B 390 -20.03 31.75 7.93
C LEU B 390 -20.20 30.33 8.45
N ASP B 391 -19.73 30.09 9.68
CA ASP B 391 -19.68 28.76 10.28
C ASP B 391 -20.96 28.53 11.08
N LEU B 392 -21.82 27.63 10.61
CA LEU B 392 -23.13 27.39 11.22
C LEU B 392 -23.09 26.24 12.21
N VAL B 393 -23.60 26.49 13.42
CA VAL B 393 -23.54 25.53 14.50
C VAL B 393 -24.95 25.26 15.02
N SER B 394 -25.10 24.12 15.66
CA SER B 394 -26.35 23.82 16.34
C SER B 394 -26.39 24.36 17.76
N ASP B 395 -25.23 24.59 18.36
CA ASP B 395 -25.06 24.98 19.75
C ASP B 395 -23.83 25.89 19.87
N LYS B 396 -24.00 27.08 20.48
CA LYS B 396 -22.91 28.06 20.53
C LYS B 396 -21.77 27.62 21.44
N ARG B 397 -22.07 26.90 22.52
CA ARG B 397 -21.04 26.50 23.46
C ARG B 397 -20.17 25.35 22.95
N THR B 398 -20.77 24.33 22.35
CA THR B 398 -19.99 23.20 21.86
C THR B 398 -19.44 23.37 20.45
N ARG B 399 -19.78 24.47 19.76
CA ARG B 399 -19.35 24.71 18.38
C ARG B 399 -19.68 23.53 17.47
N GLN B 400 -20.71 22.76 17.80
CA GLN B 400 -21.05 21.60 16.98
C GLN B 400 -21.54 22.05 15.60
N PRO B 401 -20.93 21.60 14.52
CA PRO B 401 -21.41 22.01 13.20
C PRO B 401 -22.83 21.54 12.97
N LEU B 402 -23.58 22.35 12.24
CA LEU B 402 -24.84 21.92 11.66
C LEU B 402 -24.62 20.67 10.81
N ASP B 403 -25.61 19.81 10.76
CA ASP B 403 -25.56 18.66 9.86
C ASP B 403 -26.04 19.08 8.49
N PRO B 404 -25.22 18.94 7.44
CA PRO B 404 -25.69 19.31 6.08
C PRO B 404 -26.82 18.45 5.59
N ALA B 405 -26.87 17.17 5.99
CA ALA B 405 -27.93 16.28 5.53
C ALA B 405 -29.31 16.73 5.98
N ALA B 406 -29.40 17.52 7.06
CA ALA B 406 -30.66 18.13 7.45
C ALA B 406 -31.09 19.24 6.49
N GLY B 407 -30.17 19.78 5.70
CA GLY B 407 -30.53 20.70 4.63
C GLY B 407 -30.71 22.16 5.01
N GLN B 408 -30.43 22.56 6.26
CA GLN B 408 -30.61 23.95 6.62
C GLN B 408 -29.62 24.88 5.90
N PRO B 409 -28.33 24.52 5.79
CA PRO B 409 -27.42 25.40 5.04
C PRO B 409 -27.85 25.63 3.61
N SER B 410 -28.42 24.60 2.97
CA SER B 410 -28.93 24.75 1.61
C SER B 410 -30.18 25.65 1.57
N ARG B 411 -31.07 25.51 2.56
CA ARG B 411 -32.28 26.36 2.59
C ARG B 411 -31.93 27.82 2.80
N ILE B 412 -30.94 28.09 3.67
CA ILE B 412 -30.45 29.45 3.84
C ILE B 412 -29.91 29.99 2.51
N ALA B 413 -29.12 29.17 1.82
CA ALA B 413 -28.58 29.58 0.52
C ALA B 413 -29.70 29.85 -0.48
N ASP B 414 -30.73 29.02 -0.50
CA ASP B 414 -31.83 29.20 -1.44
C ASP B 414 -32.51 30.55 -1.27
N GLU B 415 -32.76 30.97 -0.03
CA GLU B 415 -33.41 32.26 0.17
C GLU B 415 -32.49 33.42 -0.20
N ALA B 416 -31.19 33.28 0.10
CA ALA B 416 -30.21 34.27 -0.35
C ALA B 416 -30.29 34.46 -1.87
N ARG B 417 -30.39 33.37 -2.62
CA ARG B 417 -30.57 33.48 -4.07
C ARG B 417 -31.86 34.20 -4.41
N ARG B 418 -32.96 33.82 -3.75
CA ARG B 418 -34.23 34.50 -3.97
C ARG B 418 -34.10 36.00 -3.72
N ALA B 419 -33.21 36.39 -2.81
CA ALA B 419 -32.92 37.80 -2.57
C ALA B 419 -31.87 38.36 -3.54
N GLY B 420 -31.43 37.56 -4.51
CA GLY B 420 -30.61 38.06 -5.59
C GLY B 420 -29.12 37.81 -5.48
N VAL B 421 -28.67 36.91 -4.60
CA VAL B 421 -27.25 36.66 -4.40
C VAL B 421 -27.02 35.16 -4.27
N LEU B 422 -26.22 34.58 -5.16
CA LEU B 422 -25.90 33.15 -5.14
C LEU B 422 -24.68 32.89 -4.25
N VAL B 423 -24.87 32.08 -3.22
CA VAL B 423 -23.79 31.69 -2.31
C VAL B 423 -23.70 30.17 -2.27
N ARG B 424 -22.66 29.68 -1.60
CA ARG B 424 -22.27 28.26 -1.70
C ARG B 424 -22.26 27.58 -0.33
N PRO B 425 -23.16 26.63 -0.09
CA PRO B 425 -23.02 25.79 1.12
C PRO B 425 -22.04 24.65 0.86
N ILE B 426 -21.06 24.52 1.75
CA ILE B 426 -20.17 23.36 1.79
C ILE B 426 -20.24 22.81 3.21
N GLY B 427 -20.86 21.65 3.36
CA GLY B 427 -21.06 21.13 4.69
C GLY B 427 -21.91 22.08 5.51
N ASN B 428 -21.36 22.56 6.62
CA ASN B 428 -22.06 23.44 7.53
C ASN B 428 -21.66 24.89 7.40
N LYS B 429 -20.95 25.25 6.34
CA LYS B 429 -20.39 26.59 6.22
C LYS B 429 -20.81 27.20 4.90
N ILE B 430 -21.25 28.45 4.96
CA ILE B 430 -21.60 29.19 3.76
C ILE B 430 -20.37 29.94 3.30
N ILE B 431 -19.94 29.65 2.07
CA ILE B 431 -18.74 30.24 1.49
C ILE B 431 -19.14 31.44 0.65
N LEU B 432 -18.47 32.55 0.85
CA LEU B 432 -18.58 33.72 -0.01
C LEU B 432 -17.26 33.87 -0.73
N SER B 433 -17.30 33.85 -2.05
CA SER B 433 -16.04 34.00 -2.77
C SER B 433 -16.29 34.67 -4.12
N PRO B 434 -16.75 35.92 -4.13
CA PRO B 434 -17.17 36.56 -5.38
C PRO B 434 -15.97 36.96 -6.21
N PRO B 435 -16.19 37.47 -7.43
CA PRO B 435 -15.04 37.97 -8.22
C PRO B 435 -14.27 39.03 -7.44
N LEU B 436 -12.98 39.11 -7.75
CA LEU B 436 -12.08 40.05 -7.06
C LEU B 436 -12.31 41.50 -7.47
N THR B 437 -13.14 41.75 -8.49
CA THR B 437 -13.59 43.08 -8.86
C THR B 437 -14.77 43.60 -8.04
N LEU B 438 -15.19 42.86 -7.02
CA LEU B 438 -16.35 43.24 -6.22
C LEU B 438 -16.24 44.70 -5.75
N THR B 439 -17.37 45.42 -5.83
CA THR B 439 -17.49 46.81 -5.40
C THR B 439 -18.14 46.89 -4.03
N ARG B 440 -17.87 47.99 -3.32
CA ARG B 440 -18.47 48.21 -2.00
C ARG B 440 -19.99 48.05 -2.05
N ASP B 441 -20.62 48.52 -3.11
CA ASP B 441 -22.07 48.37 -3.25
C ASP B 441 -22.48 46.91 -3.29
N GLU B 442 -21.78 46.11 -4.10
CA GLU B 442 -22.11 44.70 -4.18
C GLU B 442 -21.82 43.98 -2.87
N ALA B 443 -20.77 44.38 -2.15
CA ALA B 443 -20.50 43.79 -0.84
C ALA B 443 -21.66 44.04 0.12
N GLY B 444 -22.21 45.25 0.11
CA GLY B 444 -23.39 45.53 0.92
C GLY B 444 -24.59 44.72 0.47
N LEU B 445 -24.75 44.54 -0.84
CA LEU B 445 -25.82 43.70 -1.35
C LEU B 445 -25.70 42.27 -0.81
N MET B 446 -24.49 41.75 -0.71
CA MET B 446 -24.33 40.40 -0.17
C MET B 446 -24.74 40.36 1.30
N VAL B 447 -24.37 41.37 2.08
CA VAL B 447 -24.82 41.43 3.47
C VAL B 447 -26.34 41.49 3.55
N SER B 448 -26.95 42.35 2.73
CA SER B 448 -28.39 42.51 2.77
C SER B 448 -29.11 41.20 2.44
N ALA B 449 -28.61 40.46 1.45
CA ALA B 449 -29.29 39.23 1.05
C ALA B 449 -29.12 38.13 2.09
N LEU B 450 -27.96 38.06 2.74
CA LEU B 450 -27.77 37.07 3.80
C LEU B 450 -28.61 37.38 5.02
N GLU B 451 -28.66 38.65 5.42
CA GLU B 451 -29.54 39.06 6.51
C GLU B 451 -30.98 38.63 6.26
N ALA B 452 -31.47 38.82 5.02
CA ALA B 452 -32.78 38.33 4.65
C ALA B 452 -32.86 36.81 4.71
N ALA B 453 -31.83 36.11 4.26
CA ALA B 453 -31.87 34.65 4.25
C ALA B 453 -31.95 34.09 5.66
N PHE B 454 -31.22 34.68 6.61
CA PHE B 454 -31.25 34.15 7.98
C PHE B 454 -32.53 34.55 8.73
N ALA B 455 -33.11 35.70 8.40
CA ALA B 455 -34.41 36.04 8.97
C ALA B 455 -35.47 35.03 8.57
N ARG B 456 -35.37 34.50 7.35
CA ARG B 456 -36.33 33.51 6.89
C ARG B 456 -35.97 32.11 7.38
N CYS B 457 -34.72 31.70 7.19
CA CYS B 457 -34.36 30.28 7.33
C CYS B 457 -33.31 30.02 8.40
N GLY B 458 -32.99 31.00 9.24
CA GLY B 458 -31.97 30.82 10.26
C GLY B 458 -32.43 30.06 11.49
N GLU C 12 -8.45 -43.16 27.84
CA GLU C 12 -8.68 -41.72 27.69
C GLU C 12 -10.03 -41.41 27.06
N LYS C 13 -10.52 -40.21 27.32
CA LYS C 13 -11.79 -39.72 26.80
C LYS C 13 -11.60 -38.38 26.09
N TYR C 14 -10.67 -38.34 25.13
CA TYR C 14 -10.54 -37.19 24.26
C TYR C 14 -11.43 -37.29 23.01
N LYS C 15 -12.10 -38.43 22.81
CA LYS C 15 -12.88 -38.65 21.60
C LYS C 15 -14.13 -37.76 21.58
N ASN C 16 -14.85 -37.66 22.70
CA ASN C 16 -15.99 -36.76 22.78
C ASN C 16 -15.60 -35.35 23.22
N ALA C 17 -14.33 -35.13 23.54
CA ALA C 17 -13.89 -33.89 24.17
C ALA C 17 -14.25 -32.67 23.34
N GLU C 18 -14.44 -31.55 24.04
CA GLU C 18 -14.73 -30.27 23.42
C GLU C 18 -13.46 -29.67 22.82
N LYS C 19 -13.61 -29.08 21.63
CA LYS C 19 -12.47 -28.58 20.87
C LYS C 19 -12.49 -27.05 20.96
N LYS C 20 -11.60 -26.50 21.77
CA LYS C 20 -11.55 -25.06 21.99
C LYS C 20 -10.43 -24.38 21.20
N PHE C 21 -9.76 -25.10 20.30
CA PHE C 21 -8.76 -24.52 19.42
C PHE C 21 -9.18 -24.72 17.97
N TRP C 22 -8.57 -23.93 17.09
CA TRP C 22 -8.80 -23.97 15.65
C TRP C 22 -7.67 -24.67 14.93
N HIS C 23 -8.01 -25.63 14.07
CA HIS C 23 -7.04 -26.30 13.21
C HIS C 23 -6.52 -25.36 12.13
N PRO C 24 -5.21 -25.17 12.02
CA PRO C 24 -4.67 -24.44 10.85
C PRO C 24 -4.98 -25.21 9.58
N MET C 25 -5.24 -24.43 8.50
CA MET C 25 -5.39 -24.96 7.14
C MET C 25 -6.62 -25.85 6.98
N GLY C 26 -7.68 -25.56 7.74
CA GLY C 26 -8.90 -26.35 7.64
C GLY C 26 -10.16 -25.55 7.86
N SER C 27 -11.26 -26.13 7.39
CA SER C 27 -12.59 -25.53 7.60
C SER C 27 -12.92 -25.51 9.07
N SER C 28 -13.34 -24.34 9.56
CA SER C 28 -13.81 -24.23 10.93
C SER C 28 -15.31 -24.48 11.05
N ALA C 29 -15.95 -24.88 9.96
CA ALA C 29 -17.38 -25.10 9.99
C ALA C 29 -17.72 -26.49 10.52
N ALA C 30 -18.84 -26.57 11.24
CA ALA C 30 -19.41 -27.86 11.58
C ALA C 30 -20.13 -28.46 10.37
N PRO C 31 -20.14 -29.79 10.23
CA PRO C 31 -19.64 -30.76 11.22
C PRO C 31 -18.18 -31.15 11.04
N HIS C 32 -17.55 -30.65 9.98
CA HIS C 32 -16.16 -31.01 9.71
C HIS C 32 -15.26 -30.69 10.90
N ARG C 33 -15.57 -29.62 11.62
CA ARG C 33 -14.69 -29.17 12.71
C ARG C 33 -14.57 -30.19 13.85
N ASP C 34 -15.62 -30.98 14.13
CA ASP C 34 -15.61 -31.83 15.32
C ASP C 34 -14.90 -33.17 15.11
N LYS C 35 -14.37 -33.44 13.92
CA LYS C 35 -13.69 -34.70 13.64
C LYS C 35 -12.20 -34.55 13.91
N THR C 36 -11.62 -35.50 14.65
CA THR C 36 -10.21 -35.38 15.04
C THR C 36 -9.51 -36.72 15.00
N LEU C 37 -8.33 -36.74 14.37
CA LEU C 37 -7.34 -37.80 14.58
C LEU C 37 -6.36 -37.32 15.63
N VAL C 38 -6.45 -37.86 16.84
CA VAL C 38 -5.66 -37.42 17.99
C VAL C 38 -4.48 -38.36 18.17
N ILE C 39 -3.28 -37.86 17.87
CA ILE C 39 -2.05 -38.64 18.00
C ILE C 39 -1.57 -38.58 19.44
N ALA C 40 -1.38 -39.74 20.06
CA ALA C 40 -0.99 -39.80 21.46
C ALA C 40 0.51 -39.91 21.68
N ARG C 41 1.20 -40.76 20.92
CA ARG C 41 2.57 -41.13 21.22
C ARG C 41 3.37 -41.34 19.95
N GLY C 42 4.69 -41.11 20.04
CA GLY C 42 5.59 -41.35 18.93
C GLY C 42 6.89 -42.04 19.30
N ASP C 43 7.31 -42.99 18.46
CA ASP C 43 8.58 -43.68 18.64
C ASP C 43 9.12 -44.06 17.26
N GLY C 44 10.34 -43.68 16.97
CA GLY C 44 10.88 -43.98 15.66
C GLY C 44 10.10 -43.27 14.60
N ASN C 45 9.67 -44.01 13.58
CA ASN C 45 8.86 -43.45 12.50
C ASN C 45 7.38 -43.86 12.61
N TYR C 46 6.94 -44.23 13.80
CA TYR C 46 5.56 -44.68 14.01
C TYR C 46 4.88 -43.76 15.01
N ILE C 47 3.58 -43.55 14.80
CA ILE C 47 2.75 -42.79 15.71
C ILE C 47 1.50 -43.60 16.01
N THR C 48 0.92 -43.34 17.18
CA THR C 48 -0.24 -44.08 17.65
C THR C 48 -1.30 -43.10 18.10
N ASP C 49 -2.55 -43.33 17.70
CA ASP C 49 -3.62 -42.42 18.07
C ASP C 49 -4.28 -42.84 19.37
N ILE C 50 -5.26 -42.06 19.83
CA ILE C 50 -5.92 -42.36 21.09
C ILE C 50 -6.75 -43.64 21.05
N ASP C 51 -7.00 -44.20 19.87
CA ASP C 51 -7.67 -45.48 19.75
C ASP C 51 -6.69 -46.65 19.64
N GLY C 52 -5.40 -46.41 19.91
CA GLY C 52 -4.38 -47.44 19.86
C GLY C 52 -3.97 -47.92 18.48
N GLN C 53 -4.41 -47.25 17.42
CA GLN C 53 -4.05 -47.64 16.06
C GLN C 53 -2.69 -47.03 15.71
N ARG C 54 -1.73 -47.89 15.37
CA ARG C 54 -0.40 -47.47 14.95
C ARG C 54 -0.36 -47.24 13.45
N MET C 55 0.43 -46.26 13.04
CA MET C 55 0.62 -46.03 11.61
C MET C 55 2.01 -45.45 11.38
N LEU C 56 2.56 -45.76 10.22
CA LEU C 56 3.80 -45.12 9.80
C LEU C 56 3.55 -43.63 9.65
N ASP C 57 4.50 -42.83 10.12
CA ASP C 57 4.39 -41.37 10.04
C ASP C 57 4.89 -40.92 8.67
N GLY C 58 4.08 -41.20 7.66
CA GLY C 58 4.44 -40.88 6.29
C GLY C 58 4.56 -39.40 5.99
N VAL C 59 4.12 -38.54 6.91
CA VAL C 59 4.26 -37.08 6.76
C VAL C 59 5.38 -36.48 7.61
N GLY C 60 5.94 -37.23 8.55
CA GLY C 60 7.03 -36.71 9.36
C GLY C 60 6.64 -35.55 10.26
N GLY C 61 5.47 -35.64 10.88
CA GLY C 61 4.94 -34.50 11.62
C GLY C 61 4.41 -33.50 10.63
N LEU C 62 5.26 -32.56 10.20
CA LEU C 62 4.98 -31.65 9.09
C LEU C 62 6.31 -31.42 8.38
N TRP C 63 6.74 -32.42 7.61
CA TRP C 63 8.12 -32.58 7.17
C TRP C 63 9.12 -31.91 8.10
N ASN C 64 9.17 -32.35 9.36
CA ASN C 64 10.14 -31.77 10.30
C ASN C 64 10.72 -32.74 11.31
N VAL C 65 10.08 -33.87 11.61
CA VAL C 65 10.64 -34.83 12.56
C VAL C 65 11.56 -35.76 11.78
N ASN C 66 12.66 -35.20 11.30
CA ASN C 66 13.49 -35.82 10.28
C ASN C 66 14.41 -36.90 10.85
N ILE C 67 14.68 -36.90 12.16
CA ILE C 67 15.45 -37.95 12.81
C ILE C 67 14.58 -39.00 13.49
N GLY C 68 13.26 -38.84 13.47
CA GLY C 68 12.40 -39.78 14.17
C GLY C 68 12.03 -39.29 15.57
N HIS C 69 10.94 -39.85 16.08
CA HIS C 69 10.43 -39.51 17.40
C HIS C 69 11.23 -40.18 18.50
N ASN C 70 11.25 -39.52 19.67
CA ASN C 70 11.70 -40.12 20.91
C ASN C 70 13.19 -40.46 20.87
N ARG C 71 13.99 -39.62 20.21
CA ARG C 71 15.43 -39.83 20.18
C ARG C 71 16.03 -39.47 21.54
N ALA C 72 16.72 -40.43 22.15
CA ALA C 72 17.20 -40.27 23.52
C ALA C 72 18.19 -39.12 23.62
N SER C 73 19.16 -39.06 22.70
CA SER C 73 20.19 -38.05 22.76
C SER C 73 19.61 -36.63 22.77
N VAL C 74 18.61 -36.36 21.94
CA VAL C 74 18.00 -35.03 21.90
C VAL C 74 17.30 -34.71 23.22
N LYS C 75 16.53 -35.67 23.75
CA LYS C 75 15.88 -35.45 25.04
C LYS C 75 16.88 -35.15 26.15
N ALA C 76 18.01 -35.86 26.15
CA ALA C 76 19.04 -35.63 27.17
C ALA C 76 19.66 -34.24 27.03
N ALA C 77 19.91 -33.81 25.79
CA ALA C 77 20.43 -32.47 25.56
C ALA C 77 19.45 -31.41 26.08
N ILE C 78 18.15 -31.66 25.91
CA ILE C 78 17.14 -30.73 26.42
C ILE C 78 17.17 -30.68 27.94
N ALA C 79 17.18 -31.84 28.59
CA ALA C 79 17.21 -31.89 30.05
C ALA C 79 18.46 -31.22 30.61
N ALA C 80 19.62 -31.51 30.03
CA ALA C 80 20.86 -30.92 30.49
C ALA C 80 20.76 -29.40 30.50
N GLN C 81 20.22 -28.82 29.42
CA GLN C 81 20.13 -27.37 29.32
C GLN C 81 19.12 -26.80 30.32
N LEU C 82 18.00 -27.50 30.54
CA LEU C 82 17.01 -27.02 31.50
C LEU C 82 17.61 -26.86 32.90
N ASP C 83 18.48 -27.79 33.30
CA ASP C 83 19.11 -27.72 34.61
C ASP C 83 20.06 -26.52 34.72
N GLU C 84 20.69 -26.13 33.63
CA GLU C 84 21.65 -25.02 33.67
C GLU C 84 20.96 -23.69 33.49
N LEU C 85 20.30 -23.49 32.35
CA LEU C 85 19.62 -22.23 32.04
C LEU C 85 18.63 -22.54 30.91
N ALA C 86 17.36 -22.72 31.26
CA ALA C 86 16.35 -22.97 30.25
C ALA C 86 16.24 -21.81 29.28
N TYR C 87 16.18 -20.59 29.80
CA TYR C 87 16.03 -19.42 28.95
C TYR C 87 16.73 -18.23 29.58
N TYR C 88 17.47 -17.48 28.75
CA TYR C 88 17.70 -16.06 28.98
C TYR C 88 17.72 -15.37 27.63
N GLN C 89 17.57 -14.04 27.66
CA GLN C 89 17.52 -13.22 26.45
C GLN C 89 18.89 -13.08 25.82
N THR C 90 18.89 -12.68 24.53
CA THR C 90 20.10 -12.32 23.80
C THR C 90 19.99 -10.92 23.21
N PHE C 91 19.19 -10.05 23.83
CA PHE C 91 19.09 -8.68 23.37
C PHE C 91 20.39 -7.93 23.67
N ASP C 92 20.55 -6.79 22.99
N ASP C 92 20.49 -6.72 23.10
CA ASP C 92 21.71 -5.89 23.02
CA ASP C 92 21.73 -5.94 23.00
C ASP C 92 22.74 -6.14 24.12
C ASP C 92 22.73 -6.22 24.12
N GLY C 93 23.91 -6.69 23.76
CA GLY C 93 24.98 -6.89 24.71
C GLY C 93 24.83 -8.05 25.68
N ILE C 94 23.76 -8.83 25.59
CA ILE C 94 23.52 -9.94 26.51
C ILE C 94 23.33 -11.20 25.69
N ALA C 95 23.89 -12.31 26.17
CA ALA C 95 23.74 -13.60 25.50
C ALA C 95 23.99 -14.71 26.52
N HIS C 96 24.29 -15.91 26.02
CA HIS C 96 24.49 -17.10 26.83
C HIS C 96 25.26 -18.11 25.98
N PRO C 97 25.84 -19.14 26.60
CA PRO C 97 26.75 -20.04 25.85
C PRO C 97 26.14 -20.73 24.62
N ARG C 98 24.90 -21.22 24.72
CA ARG C 98 24.37 -22.07 23.67
C ARG C 98 24.19 -21.29 22.35
N VAL C 99 23.79 -20.03 22.44
CA VAL C 99 23.58 -19.28 21.20
C VAL C 99 24.92 -19.06 20.49
N PHE C 100 26.00 -18.90 21.25
CA PHE C 100 27.34 -18.92 20.64
C PHE C 100 27.59 -20.23 19.90
N ASP C 101 27.35 -21.37 20.56
CA ASP C 101 27.67 -22.66 19.97
C ASP C 101 26.92 -22.89 18.67
N LEU C 102 25.60 -22.65 18.67
CA LEU C 102 24.79 -22.97 17.49
C LEU C 102 25.06 -22.01 16.33
N ALA C 103 25.23 -20.72 16.62
CA ALA C 103 25.58 -19.77 15.56
C ALA C 103 26.94 -20.13 14.95
N GLU C 104 27.93 -20.46 15.79
CA GLU C 104 29.20 -20.95 15.30
C GLU C 104 29.03 -22.18 14.42
N ARG C 105 28.19 -23.12 14.87
CA ARG C 105 27.98 -24.37 14.16
C ARG C 105 27.36 -24.14 12.79
N LEU C 106 26.33 -23.29 12.72
CA LEU C 106 25.62 -23.08 11.47
C LEU C 106 26.50 -22.42 10.43
N THR C 107 27.20 -21.35 10.81
CA THR C 107 28.08 -20.70 9.84
C THR C 107 29.17 -21.64 9.36
N GLY C 108 29.60 -22.57 10.22
CA GLY C 108 30.58 -23.56 9.81
C GLY C 108 30.02 -24.58 8.82
N MET C 109 28.79 -25.05 9.05
CA MET C 109 28.16 -26.01 8.13
C MET C 109 27.93 -25.41 6.75
N PHE C 110 27.73 -24.10 6.68
CA PHE C 110 27.45 -23.41 5.42
C PHE C 110 28.54 -22.43 5.04
N ALA C 111 29.80 -22.76 5.36
CA ALA C 111 30.90 -21.92 4.91
C ALA C 111 31.04 -21.96 3.39
N GLN C 112 30.67 -23.09 2.77
CA GLN C 112 30.63 -23.14 1.31
C GLN C 112 29.83 -21.98 0.75
N GLU C 113 28.78 -21.58 1.45
CA GLU C 113 27.93 -20.50 1.01
C GLU C 113 28.38 -19.16 1.58
N ARG C 114 29.47 -19.17 2.36
CA ARG C 114 30.08 -17.95 2.89
C ARG C 114 29.13 -17.24 3.85
N MET C 115 28.38 -18.05 4.60
CA MET C 115 27.46 -17.52 5.59
C MET C 115 28.22 -16.93 6.76
N ALA C 116 27.78 -15.76 7.23
CA ALA C 116 28.53 -15.01 8.24
C ALA C 116 27.76 -14.72 9.52
N ARG C 117 26.46 -14.43 9.44
CA ARG C 117 25.69 -14.05 10.62
C ARG C 117 24.34 -14.75 10.62
N VAL C 118 23.84 -15.08 11.82
CA VAL C 118 22.55 -15.71 12.02
C VAL C 118 21.67 -14.81 12.87
N LEU C 119 20.41 -14.65 12.46
CA LEU C 119 19.38 -14.05 13.31
C LEU C 119 18.36 -15.15 13.62
N PHE C 120 18.34 -15.61 14.87
CA PHE C 120 17.53 -16.72 15.33
C PHE C 120 16.09 -16.30 15.62
N SER C 121 15.21 -17.29 15.56
CA SER C 121 13.78 -17.12 15.79
C SER C 121 13.20 -18.48 16.16
N SER C 122 11.90 -18.67 15.95
CA SER C 122 11.20 -19.84 16.48
C SER C 122 10.50 -20.70 15.45
N GLY C 123 10.52 -20.36 14.17
CA GLY C 123 9.86 -21.17 13.17
C GLY C 123 10.13 -20.65 11.78
N GLY C 124 9.53 -21.32 10.80
CA GLY C 124 9.76 -20.97 9.41
C GLY C 124 9.16 -19.64 8.99
N SER C 125 7.95 -19.34 9.47
CA SER C 125 7.36 -18.04 9.13
C SER C 125 8.20 -16.90 9.66
N ASP C 126 8.76 -17.06 10.86
CA ASP C 126 9.74 -16.09 11.36
C ASP C 126 10.93 -15.99 10.41
N ALA C 127 11.47 -17.15 10.00
CA ALA C 127 12.68 -17.16 9.19
C ALA C 127 12.47 -16.40 7.88
N VAL C 128 11.27 -16.49 7.31
CA VAL C 128 10.97 -15.74 6.10
C VAL C 128 10.81 -14.26 6.41
N GLU C 129 9.95 -13.93 7.37
CA GLU C 129 9.71 -12.55 7.77
C GLU C 129 11.01 -11.82 8.06
N THR C 130 11.91 -12.49 8.79
CA THR C 130 13.21 -11.92 9.12
C THR C 130 14.06 -11.67 7.89
N ALA C 131 14.09 -12.62 6.96
CA ALA C 131 14.85 -12.43 5.73
C ALA C 131 14.31 -11.28 4.92
N LEU C 132 12.99 -11.11 4.89
CA LEU C 132 12.42 -9.99 4.13
C LEU C 132 12.78 -8.67 4.78
N LYS C 133 12.53 -8.55 6.09
CA LYS C 133 12.79 -7.27 6.77
C LYS C 133 14.27 -6.92 6.80
N MET C 134 15.14 -7.91 6.96
CA MET C 134 16.57 -7.60 6.98
C MET C 134 17.14 -7.34 5.58
N ALA C 135 16.55 -7.92 4.54
CA ALA C 135 16.92 -7.53 3.19
C ALA C 135 16.67 -6.04 2.97
N ARG C 136 15.51 -5.54 3.44
CA ARG C 136 15.23 -4.11 3.41
C ARG C 136 16.30 -3.32 4.14
N GLN C 137 16.72 -3.79 5.32
CA GLN C 137 17.74 -3.05 6.06
C GLN C 137 19.08 -3.11 5.35
N TYR C 138 19.41 -4.25 4.74
CA TYR C 138 20.64 -4.35 3.95
C TYR C 138 20.71 -3.24 2.92
N TRP C 139 19.64 -3.03 2.15
CA TRP C 139 19.69 -2.03 1.08
C TRP C 139 19.75 -0.61 1.64
N ILE C 140 19.04 -0.34 2.73
CA ILE C 140 19.14 0.98 3.35
C ILE C 140 20.55 1.23 3.90
N ALA C 141 21.14 0.22 4.57
CA ALA C 141 22.51 0.35 5.07
C ALA C 141 23.52 0.47 3.95
N SER C 142 23.24 -0.14 2.79
CA SER C 142 24.08 0.00 1.61
C SER C 142 23.79 1.24 0.81
N GLY C 143 22.91 2.11 1.31
CA GLY C 143 22.64 3.39 0.67
C GLY C 143 21.71 3.34 -0.53
N GLU C 144 20.83 2.35 -0.60
CA GLU C 144 19.95 2.18 -1.77
C GLU C 144 18.53 1.84 -1.29
N PRO C 145 17.89 2.77 -0.57
CA PRO C 145 16.55 2.48 -0.01
C PRO C 145 15.43 2.39 -1.04
N GLY C 146 15.69 2.68 -2.32
CA GLY C 146 14.70 2.41 -3.34
C GLY C 146 14.50 0.93 -3.62
N ARG C 147 15.40 0.09 -3.13
CA ARG C 147 15.36 -1.36 -3.30
C ARG C 147 14.44 -1.96 -2.23
N THR C 148 13.17 -2.12 -2.58
CA THR C 148 12.17 -2.50 -1.60
C THR C 148 11.26 -3.65 -2.04
N ARG C 149 11.08 -3.86 -3.34
CA ARG C 149 10.11 -4.83 -3.84
C ARG C 149 10.61 -6.26 -3.68
N PHE C 150 9.67 -7.22 -3.73
CA PHE C 150 10.00 -8.63 -3.62
C PHE C 150 9.43 -9.42 -4.80
N LEU C 151 10.22 -10.37 -5.30
CA LEU C 151 9.78 -11.35 -6.29
C LEU C 151 9.68 -12.73 -5.65
N SER C 152 8.73 -13.53 -6.10
CA SER C 152 8.58 -14.92 -5.65
C SER C 152 7.87 -15.71 -6.75
N LEU C 153 7.65 -17.01 -6.51
CA LEU C 153 7.11 -17.91 -7.51
C LEU C 153 5.66 -18.30 -7.22
N ARG C 154 4.92 -18.57 -8.30
CA ARG C 154 3.63 -19.21 -8.19
C ARG C 154 3.79 -20.56 -7.49
N ASN C 155 2.78 -20.91 -6.70
CA ASN C 155 2.73 -22.07 -5.82
C ASN C 155 3.73 -21.99 -4.68
N GLY C 156 4.50 -20.91 -4.56
CA GLY C 156 5.46 -20.83 -3.49
C GLY C 156 4.75 -20.59 -2.17
N TYR C 157 5.28 -21.20 -1.12
CA TYR C 157 4.74 -21.07 0.22
C TYR C 157 5.86 -20.66 1.15
N HIS C 158 5.64 -19.59 1.93
CA HIS C 158 6.68 -19.02 2.75
C HIS C 158 6.17 -18.59 4.13
N GLY C 159 5.21 -19.33 4.68
CA GLY C 159 4.69 -19.01 5.99
C GLY C 159 3.52 -18.06 5.94
N VAL C 160 3.08 -17.65 7.14
CA VAL C 160 1.80 -16.96 7.25
C VAL C 160 1.87 -15.70 8.10
N HIS C 161 3.08 -15.19 8.35
CA HIS C 161 3.16 -13.80 8.79
C HIS C 161 2.78 -12.91 7.61
N MET C 162 2.48 -11.64 7.88
CA MET C 162 1.94 -10.81 6.79
C MET C 162 2.95 -10.64 5.65
N GLY C 163 4.24 -10.49 5.96
CA GLY C 163 5.25 -10.50 4.92
C GLY C 163 5.29 -11.78 4.11
N GLY C 164 5.52 -12.91 4.79
CA GLY C 164 5.58 -14.19 4.09
C GLY C 164 4.27 -14.55 3.40
N THR C 165 3.13 -14.18 3.99
CA THR C 165 1.86 -14.34 3.29
C THR C 165 1.82 -13.50 2.00
N SER C 166 2.41 -12.30 2.03
CA SER C 166 2.35 -11.44 0.85
C SER C 166 3.06 -12.05 -0.36
N VAL C 167 4.11 -12.84 -0.14
CA VAL C 167 4.91 -13.41 -1.22
C VAL C 167 4.51 -14.84 -1.57
N GLY C 168 3.46 -15.37 -0.95
CA GLY C 168 3.02 -16.71 -1.27
C GLY C 168 2.31 -16.76 -2.62
N GLY C 169 2.51 -17.88 -3.33
CA GLY C 169 1.99 -18.06 -4.67
C GLY C 169 0.71 -18.85 -4.81
N ASN C 170 -0.01 -19.12 -3.70
CA ASN C 170 -1.27 -19.84 -3.72
C ASN C 170 -2.34 -18.95 -3.11
N GLY C 171 -3.42 -18.72 -3.86
CA GLY C 171 -4.45 -17.77 -3.42
C GLY C 171 -5.13 -18.14 -2.12
N VAL C 172 -5.23 -19.44 -1.82
CA VAL C 172 -5.98 -19.90 -0.65
C VAL C 172 -5.50 -19.25 0.65
N TYR C 173 -4.23 -18.82 0.69
CA TYR C 173 -3.72 -18.13 1.86
C TYR C 173 -4.03 -16.63 1.87
N HIS C 174 -4.50 -16.08 0.74
CA HIS C 174 -4.76 -14.66 0.56
C HIS C 174 -6.22 -14.25 0.80
N TYR C 175 -7.17 -15.15 0.50
CA TYR C 175 -8.56 -14.72 0.30
C TYR C 175 -9.17 -14.06 1.53
N ASN C 176 -8.86 -14.53 2.74
CA ASN C 176 -9.57 -14.10 3.93
C ASN C 176 -8.88 -12.99 4.72
N HIS C 177 -7.92 -12.28 4.13
CA HIS C 177 -7.11 -11.39 4.96
C HIS C 177 -6.88 -10.00 4.39
N GLY C 178 -7.53 -9.67 3.27
CA GLY C 178 -7.45 -8.32 2.74
C GLY C 178 -6.14 -8.00 2.04
N GLN C 179 -5.91 -6.70 1.88
CA GLN C 179 -4.74 -6.19 1.17
C GLN C 179 -3.54 -6.30 2.10
N LEU C 180 -2.46 -6.90 1.61
CA LEU C 180 -1.27 -6.95 2.47
C LEU C 180 -0.15 -6.07 1.95
N LEU C 181 1.08 -6.57 2.01
CA LEU C 181 2.24 -5.77 1.64
C LEU C 181 2.17 -5.45 0.15
N ALA C 182 2.41 -4.20 -0.19
CA ALA C 182 2.45 -3.81 -1.59
C ALA C 182 3.80 -4.15 -2.21
N GLY C 183 3.84 -4.12 -3.54
CA GLY C 183 5.07 -4.30 -4.28
C GLY C 183 5.63 -5.70 -4.29
N CYS C 184 4.78 -6.71 -4.16
CA CYS C 184 5.21 -8.11 -4.30
C CYS C 184 4.69 -8.63 -5.63
N HIS C 185 5.57 -9.25 -6.41
CA HIS C 185 5.25 -9.63 -7.78
C HIS C 185 5.55 -11.11 -7.96
N LEU C 186 4.62 -11.81 -8.62
CA LEU C 186 4.67 -13.26 -8.79
C LEU C 186 5.21 -13.63 -10.17
N LEU C 187 6.00 -14.70 -10.19
CA LEU C 187 6.53 -15.31 -11.39
C LEU C 187 5.95 -16.72 -11.51
N ASP C 188 5.86 -17.21 -12.74
CA ASP C 188 5.43 -18.60 -12.93
C ASP C 188 6.49 -19.55 -12.42
N THR C 189 6.07 -20.69 -12.02
CA THR C 189 7.03 -21.64 -11.53
C THR C 189 7.38 -22.65 -12.63
N PRO C 190 8.64 -23.11 -12.68
CA PRO C 190 9.03 -24.08 -13.71
C PRO C 190 8.50 -25.47 -13.40
N TRP C 191 7.20 -25.65 -13.63
CA TRP C 191 6.47 -26.84 -13.23
C TRP C 191 6.13 -27.61 -14.49
N LEU C 192 6.75 -28.79 -14.67
CA LEU C 192 6.60 -29.51 -15.93
C LEU C 192 5.18 -30.05 -16.13
N TYR C 193 4.48 -30.40 -15.05
CA TYR C 193 3.14 -30.97 -15.23
C TYR C 193 2.11 -29.93 -15.68
N ARG C 194 2.20 -28.70 -15.15
CA ARG C 194 1.24 -27.63 -15.47
C ARG C 194 1.99 -26.32 -15.60
N ASN C 195 2.04 -25.74 -16.79
CA ASN C 195 2.69 -24.45 -16.96
C ASN C 195 2.06 -23.72 -18.13
N PRO C 196 2.19 -22.39 -18.18
CA PRO C 196 1.54 -21.62 -19.26
C PRO C 196 1.94 -22.02 -20.66
N TRP C 197 3.07 -22.70 -20.85
CA TRP C 197 3.53 -23.07 -22.19
C TRP C 197 3.22 -24.52 -22.55
N ASP C 198 2.52 -25.25 -21.69
CA ASP C 198 2.37 -26.70 -21.81
C ASP C 198 3.69 -27.37 -22.18
N CYS C 199 4.77 -26.91 -21.53
CA CYS C 199 6.13 -27.36 -21.83
C CYS C 199 6.51 -28.54 -20.96
N ARG C 200 6.78 -29.69 -21.58
CA ARG C 200 7.18 -30.88 -20.84
C ARG C 200 8.67 -31.17 -21.00
N ASP C 201 9.45 -30.18 -21.46
CA ASP C 201 10.88 -30.30 -21.68
C ASP C 201 11.63 -29.40 -20.71
N PRO C 202 12.49 -29.95 -19.85
CA PRO C 202 13.07 -29.14 -18.76
C PRO C 202 13.86 -27.91 -19.22
N GLN C 203 14.80 -28.08 -20.16
CA GLN C 203 15.59 -26.94 -20.62
C GLN C 203 14.72 -25.91 -21.34
N ALA C 204 13.73 -26.36 -22.09
CA ALA C 204 12.83 -25.40 -22.74
C ALA C 204 12.00 -24.63 -21.73
N LEU C 205 11.61 -25.27 -20.61
CA LEU C 205 10.81 -24.60 -19.59
C LEU C 205 11.63 -23.61 -18.78
N THR C 206 12.85 -23.99 -18.39
CA THR C 206 13.74 -23.07 -17.71
C THR C 206 13.93 -21.79 -18.53
N ALA C 207 14.09 -21.93 -19.84
CA ALA C 207 14.28 -20.77 -20.70
C ALA C 207 13.06 -19.87 -20.67
N HIS C 208 11.87 -20.44 -20.76
CA HIS C 208 10.63 -19.67 -20.65
C HIS C 208 10.60 -18.85 -19.37
N CYS C 209 10.90 -19.50 -18.23
CA CYS C 209 10.76 -18.85 -16.93
C CYS C 209 11.84 -17.81 -16.70
N ILE C 210 13.10 -18.12 -17.04
CA ILE C 210 14.16 -17.13 -16.88
C ILE C 210 13.88 -15.92 -17.75
N ARG C 211 13.42 -16.16 -18.99
CA ARG C 211 13.02 -15.07 -19.88
C ARG C 211 11.90 -14.22 -19.28
N GLN C 212 10.91 -14.86 -18.66
CA GLN C 212 9.84 -14.12 -17.98
C GLN C 212 10.39 -13.30 -16.83
N LEU C 213 11.35 -13.86 -16.09
CA LEU C 213 11.99 -13.13 -14.99
C LEU C 213 12.73 -11.90 -15.49
N GLU C 214 13.47 -12.04 -16.59
CA GLU C 214 14.16 -10.89 -17.16
C GLU C 214 13.19 -9.79 -17.53
N GLU C 215 12.07 -10.18 -18.13
CA GLU C 215 11.06 -9.22 -18.57
C GLU C 215 10.46 -8.47 -17.38
N GLN C 216 10.19 -9.19 -16.29
CA GLN C 216 9.62 -8.56 -15.11
C GLN C 216 10.60 -7.58 -14.47
N ILE C 217 11.87 -7.95 -14.39
CA ILE C 217 12.89 -7.05 -13.84
C ILE C 217 12.98 -5.79 -14.69
N ALA C 218 13.04 -5.96 -16.01
CA ALA C 218 13.08 -4.83 -16.91
C ALA C 218 11.87 -3.93 -16.73
N LEU C 219 10.69 -4.54 -16.55
CA LEU C 219 9.47 -3.78 -16.37
C LEU C 219 9.50 -2.97 -15.07
N LEU C 220 9.91 -3.60 -13.97
CA LEU C 220 9.91 -2.93 -12.67
C LEU C 220 11.12 -2.03 -12.47
N GLY C 221 12.25 -2.38 -13.07
CA GLY C 221 13.49 -1.69 -12.78
C GLY C 221 14.26 -2.34 -11.64
N ALA C 222 15.42 -2.91 -11.96
CA ALA C 222 16.20 -3.63 -10.95
C ALA C 222 16.47 -2.77 -9.72
N GLN C 223 16.64 -1.46 -9.91
CA GLN C 223 16.95 -0.59 -8.79
C GLN C 223 15.83 -0.51 -7.76
N THR C 224 14.66 -1.06 -8.06
CA THR C 224 13.55 -1.09 -7.13
C THR C 224 13.34 -2.47 -6.48
N ILE C 225 14.16 -3.45 -6.81
CA ILE C 225 13.96 -4.85 -6.44
C ILE C 225 14.98 -5.26 -5.37
N ALA C 226 14.49 -5.66 -4.20
CA ALA C 226 15.37 -6.03 -3.09
C ALA C 226 15.80 -7.49 -3.13
N ALA C 227 14.84 -8.40 -3.32
CA ALA C 227 15.18 -9.82 -3.22
C ALA C 227 14.16 -10.67 -3.97
N LEU C 228 14.61 -11.86 -4.36
CA LEU C 228 13.77 -12.93 -4.86
C LEU C 228 13.83 -14.09 -3.87
N ILE C 229 12.67 -14.63 -3.50
CA ILE C 229 12.60 -15.73 -2.55
C ILE C 229 11.97 -16.94 -3.24
N ALA C 230 12.59 -18.10 -3.05
CA ALA C 230 12.13 -19.32 -3.70
C ALA C 230 12.66 -20.51 -2.92
N GLU C 231 11.86 -21.61 -2.91
CA GLU C 231 12.21 -22.88 -2.31
C GLU C 231 12.98 -23.73 -3.31
N PRO C 232 14.08 -24.36 -2.92
CA PRO C 232 14.82 -25.18 -3.90
C PRO C 232 13.99 -26.34 -4.44
N VAL C 233 13.09 -26.89 -3.63
CA VAL C 233 11.96 -27.71 -4.08
C VAL C 233 10.71 -27.11 -3.44
N GLN C 234 9.70 -26.80 -4.24
CA GLN C 234 8.50 -26.20 -3.69
C GLN C 234 7.69 -27.26 -2.96
N GLY C 235 7.47 -27.05 -1.67
CA GLY C 235 6.87 -28.08 -0.84
C GLY C 235 5.37 -28.07 -0.87
N ALA C 236 4.74 -27.20 -0.06
CA ALA C 236 3.29 -27.18 0.07
C ALA C 236 2.61 -26.83 -1.24
N GLY C 237 3.31 -26.16 -2.16
CA GLY C 237 2.73 -25.91 -3.46
C GLY C 237 2.60 -27.15 -4.32
N GLY C 238 3.15 -28.28 -3.88
CA GLY C 238 2.93 -29.54 -4.56
C GLY C 238 4.16 -30.35 -4.91
N VAL C 239 5.25 -30.21 -4.16
CA VAL C 239 6.52 -30.88 -4.46
C VAL C 239 6.85 -30.64 -5.92
N ILE C 240 7.09 -29.38 -6.26
CA ILE C 240 7.48 -29.01 -7.62
C ILE C 240 9.00 -28.98 -7.65
N VAL C 241 9.59 -29.93 -8.35
CA VAL C 241 11.05 -30.02 -8.49
C VAL C 241 11.45 -29.23 -9.72
N PRO C 242 12.20 -28.14 -9.58
CA PRO C 242 12.58 -27.34 -10.76
C PRO C 242 13.53 -28.12 -11.64
N PRO C 243 13.63 -27.76 -12.92
CA PRO C 243 14.67 -28.32 -13.78
C PRO C 243 16.05 -27.99 -13.23
N ALA C 244 17.03 -28.82 -13.59
CA ALA C 244 18.33 -28.72 -12.93
C ALA C 244 19.04 -27.40 -13.22
N ASP C 245 18.82 -26.82 -14.40
CA ASP C 245 19.46 -25.56 -14.71
C ASP C 245 18.68 -24.35 -14.22
N TYR C 246 17.51 -24.56 -13.61
CA TYR C 246 16.69 -23.42 -13.21
C TYR C 246 17.37 -22.58 -12.14
N TRP C 247 17.73 -23.19 -11.00
CA TRP C 247 18.35 -22.43 -9.92
C TRP C 247 19.73 -21.88 -10.29
N PRO C 248 20.59 -22.62 -11.00
CA PRO C 248 21.83 -22.01 -11.48
C PRO C 248 21.61 -20.78 -12.35
N ARG C 249 20.47 -20.68 -13.04
CA ARG C 249 20.19 -19.50 -13.85
C ARG C 249 19.47 -18.40 -13.07
N LEU C 250 18.73 -18.76 -12.01
CA LEU C 250 18.24 -17.77 -11.06
C LEU C 250 19.41 -16.98 -10.46
N ARG C 251 20.41 -17.70 -9.96
CA ARG C 251 21.60 -17.06 -9.39
C ARG C 251 22.24 -16.09 -10.37
N GLU C 252 22.34 -16.48 -11.65
CA GLU C 252 23.00 -15.65 -12.64
C GLU C 252 22.24 -14.35 -12.88
N VAL C 253 20.91 -14.44 -13.02
CA VAL C 253 20.11 -13.26 -13.27
C VAL C 253 20.10 -12.33 -12.07
N CYS C 254 19.97 -12.89 -10.86
CA CYS C 254 20.03 -12.07 -9.65
C CYS C 254 21.38 -11.38 -9.52
N ASP C 255 22.45 -12.06 -9.94
CA ASP C 255 23.77 -11.44 -9.91
C ASP C 255 23.90 -10.32 -10.93
N ARG C 256 23.30 -10.52 -12.11
CA ARG C 256 23.26 -9.49 -13.15
C ARG C 256 22.72 -8.16 -12.66
N HIS C 257 21.84 -8.17 -11.66
CA HIS C 257 21.16 -6.97 -11.20
C HIS C 257 21.41 -6.67 -9.74
N GLY C 258 22.32 -7.41 -9.09
CA GLY C 258 22.59 -7.23 -7.68
C GLY C 258 21.48 -7.62 -6.74
N ILE C 259 20.46 -8.32 -7.25
CA ILE C 259 19.32 -8.70 -6.43
C ILE C 259 19.73 -9.82 -5.47
N LEU C 260 19.29 -9.72 -4.22
CA LEU C 260 19.55 -10.76 -3.23
C LEU C 260 18.68 -11.98 -3.51
N LEU C 261 19.29 -13.16 -3.39
CA LEU C 261 18.57 -14.42 -3.58
C LEU C 261 18.35 -15.07 -2.23
N ILE C 262 17.08 -15.18 -1.81
CA ILE C 262 16.69 -15.84 -0.57
C ILE C 262 16.25 -17.26 -0.87
N ALA C 263 16.97 -18.24 -0.34
CA ALA C 263 16.54 -19.62 -0.42
C ALA C 263 15.73 -19.94 0.83
N ASP C 264 14.44 -20.25 0.63
CA ASP C 264 13.61 -20.73 1.73
C ASP C 264 13.88 -22.22 1.89
N GLU C 265 14.77 -22.54 2.83
CA GLU C 265 15.20 -23.90 3.07
C GLU C 265 14.48 -24.53 4.26
N VAL C 266 13.30 -24.01 4.61
CA VAL C 266 12.57 -24.55 5.76
C VAL C 266 12.31 -26.05 5.61
N VAL C 267 11.92 -26.48 4.41
CA VAL C 267 11.69 -27.91 4.16
C VAL C 267 12.94 -28.61 3.65
N THR C 268 13.61 -28.06 2.63
CA THR C 268 14.74 -28.76 2.03
C THR C 268 16.01 -28.67 2.87
N GLY C 269 16.07 -27.75 3.83
CA GLY C 269 17.23 -27.62 4.69
C GLY C 269 17.53 -28.88 5.47
N PHE C 270 18.80 -29.28 5.46
CA PHE C 270 19.36 -30.39 6.24
C PHE C 270 19.02 -31.76 5.69
N GLY C 271 18.68 -31.88 4.41
CA GLY C 271 18.76 -33.19 3.78
C GLY C 271 17.56 -33.75 3.03
N ARG C 272 16.38 -33.15 3.18
CA ARG C 272 15.17 -33.82 2.69
C ARG C 272 15.23 -34.12 1.20
N SER C 273 15.81 -33.23 0.40
CA SER C 273 15.84 -33.38 -1.05
C SER C 273 17.10 -34.06 -1.55
N GLY C 274 17.94 -34.56 -0.65
CA GLY C 274 19.13 -35.29 -1.00
C GLY C 274 20.42 -34.57 -0.70
N CYS C 275 20.37 -33.38 -0.10
CA CYS C 275 21.59 -32.60 0.16
C CYS C 275 21.35 -31.74 1.40
N MET C 276 22.45 -31.36 2.06
CA MET C 276 22.38 -30.56 3.28
C MET C 276 21.68 -29.21 3.03
N LEU C 277 21.78 -28.68 1.80
CA LEU C 277 20.93 -27.60 1.35
C LEU C 277 20.39 -27.94 -0.02
N GLY C 278 19.12 -27.61 -0.26
CA GLY C 278 18.58 -27.74 -1.60
C GLY C 278 19.29 -26.84 -2.60
N SER C 279 19.62 -25.62 -2.17
CA SER C 279 20.34 -24.70 -3.05
C SER C 279 21.73 -25.23 -3.37
N ARG C 280 22.43 -25.73 -2.36
CA ARG C 280 23.68 -26.43 -2.62
C ARG C 280 23.47 -27.62 -3.54
N GLY C 281 22.35 -28.34 -3.36
CA GLY C 281 22.06 -29.51 -4.17
C GLY C 281 21.88 -29.19 -5.63
N TRP C 282 21.48 -27.95 -5.94
CA TRP C 282 21.47 -27.45 -7.30
C TRP C 282 22.79 -26.78 -7.69
N GLY C 283 23.78 -26.76 -6.80
CA GLY C 283 25.06 -26.12 -7.08
C GLY C 283 25.06 -24.61 -6.97
N VAL C 284 24.25 -24.05 -6.06
CA VAL C 284 24.05 -22.61 -6.00
C VAL C 284 24.20 -22.13 -4.57
N ALA C 285 24.93 -21.01 -4.39
CA ALA C 285 25.08 -20.36 -3.10
C ALA C 285 24.15 -19.14 -3.04
N PRO C 286 23.05 -19.21 -2.32
CA PRO C 286 22.20 -18.02 -2.16
C PRO C 286 22.81 -17.04 -1.16
N ASP C 287 22.23 -15.84 -1.12
CA ASP C 287 22.69 -14.79 -0.23
C ASP C 287 22.11 -14.93 1.18
N ILE C 288 20.87 -15.45 1.30
CA ILE C 288 20.17 -15.58 2.57
C ILE C 288 19.55 -16.97 2.65
N LEU C 289 19.64 -17.60 3.82
CA LEU C 289 19.01 -18.89 4.07
C LEU C 289 17.89 -18.73 5.09
N CYS C 290 16.73 -19.33 4.79
CA CYS C 290 15.64 -19.47 5.75
C CYS C 290 15.56 -20.94 6.15
N LEU C 291 15.69 -21.17 7.44
CA LEU C 291 15.75 -22.51 8.01
C LEU C 291 14.79 -22.62 9.18
N ALA C 292 14.25 -23.81 9.37
CA ALA C 292 13.43 -24.13 10.53
C ALA C 292 13.20 -25.65 10.59
N LYS C 293 12.05 -26.07 11.09
CA LYS C 293 11.60 -27.45 11.02
C LYS C 293 12.68 -28.44 11.45
N GLY C 294 13.33 -29.08 10.47
CA GLY C 294 14.33 -30.08 10.79
C GLY C 294 15.50 -29.60 11.61
N ILE C 295 15.70 -28.28 11.72
CA ILE C 295 16.85 -27.76 12.45
C ILE C 295 16.85 -28.28 13.89
N THR C 296 15.67 -28.43 14.48
CA THR C 296 15.51 -29.10 15.77
C THR C 296 14.69 -30.37 15.65
N ALA C 297 14.39 -30.83 14.43
CA ALA C 297 13.56 -31.99 14.20
C ALA C 297 12.21 -31.86 14.90
N GLY C 298 11.75 -30.63 15.09
CA GLY C 298 10.49 -30.31 15.71
C GLY C 298 10.46 -30.44 17.22
N TYR C 299 11.52 -30.91 17.86
CA TYR C 299 11.45 -31.20 19.28
C TYR C 299 11.24 -29.93 20.09
N ILE C 300 11.86 -28.83 19.66
CA ILE C 300 11.72 -27.52 20.31
C ILE C 300 11.61 -26.50 19.18
N PRO C 301 10.69 -25.53 19.27
CA PRO C 301 10.54 -24.53 18.20
C PRO C 301 11.79 -23.68 18.02
N LEU C 302 12.34 -23.68 16.80
CA LEU C 302 13.47 -22.83 16.48
C LEU C 302 13.47 -22.47 15.00
N GLY C 303 13.82 -21.21 14.70
CA GLY C 303 14.05 -20.80 13.34
C GLY C 303 15.38 -20.09 13.27
N ALA C 304 15.90 -19.98 12.04
CA ALA C 304 17.16 -19.26 11.84
C ALA C 304 17.20 -18.71 10.44
N THR C 305 17.66 -17.46 10.32
CA THR C 305 17.93 -16.84 9.03
C THR C 305 19.41 -16.51 8.97
N LEU C 306 20.11 -17.04 7.98
CA LEU C 306 21.54 -16.83 7.81
C LEU C 306 21.79 -15.83 6.69
N PHE C 307 22.81 -14.99 6.86
CA PHE C 307 23.16 -13.93 5.92
C PHE C 307 24.63 -14.07 5.57
N ASN C 308 24.99 -13.88 4.30
CA ASN C 308 26.37 -14.10 3.92
C ASN C 308 27.21 -12.89 4.30
N GLN C 309 28.53 -12.98 4.07
CA GLN C 309 29.45 -11.91 4.45
C GLN C 309 29.08 -10.60 3.77
N ARG C 310 28.69 -10.67 2.48
CA ARG C 310 28.24 -9.49 1.75
C ARG C 310 27.23 -8.68 2.56
N ILE C 311 26.12 -9.31 2.91
CA ILE C 311 25.07 -8.64 3.68
C ILE C 311 25.58 -8.27 5.06
N ALA C 312 26.28 -9.20 5.73
CA ALA C 312 26.72 -8.98 7.11
C ALA C 312 27.64 -7.77 7.22
N ASP C 313 28.66 -7.69 6.35
CA ASP C 313 29.58 -6.56 6.38
C ASP C 313 28.84 -5.26 6.12
N ALA C 314 27.90 -5.27 5.18
CA ALA C 314 27.18 -4.04 4.83
C ALA C 314 26.36 -3.51 6.00
N ILE C 315 25.63 -4.40 6.67
CA ILE C 315 24.78 -3.93 7.78
C ILE C 315 25.63 -3.48 8.95
N GLU C 316 26.64 -4.28 9.32
CA GLU C 316 27.48 -3.90 10.45
C GLU C 316 28.33 -2.66 10.16
N ASN C 317 28.58 -2.33 8.89
CA ASN C 317 29.29 -1.12 8.50
C ASN C 317 28.35 -0.01 8.06
N GLY C 318 27.04 -0.18 8.26
CA GLY C 318 26.09 0.83 7.87
C GLY C 318 26.26 2.12 8.66
N GLN C 319 25.96 3.23 7.99
CA GLN C 319 26.12 4.54 8.58
C GLN C 319 24.94 4.85 9.49
N GLY C 320 25.21 5.52 10.60
CA GLY C 320 24.14 6.00 11.45
C GLY C 320 23.23 4.90 11.94
N PHE C 321 21.92 5.13 11.84
CA PHE C 321 20.96 4.20 12.40
C PHE C 321 20.89 2.87 11.65
N SER C 322 21.44 2.80 10.45
CA SER C 322 21.31 1.60 9.62
C SER C 322 22.07 0.39 10.15
N HIS C 323 22.96 0.55 11.14
CA HIS C 323 23.61 -0.61 11.73
C HIS C 323 22.92 -1.06 13.01
N MET C 324 21.88 -0.35 13.45
CA MET C 324 21.05 -0.76 14.57
C MET C 324 20.04 -1.80 14.07
N ILE C 325 20.10 -3.01 14.61
CA ILE C 325 19.20 -4.07 14.18
C ILE C 325 18.07 -4.13 15.21
N MET C 326 16.99 -3.41 14.93
N MET C 326 16.99 -3.42 14.91
CA MET C 326 15.82 -3.41 15.80
CA MET C 326 15.81 -3.40 15.78
C MET C 326 14.80 -4.47 15.40
C MET C 326 14.80 -4.48 15.40
N HIS C 327 15.27 -5.66 15.00
CA HIS C 327 14.40 -6.79 14.68
C HIS C 327 14.85 -8.03 15.45
N GLY C 328 13.89 -8.72 16.04
CA GLY C 328 14.20 -9.94 16.77
C GLY C 328 13.13 -10.24 17.80
N TYR C 329 13.35 -11.35 18.50
CA TYR C 329 12.31 -12.00 19.27
C TYR C 329 12.77 -12.32 20.69
N THR C 330 11.80 -12.34 21.61
CA THR C 330 12.05 -12.77 22.98
C THR C 330 12.83 -14.07 23.01
N TYR C 331 12.51 -14.99 22.11
CA TYR C 331 13.09 -16.33 22.11
C TYR C 331 14.16 -16.50 21.03
N SER C 332 14.64 -15.40 20.44
CA SER C 332 15.83 -15.48 19.60
C SER C 332 16.97 -16.11 20.39
N GLY C 333 17.50 -17.22 19.87
CA GLY C 333 18.62 -17.89 20.50
C GLY C 333 18.28 -18.70 21.74
N HIS C 334 17.02 -19.14 21.88
CA HIS C 334 16.55 -19.85 23.07
C HIS C 334 17.52 -20.97 23.46
N PRO C 335 17.99 -20.99 24.71
CA PRO C 335 19.07 -21.94 25.07
C PRO C 335 18.64 -23.38 24.88
N THR C 336 17.44 -23.72 25.34
CA THR C 336 16.97 -25.10 25.23
C THR C 336 16.82 -25.49 23.77
N ALA C 337 16.30 -24.59 22.95
CA ALA C 337 16.18 -24.85 21.52
C ALA C 337 17.54 -25.06 20.88
N CYS C 338 18.51 -24.23 21.23
CA CYS C 338 19.86 -24.37 20.69
C CYS C 338 20.46 -25.70 21.11
N ALA C 339 20.39 -26.02 22.41
CA ALA C 339 20.90 -27.29 22.91
C ALA C 339 20.34 -28.46 22.12
N ALA C 340 19.01 -28.49 21.94
CA ALA C 340 18.39 -29.55 21.16
C ALA C 340 18.86 -29.51 19.71
N ALA C 341 18.97 -28.31 19.11
CA ALA C 341 19.43 -28.21 17.74
C ALA C 341 20.80 -28.84 17.57
N LEU C 342 21.73 -28.51 18.47
CA LEU C 342 23.08 -29.07 18.40
C LEU C 342 23.04 -30.59 18.44
N ALA C 343 22.18 -31.16 19.28
CA ALA C 343 22.05 -32.60 19.35
C ALA C 343 21.49 -33.18 18.05
N VAL C 344 20.56 -32.44 17.43
CA VAL C 344 19.94 -32.92 16.19
C VAL C 344 20.94 -32.91 15.04
N LEU C 345 21.76 -31.86 14.93
CA LEU C 345 22.72 -31.76 13.84
C LEU C 345 23.76 -32.86 13.89
N ASP C 346 24.14 -33.31 15.10
CA ASP C 346 25.05 -34.45 15.23
C ASP C 346 24.51 -35.68 14.50
N ILE C 347 23.24 -36.01 14.75
CA ILE C 347 22.64 -37.19 14.11
C ILE C 347 22.59 -37.00 12.61
N VAL C 348 22.25 -35.79 12.15
CA VAL C 348 22.08 -35.55 10.72
C VAL C 348 23.36 -35.89 9.97
N GLU C 349 24.48 -35.39 10.47
CA GLU C 349 25.76 -35.64 9.83
C GLU C 349 26.27 -37.04 10.13
N ALA C 350 26.13 -37.50 11.38
CA ALA C 350 26.66 -38.81 11.75
C ALA C 350 25.98 -39.94 11.00
N GLU C 351 24.66 -39.86 10.82
CA GLU C 351 23.93 -40.93 10.16
C GLU C 351 23.77 -40.69 8.66
N ASP C 352 24.54 -39.75 8.11
CA ASP C 352 24.42 -39.29 6.72
C ASP C 352 22.96 -39.24 6.28
N LEU C 353 22.18 -38.41 6.96
CA LEU C 353 20.75 -38.38 6.67
C LEU C 353 20.41 -37.79 5.30
N PRO C 354 21.14 -36.79 4.78
CA PRO C 354 20.85 -36.38 3.40
C PRO C 354 21.05 -37.51 2.39
N GLY C 355 22.09 -38.31 2.58
CA GLY C 355 22.35 -39.40 1.65
C GLY C 355 21.32 -40.50 1.71
N ASN C 356 20.86 -40.84 2.93
CA ASN C 356 19.79 -41.83 3.05
C ASN C 356 18.52 -41.34 2.38
N ALA C 357 18.25 -40.03 2.48
CA ALA C 357 17.09 -39.45 1.83
C ALA C 357 17.18 -39.57 0.31
N ALA C 358 18.35 -39.28 -0.26
CA ALA C 358 18.50 -39.42 -1.70
C ALA C 358 18.26 -40.85 -2.15
N LYS C 359 18.74 -41.84 -1.37
CA LYS C 359 18.75 -43.23 -1.82
C LYS C 359 17.39 -43.89 -1.66
N VAL C 360 16.84 -43.89 -0.44
CA VAL C 360 15.53 -44.50 -0.25
C VAL C 360 14.46 -43.67 -0.94
N GLY C 361 14.64 -42.36 -1.01
CA GLY C 361 13.70 -41.52 -1.75
C GLY C 361 13.58 -41.92 -3.20
N ALA C 362 14.72 -42.12 -3.88
CA ALA C 362 14.70 -42.60 -5.25
C ALA C 362 13.97 -43.94 -5.36
N GLN C 363 14.40 -44.92 -4.57
CA GLN C 363 13.73 -46.21 -4.50
C GLN C 363 12.22 -46.06 -4.33
N LEU C 364 11.79 -45.23 -3.37
CA LEU C 364 10.36 -45.05 -3.14
C LEU C 364 9.68 -44.45 -4.37
N LEU C 365 10.30 -43.42 -4.96
CA LEU C 365 9.70 -42.79 -6.13
C LEU C 365 9.57 -43.78 -7.28
N GLU C 366 10.60 -44.57 -7.53
CA GLU C 366 10.53 -45.60 -8.56
C GLU C 366 9.38 -46.55 -8.31
N GLN C 367 9.22 -47.03 -7.07
CA GLN C 367 8.18 -48.01 -6.77
C GLN C 367 6.77 -47.45 -6.90
N LEU C 368 6.61 -46.14 -6.87
CA LEU C 368 5.28 -45.55 -6.98
C LEU C 368 4.86 -45.31 -8.43
N GLN C 369 5.80 -45.36 -9.37
CA GLN C 369 5.48 -45.08 -10.77
C GLN C 369 4.41 -45.98 -11.36
N PRO C 370 4.35 -47.29 -11.08
CA PRO C 370 3.24 -48.10 -11.64
C PRO C 370 1.85 -47.62 -11.26
N LEU C 371 1.72 -46.83 -10.19
CA LEU C 371 0.41 -46.29 -9.84
C LEU C 371 -0.15 -45.42 -10.96
N VAL C 372 0.73 -44.69 -11.66
CA VAL C 372 0.29 -43.79 -12.74
C VAL C 372 -0.45 -44.56 -13.84
N GLU C 373 0.10 -45.71 -14.25
CA GLU C 373 -0.57 -46.50 -15.29
C GLU C 373 -1.81 -47.19 -14.74
N ARG C 374 -1.77 -47.66 -13.50
CA ARG C 374 -2.84 -48.50 -12.98
C ARG C 374 -4.09 -47.72 -12.57
N TYR C 375 -3.97 -46.42 -12.27
CA TYR C 375 -5.10 -45.67 -11.73
C TYR C 375 -5.31 -44.39 -12.52
N ALA C 376 -6.46 -44.29 -13.20
CA ALA C 376 -6.77 -43.10 -13.99
C ALA C 376 -6.62 -41.82 -13.18
N VAL C 377 -7.01 -41.87 -11.90
CA VAL C 377 -6.97 -40.66 -11.11
C VAL C 377 -5.55 -40.20 -10.82
N VAL C 378 -4.55 -41.06 -10.98
CA VAL C 378 -3.16 -40.67 -10.74
C VAL C 378 -2.62 -40.01 -12.00
N GLY C 379 -2.40 -38.70 -11.94
CA GLY C 379 -1.84 -37.95 -13.05
C GLY C 379 -0.35 -38.15 -13.22
N GLU C 380 0.40 -37.90 -12.16
CA GLU C 380 1.83 -38.21 -12.13
C GLU C 380 2.28 -38.34 -10.68
N VAL C 381 3.48 -38.88 -10.50
CA VAL C 381 4.14 -38.94 -9.20
C VAL C 381 5.54 -38.39 -9.38
N ARG C 382 5.86 -37.32 -8.63
CA ARG C 382 7.15 -36.64 -8.74
C ARG C 382 7.74 -36.49 -7.35
N GLY C 383 9.05 -36.26 -7.30
CA GLY C 383 9.70 -36.14 -6.01
C GLY C 383 11.20 -35.97 -6.16
N LYS C 384 11.84 -35.68 -5.03
CA LYS C 384 13.29 -35.61 -4.95
C LYS C 384 13.69 -35.85 -3.50
N GLY C 385 14.50 -36.88 -3.26
CA GLY C 385 14.73 -37.30 -1.88
C GLY C 385 13.44 -37.78 -1.26
N LEU C 386 13.22 -37.41 0.01
CA LEU C 386 12.03 -37.87 0.72
C LEU C 386 10.97 -36.79 0.81
N MET C 387 10.80 -36.02 -0.28
CA MET C 387 9.57 -35.26 -0.53
C MET C 387 9.02 -35.68 -1.89
N ILE C 388 7.79 -36.20 -1.88
CA ILE C 388 7.14 -36.80 -3.04
C ILE C 388 5.68 -36.39 -3.04
N ALA C 389 5.11 -36.16 -4.22
CA ALA C 389 3.69 -35.85 -4.31
C ALA C 389 3.02 -36.66 -5.41
N LEU C 390 1.83 -37.17 -5.12
CA LEU C 390 0.97 -37.78 -6.11
C LEU C 390 -0.06 -36.75 -6.52
N ASP C 391 -0.05 -36.36 -7.78
CA ASP C 391 -0.92 -35.33 -8.34
C ASP C 391 -2.13 -36.00 -8.97
N LEU C 392 -3.31 -35.80 -8.35
CA LEU C 392 -4.53 -36.47 -8.77
C LEU C 392 -5.33 -35.58 -9.72
N VAL C 393 -5.73 -36.15 -10.85
CA VAL C 393 -6.46 -35.42 -11.89
C VAL C 393 -7.75 -36.16 -12.22
N SER C 394 -8.70 -35.39 -12.75
CA SER C 394 -9.94 -35.92 -13.31
C SER C 394 -9.83 -36.29 -14.78
N ASP C 395 -8.86 -35.72 -15.49
CA ASP C 395 -8.71 -35.88 -16.93
C ASP C 395 -7.22 -35.92 -17.23
N LYS C 396 -6.77 -36.99 -17.91
CA LYS C 396 -5.35 -37.18 -18.13
C LYS C 396 -4.79 -36.17 -19.13
N ARG C 397 -5.54 -35.86 -20.19
CA ARG C 397 -4.99 -35.07 -21.29
C ARG C 397 -4.87 -33.59 -20.92
N THR C 398 -5.81 -33.06 -20.14
CA THR C 398 -5.75 -31.67 -19.69
C THR C 398 -5.15 -31.53 -18.29
N ARG C 399 -4.90 -32.64 -17.60
CA ARG C 399 -4.28 -32.64 -16.27
C ARG C 399 -5.02 -31.75 -15.28
N GLN C 400 -6.31 -31.56 -15.48
CA GLN C 400 -7.07 -30.69 -14.58
C GLN C 400 -7.16 -31.34 -13.21
N PRO C 401 -6.82 -30.61 -12.15
CA PRO C 401 -6.81 -31.20 -10.81
C PRO C 401 -8.18 -31.69 -10.36
N LEU C 402 -8.15 -32.76 -9.56
CA LEU C 402 -9.33 -33.12 -8.79
C LEU C 402 -9.74 -31.94 -7.92
N ASP C 403 -11.04 -31.79 -7.71
CA ASP C 403 -11.50 -30.77 -6.79
C ASP C 403 -11.49 -31.33 -5.38
N PRO C 404 -10.75 -30.73 -4.45
CA PRO C 404 -10.75 -31.24 -3.07
C PRO C 404 -12.12 -31.18 -2.44
N ALA C 405 -12.95 -30.20 -2.83
CA ALA C 405 -14.28 -30.08 -2.27
C ALA C 405 -15.13 -31.32 -2.53
N ALA C 406 -14.82 -32.11 -3.57
CA ALA C 406 -15.47 -33.40 -3.74
C ALA C 406 -14.99 -34.43 -2.71
N GLY C 407 -13.82 -34.22 -2.11
CA GLY C 407 -13.35 -35.04 -1.01
C GLY C 407 -12.67 -36.33 -1.38
N GLN C 408 -12.43 -36.61 -2.67
CA GLN C 408 -11.78 -37.87 -3.01
C GLN C 408 -10.33 -37.93 -2.54
N PRO C 409 -9.53 -36.87 -2.68
CA PRO C 409 -8.17 -36.95 -2.13
C PRO C 409 -8.15 -37.21 -0.63
N SER C 410 -9.08 -36.61 0.13
CA SER C 410 -9.14 -36.91 1.55
C SER C 410 -9.61 -38.33 1.80
N ARG C 411 -10.49 -38.86 0.95
CA ARG C 411 -10.90 -40.26 1.11
C ARG C 411 -9.74 -41.21 0.83
N ILE C 412 -8.89 -40.87 -0.14
CA ILE C 412 -7.71 -41.68 -0.41
C ILE C 412 -6.75 -41.61 0.76
N ALA C 413 -6.55 -40.42 1.31
CA ALA C 413 -5.68 -40.26 2.47
C ALA C 413 -6.16 -41.08 3.65
N ASP C 414 -7.48 -41.08 3.89
CA ASP C 414 -8.01 -41.86 5.00
C ASP C 414 -7.71 -43.35 4.84
N GLU C 415 -7.88 -43.87 3.63
CA GLU C 415 -7.74 -45.30 3.40
C GLU C 415 -6.28 -45.73 3.58
N ALA C 416 -5.34 -44.88 3.16
CA ALA C 416 -3.93 -45.12 3.47
C ALA C 416 -3.70 -45.24 4.98
N ARG C 417 -4.32 -44.36 5.76
CA ARG C 417 -4.20 -44.44 7.21
C ARG C 417 -4.74 -45.76 7.75
N ARG C 418 -5.91 -46.18 7.27
CA ARG C 418 -6.46 -47.48 7.69
C ARG C 418 -5.52 -48.62 7.38
N ALA C 419 -4.76 -48.53 6.28
CA ALA C 419 -3.73 -49.51 5.94
C ALA C 419 -2.39 -49.25 6.64
N GLY C 420 -2.32 -48.29 7.57
CA GLY C 420 -1.19 -48.14 8.45
C GLY C 420 -0.18 -47.06 8.12
N VAL C 421 -0.49 -46.14 7.21
CA VAL C 421 0.44 -45.09 6.79
C VAL C 421 -0.33 -43.79 6.72
N LEU C 422 0.08 -42.82 7.51
CA LEU C 422 -0.52 -41.49 7.50
C LEU C 422 0.15 -40.64 6.42
N VAL C 423 -0.65 -40.15 5.48
CA VAL C 423 -0.19 -39.26 4.42
C VAL C 423 -1.05 -38.01 4.43
N ARG C 424 -0.65 -37.02 3.63
CA ARG C 424 -1.19 -35.66 3.74
C ARG C 424 -1.82 -35.17 2.45
N PRO C 425 -3.15 -34.96 2.41
CA PRO C 425 -3.75 -34.33 1.23
C PRO C 425 -3.65 -32.81 1.33
N ILE C 426 -3.10 -32.20 0.29
CA ILE C 426 -3.09 -30.75 0.09
C ILE C 426 -3.68 -30.48 -1.29
N GLY C 427 -4.85 -29.87 -1.33
CA GLY C 427 -5.54 -29.67 -2.61
C GLY C 427 -5.84 -31.00 -3.28
N ASN C 428 -5.33 -31.18 -4.49
CA ASN C 428 -5.55 -32.39 -5.26
C ASN C 428 -4.35 -33.33 -5.23
N LYS C 429 -3.43 -33.12 -4.29
CA LYS C 429 -2.16 -33.82 -4.27
C LYS C 429 -1.96 -34.52 -2.94
N ILE C 430 -1.47 -35.75 -2.98
CA ILE C 430 -1.10 -36.49 -1.79
C ILE C 430 0.39 -36.27 -1.56
N ILE C 431 0.74 -35.74 -0.39
CA ILE C 431 2.13 -35.42 -0.04
C ILE C 431 2.70 -36.56 0.80
N LEU C 432 3.88 -37.04 0.42
CA LEU C 432 4.69 -37.98 1.20
C LEU C 432 5.92 -37.25 1.70
N SER C 433 6.12 -37.23 3.01
CA SER C 433 7.31 -36.57 3.54
C SER C 433 7.74 -37.18 4.87
N PRO C 434 8.09 -38.47 4.91
CA PRO C 434 8.35 -39.15 6.20
C PRO C 434 9.72 -38.77 6.74
N PRO C 435 10.09 -39.25 7.94
CA PRO C 435 11.44 -38.99 8.48
C PRO C 435 12.55 -39.43 7.53
N LEU C 436 13.68 -38.72 7.64
CA LEU C 436 14.82 -39.00 6.77
C LEU C 436 15.57 -40.27 7.15
N THR C 437 15.25 -40.84 8.33
CA THR C 437 15.75 -42.13 8.75
C THR C 437 14.99 -43.29 8.11
N LEU C 438 14.08 -42.99 7.18
CA LEU C 438 13.28 -44.02 6.52
C LEU C 438 14.16 -45.11 5.95
N THR C 439 13.75 -46.36 6.17
CA THR C 439 14.46 -47.53 5.66
C THR C 439 13.76 -48.10 4.44
N ARG C 440 14.48 -48.96 3.70
CA ARG C 440 13.87 -49.67 2.57
C ARG C 440 12.57 -50.36 2.99
N ASP C 441 12.58 -50.97 4.18
CA ASP C 441 11.40 -51.65 4.69
C ASP C 441 10.23 -50.69 4.84
N GLU C 442 10.46 -49.54 5.47
CA GLU C 442 9.39 -48.59 5.69
C GLU C 442 8.90 -47.98 4.39
N ALA C 443 9.79 -47.77 3.42
CA ALA C 443 9.35 -47.27 2.12
C ALA C 443 8.39 -48.25 1.45
N GLY C 444 8.65 -49.56 1.57
CA GLY C 444 7.75 -50.54 1.00
C GLY C 444 6.36 -50.50 1.60
N LEU C 445 6.28 -50.30 2.93
CA LEU C 445 4.97 -50.17 3.58
C LEU C 445 4.20 -48.98 3.01
N MET C 446 4.89 -47.88 2.70
CA MET C 446 4.21 -46.72 2.12
C MET C 446 3.64 -47.03 0.74
N VAL C 447 4.41 -47.73 -0.09
CA VAL C 447 3.91 -48.09 -1.41
C VAL C 447 2.66 -48.95 -1.29
N SER C 448 2.70 -49.96 -0.42
CA SER C 448 1.55 -50.87 -0.27
C SER C 448 0.32 -50.14 0.27
N ALA C 449 0.51 -49.22 1.21
CA ALA C 449 -0.66 -48.55 1.78
C ALA C 449 -1.35 -47.66 0.77
N LEU C 450 -0.57 -47.05 -0.14
CA LEU C 450 -1.16 -46.28 -1.22
C LEU C 450 -1.84 -47.17 -2.26
N GLU C 451 -1.21 -48.28 -2.63
CA GLU C 451 -1.84 -49.23 -3.55
C GLU C 451 -3.20 -49.68 -3.03
N ALA C 452 -3.28 -50.00 -1.75
CA ALA C 452 -4.57 -50.33 -1.15
C ALA C 452 -5.54 -49.16 -1.21
N ALA C 453 -5.05 -47.94 -0.95
CA ALA C 453 -5.92 -46.77 -0.94
C ALA C 453 -6.48 -46.49 -2.33
N PHE C 454 -5.67 -46.65 -3.36
CA PHE C 454 -6.14 -46.37 -4.71
C PHE C 454 -7.05 -47.47 -5.23
N ALA C 455 -6.87 -48.71 -4.76
CA ALA C 455 -7.84 -49.76 -5.08
C ALA C 455 -9.22 -49.45 -4.49
N ARG C 456 -9.24 -48.92 -3.26
CA ARG C 456 -10.50 -48.71 -2.56
C ARG C 456 -11.19 -47.42 -2.97
N CYS C 457 -10.45 -46.31 -3.08
CA CYS C 457 -11.03 -44.99 -3.33
C CYS C 457 -10.50 -44.33 -4.60
N GLY C 458 -9.80 -45.06 -5.46
CA GLY C 458 -9.21 -44.46 -6.64
C GLY C 458 -10.18 -44.19 -7.77
N LYS D 13 11.53 34.19 -33.50
CA LYS D 13 12.58 34.55 -32.55
C LYS D 13 12.42 33.79 -31.24
N TYR D 14 11.60 32.73 -31.28
CA TYR D 14 11.53 31.73 -30.22
C TYR D 14 12.67 30.72 -30.30
N LYS D 15 13.56 30.85 -31.28
CA LYS D 15 14.58 29.82 -31.52
C LYS D 15 15.67 29.85 -30.45
N ASN D 16 16.11 31.03 -30.03
CA ASN D 16 17.09 31.15 -28.97
C ASN D 16 16.46 31.38 -27.60
N ALA D 17 15.15 31.54 -27.52
CA ALA D 17 14.51 31.84 -26.24
C ALA D 17 14.82 30.74 -25.23
N GLU D 18 14.96 31.15 -23.97
CA GLU D 18 15.21 30.19 -22.90
C GLU D 18 13.89 29.53 -22.52
N LYS D 19 13.96 28.24 -22.21
CA LYS D 19 12.78 27.40 -22.08
C LYS D 19 12.46 27.20 -20.61
N LYS D 20 11.35 27.80 -20.16
CA LYS D 20 10.93 27.78 -18.77
C LYS D 20 9.83 26.77 -18.49
N PHE D 21 9.50 25.92 -19.46
CA PHE D 21 8.53 24.85 -19.27
C PHE D 21 9.24 23.53 -19.53
N TRP D 22 8.62 22.44 -19.09
CA TRP D 22 9.14 21.10 -19.32
C TRP D 22 8.29 20.39 -20.36
N HIS D 23 8.93 19.85 -21.39
CA HIS D 23 8.25 18.99 -22.36
C HIS D 23 7.86 17.68 -21.68
N PRO D 24 6.58 17.29 -21.70
CA PRO D 24 6.23 15.94 -21.24
C PRO D 24 6.88 14.87 -22.10
N MET D 25 7.26 13.76 -21.45
CA MET D 25 7.75 12.58 -22.14
C MET D 25 9.06 12.83 -22.88
N GLY D 26 9.92 13.68 -22.34
CA GLY D 26 11.17 13.99 -23.00
C GLY D 26 12.28 14.23 -22.00
N SER D 27 13.51 14.13 -22.50
CA SER D 27 14.68 14.39 -21.68
C SER D 27 14.72 15.86 -21.26
N SER D 28 14.86 16.09 -19.96
CA SER D 28 15.03 17.45 -19.45
C SER D 28 16.49 17.83 -19.32
N ALA D 29 17.40 16.97 -19.79
CA ALA D 29 18.82 17.23 -19.67
C ALA D 29 19.32 18.14 -20.78
N ALA D 30 20.27 19.02 -20.44
CA ALA D 30 20.95 19.82 -21.44
C ALA D 30 22.00 18.98 -22.18
N PRO D 31 22.23 19.25 -23.47
CA PRO D 31 21.68 20.32 -24.32
C PRO D 31 20.42 19.93 -25.09
N HIS D 32 20.01 18.66 -24.97
CA HIS D 32 18.86 18.17 -25.73
C HIS D 32 17.61 19.03 -25.48
N ARG D 33 17.45 19.50 -24.24
CA ARG D 33 16.26 20.27 -23.90
C ARG D 33 16.18 21.57 -24.70
N ASP D 34 17.32 22.13 -25.12
CA ASP D 34 17.34 23.45 -25.73
C ASP D 34 16.85 23.49 -27.17
N LYS D 35 16.59 22.34 -27.78
CA LYS D 35 16.06 22.27 -29.13
C LYS D 35 14.52 22.31 -29.11
N THR D 36 13.94 22.82 -30.20
CA THR D 36 12.49 22.97 -30.25
C THR D 36 12.04 23.08 -31.70
N LEU D 37 11.03 22.29 -32.05
CA LEU D 37 10.22 22.54 -33.25
C LEU D 37 9.02 23.35 -32.80
N VAL D 38 8.99 24.63 -33.15
CA VAL D 38 7.97 25.54 -32.66
C VAL D 38 6.90 25.66 -33.74
N ILE D 39 5.72 25.10 -33.48
CA ILE D 39 4.62 25.19 -34.42
C ILE D 39 3.94 26.53 -34.24
N ALA D 40 3.81 27.29 -35.34
CA ALA D 40 3.23 28.63 -35.30
C ALA D 40 1.75 28.63 -35.63
N ARG D 41 1.35 27.91 -36.68
CA ARG D 41 0.01 28.02 -37.24
C ARG D 41 -0.50 26.65 -37.67
N GLY D 42 -1.82 26.53 -37.70
CA GLY D 42 -2.47 25.33 -38.20
C GLY D 42 -3.68 25.64 -39.05
N ASP D 43 -3.85 24.92 -40.15
CA ASP D 43 -5.07 25.02 -40.94
C ASP D 43 -5.28 23.69 -41.66
N GLY D 44 -6.49 23.13 -41.50
CA GLY D 44 -6.78 21.85 -42.16
C GLY D 44 -5.93 20.74 -41.57
N ASN D 45 -5.27 19.97 -42.45
CA ASN D 45 -4.41 18.86 -42.02
C ASN D 45 -2.93 19.23 -42.07
N TYR D 46 -2.61 20.52 -42.10
CA TYR D 46 -1.25 21.03 -42.23
C TYR D 46 -0.91 22.01 -41.12
N ILE D 47 0.38 22.08 -40.77
CA ILE D 47 0.89 23.02 -39.79
C ILE D 47 2.12 23.74 -40.36
N THR D 48 2.42 24.90 -39.77
CA THR D 48 3.53 25.74 -40.20
C THR D 48 4.39 26.11 -38.99
N ASP D 49 5.70 25.96 -39.12
CA ASP D 49 6.60 26.24 -38.00
C ASP D 49 7.00 27.73 -38.00
N ILE D 50 7.79 28.12 -37.01
CA ILE D 50 8.22 29.52 -36.93
C ILE D 50 9.17 29.90 -38.06
N ASP D 51 9.69 28.92 -38.80
CA ASP D 51 10.51 29.20 -39.97
C ASP D 51 9.70 29.18 -41.25
N GLY D 52 8.37 29.18 -41.16
CA GLY D 52 7.52 29.19 -42.33
C GLY D 52 7.47 27.90 -43.11
N GLN D 53 8.04 26.82 -42.58
CA GLN D 53 8.02 25.52 -43.23
C GLN D 53 6.72 24.81 -42.92
N ARG D 54 6.02 24.34 -43.96
CA ARG D 54 4.78 23.61 -43.76
C ARG D 54 5.03 22.11 -43.84
N MET D 55 4.18 21.35 -43.18
CA MET D 55 4.28 19.91 -43.19
C MET D 55 2.92 19.31 -42.92
N LEU D 56 2.68 18.14 -43.49
CA LEU D 56 1.49 17.38 -43.13
C LEU D 56 1.57 16.95 -41.67
N ASP D 57 0.45 17.12 -40.97
CA ASP D 57 0.38 16.85 -39.53
C ASP D 57 0.05 15.38 -39.34
N GLY D 58 1.04 14.54 -39.61
CA GLY D 58 0.88 13.11 -39.55
C GLY D 58 0.60 12.56 -38.16
N VAL D 59 0.72 13.37 -37.12
CA VAL D 59 0.36 12.96 -35.77
C VAL D 59 -0.97 13.52 -35.31
N GLY D 60 -1.54 14.48 -36.03
CA GLY D 60 -2.83 15.03 -35.67
C GLY D 60 -2.80 15.73 -34.33
N GLY D 61 -1.74 16.50 -34.06
CA GLY D 61 -1.53 17.02 -32.73
C GLY D 61 -0.98 15.93 -31.85
N LEU D 62 -1.87 15.19 -31.18
CA LEU D 62 -1.50 13.97 -30.44
C LEU D 62 -2.71 13.03 -30.54
N TRP D 63 -2.85 12.38 -31.70
CA TRP D 63 -4.08 11.76 -32.18
C TRP D 63 -5.35 12.37 -31.60
N ASN D 64 -5.58 13.67 -31.84
CA ASN D 64 -6.80 14.31 -31.36
C ASN D 64 -7.35 15.40 -32.27
N VAL D 65 -6.57 15.98 -33.19
CA VAL D 65 -7.09 17.01 -34.09
C VAL D 65 -7.71 16.29 -35.27
N ASN D 66 -8.82 15.59 -35.02
CA ASN D 66 -9.31 14.60 -35.97
C ASN D 66 -10.12 15.23 -37.10
N ILE D 67 -10.65 16.45 -36.92
CA ILE D 67 -11.37 17.13 -37.99
C ILE D 67 -10.50 18.10 -38.75
N GLY D 68 -9.24 18.27 -38.36
CA GLY D 68 -8.37 19.24 -38.99
C GLY D 68 -8.33 20.57 -38.24
N HIS D 69 -7.27 21.33 -38.50
CA HIS D 69 -7.12 22.63 -37.85
C HIS D 69 -8.00 23.68 -38.51
N ASN D 70 -8.41 24.67 -37.70
CA ASN D 70 -9.03 25.91 -38.18
C ASN D 70 -10.38 25.70 -38.85
N ARG D 71 -11.18 24.78 -38.31
CA ARG D 71 -12.56 24.62 -38.79
C ARG D 71 -13.39 25.82 -38.31
N ALA D 72 -14.02 26.52 -39.26
CA ALA D 72 -14.72 27.76 -38.93
C ALA D 72 -15.89 27.53 -37.98
N SER D 73 -16.71 26.53 -38.29
CA SER D 73 -17.93 26.28 -37.51
C SER D 73 -17.62 26.07 -36.04
N VAL D 74 -16.56 25.31 -35.72
CA VAL D 74 -16.21 25.07 -34.32
C VAL D 74 -15.77 26.38 -33.65
N LYS D 75 -14.93 27.17 -34.33
CA LYS D 75 -14.56 28.47 -33.80
C LYS D 75 -15.78 29.37 -33.63
N ALA D 76 -16.72 29.30 -34.57
CA ALA D 76 -17.95 30.07 -34.45
C ALA D 76 -18.77 29.63 -33.26
N ALA D 77 -18.82 28.32 -33.00
CA ALA D 77 -19.50 27.81 -31.82
C ALA D 77 -18.83 28.31 -30.55
N ILE D 78 -17.50 28.33 -30.52
CA ILE D 78 -16.78 28.79 -29.32
C ILE D 78 -17.08 30.25 -29.06
N ALA D 79 -17.01 31.08 -30.11
CA ALA D 79 -17.30 32.50 -29.96
C ALA D 79 -18.71 32.73 -29.45
N ALA D 80 -19.68 31.99 -29.98
CA ALA D 80 -21.05 32.13 -29.52
C ALA D 80 -21.16 31.89 -28.01
N GLN D 81 -20.57 30.80 -27.53
CA GLN D 81 -20.75 30.45 -26.12
C GLN D 81 -20.06 31.44 -25.20
N LEU D 82 -18.86 31.90 -25.57
CA LEU D 82 -18.15 32.90 -24.78
C LEU D 82 -19.01 34.16 -24.58
N ASP D 83 -19.76 34.56 -25.61
CA ASP D 83 -20.64 35.71 -25.46
C ASP D 83 -21.74 35.44 -24.45
N GLU D 84 -22.19 34.19 -24.34
CA GLU D 84 -23.31 33.87 -23.47
C GLU D 84 -22.86 33.55 -22.04
N LEU D 85 -22.03 32.51 -21.89
CA LEU D 85 -21.57 32.07 -20.58
C LEU D 85 -20.33 31.21 -20.83
N ALA D 86 -19.15 31.80 -20.66
CA ALA D 86 -17.92 31.04 -20.84
C ALA D 86 -17.86 29.89 -19.85
N TYR D 87 -18.15 30.16 -18.58
CA TYR D 87 -18.05 29.16 -17.53
C TYR D 87 -19.05 29.43 -16.45
N TYR D 88 -19.74 28.37 -16.02
CA TYR D 88 -20.26 28.30 -14.67
C TYR D 88 -20.10 26.88 -14.18
N GLN D 89 -20.18 26.71 -12.87
CA GLN D 89 -20.00 25.41 -12.22
C GLN D 89 -21.20 24.49 -12.44
N THR D 90 -20.96 23.19 -12.24
CA THR D 90 -22.05 22.21 -12.25
C THR D 90 -22.08 21.39 -10.97
N PHE D 91 -21.58 21.94 -9.87
CA PHE D 91 -21.66 21.24 -8.59
C PHE D 91 -23.11 21.21 -8.10
N ASP D 92 -23.39 20.26 -7.19
CA ASP D 92 -24.71 19.92 -6.64
C ASP D 92 -25.83 20.96 -6.81
N GLY D 93 -26.75 20.71 -7.74
CA GLY D 93 -27.91 21.54 -7.91
C GLY D 93 -27.76 22.71 -8.86
N ILE D 94 -26.60 22.86 -9.50
CA ILE D 94 -26.35 23.96 -10.41
C ILE D 94 -25.82 23.40 -11.72
N ALA D 95 -26.26 23.98 -12.84
CA ALA D 95 -25.73 23.60 -14.15
C ALA D 95 -25.97 24.76 -15.13
N HIS D 96 -25.92 24.46 -16.43
CA HIS D 96 -26.04 25.45 -17.49
C HIS D 96 -26.44 24.73 -18.78
N PRO D 97 -26.92 25.46 -19.80
CA PRO D 97 -27.50 24.78 -20.97
C PRO D 97 -26.58 23.82 -21.70
N ARG D 98 -25.31 24.16 -21.91
CA ARG D 98 -24.49 23.34 -22.78
C ARG D 98 -24.23 21.94 -22.21
N VAL D 99 -24.11 21.82 -20.88
CA VAL D 99 -23.84 20.49 -20.32
C VAL D 99 -25.06 19.57 -20.45
N PHE D 100 -26.27 20.13 -20.33
CA PHE D 100 -27.47 19.36 -20.67
C PHE D 100 -27.39 18.86 -22.10
N ASP D 101 -27.05 19.74 -23.03
CA ASP D 101 -27.00 19.37 -24.44
C ASP D 101 -25.98 18.27 -24.70
N LEU D 102 -24.76 18.43 -24.17
CA LEU D 102 -23.74 17.45 -24.50
C LEU D 102 -24.00 16.10 -23.83
N ALA D 103 -24.45 16.10 -22.57
CA ALA D 103 -24.76 14.86 -21.89
C ALA D 103 -25.86 14.08 -22.63
N GLU D 104 -26.93 14.79 -23.02
CA GLU D 104 -27.97 14.20 -23.86
C GLU D 104 -27.39 13.63 -25.15
N ARG D 105 -26.49 14.38 -25.78
CA ARG D 105 -25.91 13.97 -27.06
C ARG D 105 -25.04 12.72 -26.90
N LEU D 106 -24.15 12.71 -25.91
CA LEU D 106 -23.25 11.57 -25.73
C LEU D 106 -24.02 10.31 -25.36
N THR D 107 -24.96 10.43 -24.42
CA THR D 107 -25.78 9.27 -24.05
C THR D 107 -26.60 8.78 -25.25
N GLY D 108 -26.98 9.68 -26.15
CA GLY D 108 -27.67 9.27 -27.35
C GLY D 108 -26.78 8.49 -28.31
N MET D 109 -25.54 8.95 -28.49
CA MET D 109 -24.60 8.28 -29.39
C MET D 109 -24.28 6.86 -28.94
N PHE D 110 -24.30 6.63 -27.64
CA PHE D 110 -23.86 5.36 -27.09
C PHE D 110 -25.00 4.62 -26.43
N ALA D 111 -26.19 4.72 -27.02
CA ALA D 111 -27.31 3.91 -26.56
C ALA D 111 -27.08 2.42 -26.78
N GLN D 112 -26.26 2.04 -27.78
CA GLN D 112 -25.91 0.64 -27.98
C GLN D 112 -25.17 0.07 -26.79
N GLU D 113 -24.43 0.90 -26.06
CA GLU D 113 -23.69 0.46 -24.88
C GLU D 113 -24.45 0.73 -23.60
N ARG D 114 -25.71 1.18 -23.71
CA ARG D 114 -26.58 1.42 -22.56
C ARG D 114 -26.03 2.50 -21.63
N MET D 115 -25.39 3.52 -22.18
CA MET D 115 -24.81 4.58 -21.36
C MET D 115 -25.91 5.50 -20.83
N ALA D 116 -25.82 5.84 -19.55
CA ALA D 116 -26.87 6.53 -18.82
C ALA D 116 -26.42 7.84 -18.19
N ARG D 117 -25.18 7.92 -17.72
CA ARG D 117 -24.70 9.11 -17.01
C ARG D 117 -23.31 9.48 -17.50
N VAL D 118 -23.03 10.78 -17.52
CA VAL D 118 -21.71 11.30 -17.87
C VAL D 118 -21.16 12.07 -16.69
N LEU D 119 -19.88 11.81 -16.35
CA LEU D 119 -19.10 12.64 -15.44
C LEU D 119 -17.99 13.29 -16.26
N PHE D 120 -18.08 14.60 -16.45
CA PHE D 120 -17.18 15.33 -17.33
C PHE D 120 -15.87 15.71 -16.64
N SER D 121 -14.87 15.96 -17.47
CA SER D 121 -13.55 16.36 -17.01
C SER D 121 -12.86 17.11 -18.16
N SER D 122 -11.53 17.16 -18.13
CA SER D 122 -10.77 17.95 -19.09
C SER D 122 -9.77 17.15 -19.91
N GLY D 123 -9.66 15.84 -19.68
CA GLY D 123 -8.71 15.09 -20.46
C GLY D 123 -8.80 13.60 -20.22
N GLY D 124 -7.94 12.87 -20.92
CA GLY D 124 -8.00 11.42 -20.86
C GLY D 124 -7.58 10.88 -19.51
N SER D 125 -6.54 11.46 -18.91
CA SER D 125 -6.12 11.04 -17.57
C SER D 125 -7.19 11.30 -16.54
N ASP D 126 -7.88 12.44 -16.65
CA ASP D 126 -9.02 12.72 -15.79
C ASP D 126 -10.07 11.64 -15.92
N ALA D 127 -10.44 11.30 -17.16
CA ALA D 127 -11.51 10.35 -17.42
C ALA D 127 -11.18 8.97 -16.88
N VAL D 128 -9.92 8.56 -17.02
CA VAL D 128 -9.48 7.27 -16.51
C VAL D 128 -9.50 7.28 -14.99
N GLU D 129 -8.87 8.28 -14.38
CA GLU D 129 -8.92 8.45 -12.93
C GLU D 129 -10.35 8.41 -12.43
N THR D 130 -11.27 9.08 -13.14
CA THR D 130 -12.68 9.07 -12.77
C THR D 130 -13.28 7.69 -12.92
N ALA D 131 -12.94 6.97 -14.00
CA ALA D 131 -13.47 5.61 -14.15
C ALA D 131 -12.99 4.71 -13.03
N LEU D 132 -11.75 4.91 -12.57
CA LEU D 132 -11.21 4.07 -11.51
C LEU D 132 -11.87 4.37 -10.17
N LYS D 133 -11.97 5.66 -9.82
CA LYS D 133 -12.56 6.03 -8.54
C LYS D 133 -14.06 5.72 -8.50
N MET D 134 -14.77 5.94 -9.61
CA MET D 134 -16.20 5.68 -9.59
C MET D 134 -16.51 4.19 -9.63
N ALA D 135 -15.62 3.37 -10.22
CA ALA D 135 -15.78 1.93 -10.08
C ALA D 135 -15.72 1.52 -8.62
N ARG D 136 -14.77 2.08 -7.87
CA ARG D 136 -14.71 1.86 -6.43
C ARG D 136 -16.01 2.27 -5.75
N GLN D 137 -16.57 3.42 -6.14
CA GLN D 137 -17.82 3.87 -5.53
C GLN D 137 -18.99 2.98 -5.93
N TYR D 138 -19.03 2.53 -7.19
CA TYR D 138 -20.09 1.61 -7.62
C TYR D 138 -20.17 0.40 -6.71
N TRP D 139 -19.04 -0.25 -6.47
CA TRP D 139 -19.05 -1.44 -5.65
C TRP D 139 -19.41 -1.13 -4.20
N ILE D 140 -18.91 -0.02 -3.66
CA ILE D 140 -19.27 0.35 -2.30
C ILE D 140 -20.77 0.58 -2.19
N ALA D 141 -21.36 1.28 -3.18
CA ALA D 141 -22.81 1.47 -3.20
C ALA D 141 -23.55 0.16 -3.38
N SER D 142 -22.90 -0.82 -4.01
CA SER D 142 -23.47 -2.16 -4.17
C SER D 142 -23.23 -3.05 -2.95
N GLY D 143 -22.65 -2.52 -1.88
CA GLY D 143 -22.47 -3.31 -0.68
C GLY D 143 -21.34 -4.31 -0.74
N GLU D 144 -20.31 -4.03 -1.54
CA GLU D 144 -19.22 -4.97 -1.80
C GLU D 144 -17.89 -4.20 -1.75
N PRO D 145 -17.51 -3.68 -0.57
CA PRO D 145 -16.29 -2.88 -0.48
C PRO D 145 -15.01 -3.69 -0.65
N GLY D 146 -15.12 -5.01 -0.77
CA GLY D 146 -13.96 -5.83 -1.09
C GLY D 146 -13.48 -5.72 -2.53
N ARG D 147 -14.29 -5.13 -3.41
CA ARG D 147 -13.94 -5.02 -4.82
C ARG D 147 -13.05 -3.80 -5.05
N THR D 148 -11.72 -4.00 -4.95
CA THR D 148 -10.77 -2.88 -5.05
C THR D 148 -9.65 -3.08 -6.07
N ARG D 149 -9.29 -4.31 -6.42
CA ARG D 149 -8.13 -4.52 -7.28
C ARG D 149 -8.44 -4.15 -8.72
N PHE D 150 -7.39 -3.85 -9.48
CA PHE D 150 -7.53 -3.48 -10.88
C PHE D 150 -6.67 -4.37 -11.76
N LEU D 151 -7.21 -4.75 -12.92
CA LEU D 151 -6.47 -5.44 -13.96
C LEU D 151 -6.29 -4.52 -15.16
N SER D 152 -5.15 -4.67 -15.84
CA SER D 152 -4.87 -3.96 -17.08
C SER D 152 -3.85 -4.78 -17.87
N LEU D 153 -3.49 -4.29 -19.05
CA LEU D 153 -2.66 -5.07 -19.96
C LEU D 153 -1.25 -4.52 -20.04
N ARG D 154 -0.32 -5.42 -20.36
CA ARG D 154 1.02 -4.99 -20.74
C ARG D 154 0.93 -4.09 -21.96
N ASN D 155 1.79 -3.07 -22.00
CA ASN D 155 1.85 -2.02 -23.02
C ASN D 155 0.65 -1.09 -22.99
N GLY D 156 -0.29 -1.25 -22.06
CA GLY D 156 -1.42 -0.34 -22.00
C GLY D 156 -1.01 1.00 -21.43
N TYR D 157 -1.63 2.06 -21.96
CA TYR D 157 -1.35 3.42 -21.51
C TYR D 157 -2.67 4.09 -21.15
N HIS D 158 -2.73 4.66 -19.95
CA HIS D 158 -3.99 5.20 -19.46
C HIS D 158 -3.77 6.53 -18.74
N GLY D 159 -2.77 7.30 -19.17
CA GLY D 159 -2.51 8.59 -18.56
C GLY D 159 -1.54 8.54 -17.40
N VAL D 160 -1.37 9.70 -16.75
CA VAL D 160 -0.25 9.89 -15.83
C VAL D 160 -0.69 10.51 -14.51
N HIS D 161 -1.99 10.52 -14.22
CA HIS D 161 -2.39 10.68 -12.84
C HIS D 161 -1.98 9.42 -12.09
N MET D 162 -1.92 9.49 -10.76
CA MET D 162 -1.31 8.37 -10.04
C MET D 162 -2.08 7.07 -10.25
N GLY D 163 -3.41 7.14 -10.24
CA GLY D 163 -4.23 5.99 -10.55
C GLY D 163 -3.96 5.41 -11.93
N GLY D 164 -4.10 6.24 -12.96
CA GLY D 164 -3.83 5.77 -14.31
C GLY D 164 -2.39 5.34 -14.50
N THR D 165 -1.45 6.02 -13.83
CA THR D 165 -0.07 5.55 -13.89
C THR D 165 0.07 4.14 -13.33
N SER D 166 -0.66 3.86 -12.24
CA SER D 166 -0.52 2.56 -11.57
C SER D 166 -0.96 1.41 -12.46
N VAL D 167 -1.90 1.66 -13.36
CA VAL D 167 -2.39 0.62 -14.26
C VAL D 167 -1.70 0.68 -15.63
N GLY D 168 -0.70 1.54 -15.79
CA GLY D 168 0.01 1.61 -17.04
C GLY D 168 0.90 0.39 -17.23
N GLY D 169 1.02 -0.05 -18.48
CA GLY D 169 1.76 -1.25 -18.80
C GLY D 169 3.16 -1.04 -19.37
N ASN D 170 3.68 0.18 -19.33
CA ASN D 170 5.02 0.50 -19.84
C ASN D 170 5.86 1.06 -18.69
N GLY D 171 7.04 0.44 -18.48
CA GLY D 171 7.87 0.78 -17.33
C GLY D 171 8.37 2.21 -17.30
N VAL D 172 8.61 2.81 -18.48
CA VAL D 172 9.21 4.15 -18.54
C VAL D 172 8.40 5.18 -17.77
N TYR D 173 7.09 4.95 -17.62
CA TYR D 173 6.24 5.86 -16.87
C TYR D 173 6.28 5.62 -15.38
N HIS D 174 6.87 4.51 -14.93
CA HIS D 174 6.93 4.14 -13.53
C HIS D 174 8.23 4.54 -12.84
N TYR D 175 9.36 4.43 -13.55
CA TYR D 175 10.66 4.36 -12.88
C TYR D 175 10.90 5.54 -11.96
N ASN D 176 10.46 6.73 -12.36
CA ASN D 176 10.87 7.94 -11.65
C ASN D 176 9.86 8.41 -10.60
N HIS D 177 8.88 7.59 -10.20
CA HIS D 177 7.84 8.12 -9.34
C HIS D 177 7.49 7.28 -8.11
N GLY D 178 8.18 6.16 -7.88
CA GLY D 178 8.00 5.37 -6.68
C GLY D 178 6.71 4.56 -6.62
N GLN D 179 6.41 4.11 -5.41
CA GLN D 179 5.27 3.24 -5.19
C GLN D 179 3.98 4.05 -5.32
N LEU D 180 3.08 3.56 -6.17
CA LEU D 180 1.79 4.21 -6.32
C LEU D 180 0.70 3.30 -5.76
N LEU D 181 -0.39 3.16 -6.50
CA LEU D 181 -1.54 2.41 -6.00
C LEU D 181 -1.25 0.92 -5.91
N ALA D 182 -1.63 0.32 -4.78
CA ALA D 182 -1.50 -1.11 -4.60
C ALA D 182 -2.65 -1.85 -5.28
N GLY D 183 -2.49 -3.17 -5.40
CA GLY D 183 -3.54 -4.03 -5.92
C GLY D 183 -3.79 -3.87 -7.41
N CYS D 184 -2.77 -3.47 -8.17
CA CYS D 184 -2.88 -3.35 -9.62
C CYS D 184 -2.10 -4.47 -10.28
N HIS D 185 -2.73 -5.18 -11.21
CA HIS D 185 -2.12 -6.39 -11.77
C HIS D 185 -2.14 -6.34 -13.29
N LEU D 186 -1.00 -6.68 -13.89
CA LEU D 186 -0.82 -6.62 -15.33
C LEU D 186 -1.03 -7.97 -15.98
N LEU D 187 -1.64 -7.95 -17.16
CA LEU D 187 -1.79 -9.12 -18.00
C LEU D 187 -1.01 -8.92 -19.28
N ASP D 188 -0.62 -10.03 -19.90
CA ASP D 188 0.08 -9.95 -21.17
C ASP D 188 -0.85 -9.44 -22.25
N THR D 189 -0.28 -8.78 -23.25
CA THR D 189 -1.20 -8.26 -24.28
C THR D 189 -1.26 -9.20 -25.47
N PRO D 190 -2.43 -9.34 -26.14
CA PRO D 190 -2.52 -10.24 -27.30
C PRO D 190 -1.86 -9.63 -28.53
N TRP D 191 -0.54 -9.63 -28.51
CA TRP D 191 0.30 -8.98 -29.50
C TRP D 191 0.99 -10.08 -30.29
N LEU D 192 0.59 -10.26 -31.56
CA LEU D 192 1.11 -11.40 -32.30
C LEU D 192 2.60 -11.25 -32.58
N TYR D 193 3.08 -10.02 -32.69
CA TYR D 193 4.48 -9.79 -33.02
C TYR D 193 5.42 -10.19 -31.88
N ARG D 194 5.05 -9.90 -30.63
CA ARG D 194 5.86 -10.22 -29.45
C ARG D 194 4.94 -10.67 -28.32
N ASN D 195 5.01 -11.93 -27.91
CA ASN D 195 4.19 -12.39 -26.79
C ASN D 195 4.93 -13.52 -26.09
N PRO D 196 4.58 -13.79 -24.82
CA PRO D 196 5.31 -14.81 -24.03
C PRO D 196 5.32 -16.20 -24.62
N TRP D 197 4.40 -16.53 -25.52
CA TRP D 197 4.33 -17.87 -26.09
C TRP D 197 5.00 -17.96 -27.45
N ASP D 198 5.57 -16.87 -27.95
CA ASP D 198 5.98 -16.78 -29.35
C ASP D 198 4.88 -17.36 -30.24
N CYS D 199 3.65 -17.00 -29.95
CA CYS D 199 2.48 -17.51 -30.64
C CYS D 199 2.21 -16.63 -31.85
N ARG D 200 2.26 -17.23 -33.05
CA ARG D 200 2.02 -16.48 -34.28
C ARG D 200 0.67 -16.79 -34.91
N ASP D 201 -0.27 -17.35 -34.14
CA ASP D 201 -1.62 -17.61 -34.62
C ASP D 201 -2.61 -16.80 -33.79
N PRO D 202 -3.42 -15.92 -34.39
CA PRO D 202 -4.27 -15.04 -33.58
C PRO D 202 -5.26 -15.77 -32.70
N GLN D 203 -5.91 -16.81 -33.21
CA GLN D 203 -6.86 -17.57 -32.40
C GLN D 203 -6.15 -18.22 -31.21
N ALA D 204 -4.98 -18.80 -31.43
CA ALA D 204 -4.22 -19.42 -30.34
C ALA D 204 -3.77 -18.39 -29.33
N LEU D 205 -3.48 -17.16 -29.78
CA LEU D 205 -3.00 -16.13 -28.87
C LEU D 205 -4.10 -15.61 -27.96
N THR D 206 -5.29 -15.36 -28.51
CA THR D 206 -6.44 -15.01 -27.67
C THR D 206 -6.69 -16.09 -26.62
N ALA D 207 -6.59 -17.36 -27.01
CA ALA D 207 -6.80 -18.46 -26.08
C ALA D 207 -5.74 -18.45 -24.98
N HIS D 208 -4.49 -18.18 -25.35
CA HIS D 208 -3.44 -18.01 -24.35
C HIS D 208 -3.79 -16.92 -23.36
N CYS D 209 -4.25 -15.76 -23.84
CA CYS D 209 -4.42 -14.61 -22.97
C CYS D 209 -5.60 -14.80 -22.03
N ILE D 210 -6.74 -15.28 -22.55
CA ILE D 210 -7.93 -15.46 -21.73
C ILE D 210 -7.69 -16.50 -20.66
N ARG D 211 -7.01 -17.58 -21.01
CA ARG D 211 -6.64 -18.60 -20.03
C ARG D 211 -5.83 -17.98 -18.91
N GLN D 212 -4.88 -17.11 -19.25
CA GLN D 212 -4.11 -16.39 -18.24
C GLN D 212 -5.02 -15.48 -17.41
N LEU D 213 -5.94 -14.78 -18.06
CA LEU D 213 -6.86 -13.90 -17.34
C LEU D 213 -7.71 -14.69 -16.37
N GLU D 214 -8.22 -15.85 -16.80
CA GLU D 214 -8.96 -16.73 -15.92
C GLU D 214 -8.09 -17.19 -14.76
N GLU D 215 -6.83 -17.50 -15.04
CA GLU D 215 -5.90 -17.95 -14.01
C GLU D 215 -5.61 -16.84 -13.00
N GLN D 216 -5.45 -15.61 -13.48
CA GLN D 216 -5.18 -14.50 -12.57
C GLN D 216 -6.36 -14.23 -11.66
N ILE D 217 -7.57 -14.30 -12.20
CA ILE D 217 -8.77 -14.05 -11.40
C ILE D 217 -8.86 -15.06 -10.27
N ALA D 218 -8.64 -16.34 -10.58
CA ALA D 218 -8.66 -17.39 -9.55
C ALA D 218 -7.58 -17.15 -8.52
N LEU D 219 -6.39 -16.75 -8.95
CA LEU D 219 -5.31 -16.48 -8.02
C LEU D 219 -5.67 -15.34 -7.08
N LEU D 220 -6.18 -14.24 -7.62
CA LEU D 220 -6.50 -13.07 -6.81
C LEU D 220 -7.84 -13.22 -6.09
N GLY D 221 -8.80 -13.92 -6.69
CA GLY D 221 -10.17 -13.91 -6.22
C GLY D 221 -11.00 -12.81 -6.89
N ALA D 222 -11.99 -13.21 -7.69
CA ALA D 222 -12.81 -12.23 -8.39
C ALA D 222 -13.47 -11.25 -7.45
N GLN D 223 -13.85 -11.70 -6.24
CA GLN D 223 -14.55 -10.85 -5.29
C GLN D 223 -13.68 -9.70 -4.77
N THR D 224 -12.39 -9.70 -5.09
CA THR D 224 -11.49 -8.60 -4.75
C THR D 224 -11.19 -7.70 -5.93
N ILE D 225 -11.73 -8.00 -7.10
CA ILE D 225 -11.35 -7.34 -8.34
C ILE D 225 -12.43 -6.36 -8.72
N ALA D 226 -12.06 -5.08 -8.83
CA ALA D 226 -13.07 -4.07 -9.12
C ALA D 226 -13.32 -3.95 -10.62
N ALA D 227 -12.27 -3.86 -11.43
CA ALA D 227 -12.45 -3.60 -12.86
C ALA D 227 -11.23 -4.02 -13.66
N LEU D 228 -11.46 -4.24 -14.95
CA LEU D 228 -10.40 -4.41 -15.95
C LEU D 228 -10.45 -3.25 -16.94
N ILE D 229 -9.30 -2.63 -17.20
CA ILE D 229 -9.22 -1.50 -18.12
C ILE D 229 -8.34 -1.88 -19.29
N ALA D 230 -8.81 -1.54 -20.50
CA ALA D 230 -8.10 -1.89 -21.72
C ALA D 230 -8.51 -0.94 -22.84
N GLU D 231 -7.53 -0.66 -23.77
CA GLU D 231 -7.74 0.09 -25.00
C GLU D 231 -8.16 -0.86 -26.11
N PRO D 232 -9.17 -0.48 -26.90
CA PRO D 232 -9.59 -1.38 -28.00
C PRO D 232 -8.50 -1.60 -29.03
N VAL D 233 -7.72 -0.57 -29.32
CA VAL D 233 -6.42 -0.69 -29.94
C VAL D 233 -5.45 0.10 -29.07
N GLN D 234 -4.36 -0.54 -28.65
CA GLN D 234 -3.42 0.13 -27.77
C GLN D 234 -2.61 1.12 -28.60
N GLY D 235 -2.67 2.40 -28.23
CA GLY D 235 -2.07 3.44 -29.02
C GLY D 235 -0.60 3.65 -28.72
N ALA D 236 -0.31 4.39 -27.63
CA ALA D 236 1.06 4.74 -27.30
C ALA D 236 1.92 3.53 -27.02
N GLY D 237 1.33 2.40 -26.66
CA GLY D 237 2.13 1.21 -26.49
C GLY D 237 2.64 0.61 -27.78
N GLY D 238 2.18 1.11 -28.93
CA GLY D 238 2.73 0.73 -30.22
C GLY D 238 1.76 0.27 -31.29
N VAL D 239 0.51 0.72 -31.20
CA VAL D 239 -0.55 0.29 -32.12
C VAL D 239 -0.56 -1.23 -32.19
N ILE D 240 -0.94 -1.86 -31.09
CA ILE D 240 -1.11 -3.30 -31.05
C ILE D 240 -2.59 -3.56 -31.31
N VAL D 241 -2.89 -4.19 -32.45
CA VAL D 241 -4.27 -4.49 -32.82
C VAL D 241 -4.60 -5.88 -32.32
N PRO D 242 -5.55 -6.03 -31.38
CA PRO D 242 -5.85 -7.36 -30.84
C PRO D 242 -6.56 -8.23 -31.86
N PRO D 243 -6.50 -9.56 -31.72
CA PRO D 243 -7.35 -10.43 -32.54
C PRO D 243 -8.82 -10.13 -32.30
N ALA D 244 -9.64 -10.42 -33.31
CA ALA D 244 -11.03 -9.97 -33.30
C ALA D 244 -11.85 -10.61 -32.19
N ASP D 245 -11.52 -11.84 -31.81
CA ASP D 245 -12.26 -12.54 -30.77
C ASP D 245 -11.77 -12.20 -29.37
N TYR D 246 -10.71 -11.39 -29.25
CA TYR D 246 -10.17 -11.09 -27.93
C TYR D 246 -11.17 -10.29 -27.10
N TRP D 247 -11.66 -9.17 -27.65
CA TRP D 247 -12.56 -8.31 -26.88
C TRP D 247 -13.89 -8.98 -26.55
N PRO D 248 -14.52 -9.77 -27.43
CA PRO D 248 -15.71 -10.52 -26.99
C PRO D 248 -15.44 -11.45 -25.82
N ARG D 249 -14.35 -12.23 -25.84
CA ARG D 249 -14.02 -13.06 -24.69
C ARG D 249 -13.82 -12.22 -23.44
N LEU D 250 -13.09 -11.11 -23.56
CA LEU D 250 -12.87 -10.20 -22.44
C LEU D 250 -14.17 -9.83 -21.76
N ARG D 251 -15.15 -9.38 -22.54
CA ARG D 251 -16.48 -9.06 -22.01
C ARG D 251 -17.07 -10.25 -21.27
N GLU D 252 -16.95 -11.45 -21.85
CA GLU D 252 -17.57 -12.63 -21.26
C GLU D 252 -16.91 -13.02 -19.94
N VAL D 253 -15.58 -13.00 -19.87
CA VAL D 253 -14.91 -13.40 -18.64
C VAL D 253 -15.24 -12.42 -17.52
N CYS D 254 -15.27 -11.13 -17.82
CA CYS D 254 -15.68 -10.15 -16.82
C CYS D 254 -17.11 -10.37 -16.36
N ASP D 255 -17.98 -10.76 -17.28
CA ASP D 255 -19.37 -11.03 -16.89
C ASP D 255 -19.45 -12.25 -16.01
N ARG D 256 -18.58 -13.24 -16.24
CA ARG D 256 -18.49 -14.40 -15.38
C ARG D 256 -18.29 -14.00 -13.94
N HIS D 257 -17.64 -12.86 -13.71
CA HIS D 257 -17.23 -12.48 -12.39
C HIS D 257 -17.83 -11.18 -11.92
N GLY D 258 -18.73 -10.59 -12.72
CA GLY D 258 -19.28 -9.29 -12.43
C GLY D 258 -18.29 -8.15 -12.48
N ILE D 259 -17.07 -8.40 -12.98
CA ILE D 259 -16.02 -7.38 -13.01
C ILE D 259 -16.37 -6.33 -14.06
N LEU D 260 -16.25 -5.07 -13.69
CA LEU D 260 -16.55 -4.00 -14.63
C LEU D 260 -15.47 -3.90 -15.70
N LEU D 261 -15.89 -3.70 -16.94
CA LEU D 261 -14.97 -3.57 -18.06
C LEU D 261 -14.91 -2.08 -18.45
N ILE D 262 -13.75 -1.47 -18.27
CA ILE D 262 -13.53 -0.08 -18.66
C ILE D 262 -12.80 -0.08 -20.00
N ALA D 263 -13.43 0.44 -21.04
CA ALA D 263 -12.78 0.63 -22.33
C ALA D 263 -12.14 2.00 -22.37
N ASP D 264 -10.82 2.04 -22.53
CA ASP D 264 -10.14 3.32 -22.69
C ASP D 264 -10.26 3.73 -24.14
N GLU D 265 -11.23 4.61 -24.43
CA GLU D 265 -11.51 5.08 -25.78
C GLU D 265 -10.97 6.48 -26.00
N VAL D 266 -9.99 6.91 -25.20
CA VAL D 266 -9.44 8.25 -25.33
C VAL D 266 -8.93 8.48 -26.75
N VAL D 267 -8.21 7.51 -27.31
CA VAL D 267 -7.68 7.62 -28.67
C VAL D 267 -8.67 7.08 -29.70
N THR D 268 -9.22 5.87 -29.48
CA THR D 268 -10.06 5.24 -30.49
C THR D 268 -11.44 5.85 -30.55
N GLY D 269 -11.85 6.58 -29.51
CA GLY D 269 -13.17 7.17 -29.49
C GLY D 269 -13.41 8.09 -30.68
N PHE D 270 -14.55 7.91 -31.33
CA PHE D 270 -15.07 8.76 -32.40
C PHE D 270 -14.41 8.53 -33.75
N GLY D 271 -13.81 7.36 -34.01
CA GLY D 271 -13.63 6.96 -35.39
C GLY D 271 -12.26 6.54 -35.87
N ARG D 272 -11.20 6.80 -35.10
CA ARG D 272 -9.84 6.64 -35.63
C ARG D 272 -9.60 5.24 -36.17
N SER D 273 -10.16 4.22 -35.52
CA SER D 273 -9.95 2.83 -35.88
C SER D 273 -11.04 2.28 -36.80
N GLY D 274 -11.91 3.15 -37.31
CA GLY D 274 -12.92 2.76 -38.29
C GLY D 274 -14.33 2.69 -37.76
N CYS D 275 -14.55 2.98 -36.48
CA CYS D 275 -15.85 2.84 -35.83
C CYS D 275 -15.94 3.92 -34.77
N MET D 276 -17.18 4.32 -34.45
CA MET D 276 -17.37 5.37 -33.46
C MET D 276 -16.82 4.96 -32.10
N LEU D 277 -16.83 3.66 -31.79
CA LEU D 277 -16.08 3.13 -30.67
C LEU D 277 -15.32 1.91 -31.13
N GLY D 278 -14.07 1.79 -30.67
CA GLY D 278 -13.34 0.56 -30.91
C GLY D 278 -14.04 -0.63 -30.29
N SER D 279 -14.60 -0.43 -29.09
CA SER D 279 -15.31 -1.52 -28.43
C SER D 279 -16.53 -1.93 -29.24
N ARG D 280 -17.28 -0.94 -29.75
CA ARG D 280 -18.34 -1.24 -30.71
C ARG D 280 -17.78 -1.87 -31.97
N GLY D 281 -16.56 -1.47 -32.37
CA GLY D 281 -15.97 -2.04 -33.57
C GLY D 281 -15.67 -3.53 -33.43
N TRP D 282 -15.42 -3.98 -32.21
CA TRP D 282 -15.31 -5.40 -31.91
C TRP D 282 -16.64 -6.02 -31.53
N GLY D 283 -17.72 -5.24 -31.50
CA GLY D 283 -19.01 -5.78 -31.11
C GLY D 283 -19.17 -5.94 -29.62
N VAL D 284 -18.58 -5.06 -28.81
CA VAL D 284 -18.59 -5.21 -27.36
C VAL D 284 -19.05 -3.91 -26.72
N ALA D 285 -19.97 -4.02 -25.77
CA ALA D 285 -20.41 -2.89 -24.97
C ALA D 285 -19.72 -2.96 -23.62
N PRO D 286 -18.75 -2.10 -23.33
CA PRO D 286 -18.15 -2.09 -22.01
C PRO D 286 -19.06 -1.39 -21.01
N ASP D 287 -18.68 -1.49 -19.74
CA ASP D 287 -19.46 -0.89 -18.67
C ASP D 287 -19.17 0.59 -18.50
N ILE D 288 -17.92 1.00 -18.75
CA ILE D 288 -17.50 2.38 -18.59
C ILE D 288 -16.74 2.79 -19.83
N LEU D 289 -16.98 4.01 -20.29
CA LEU D 289 -16.26 4.59 -21.42
C LEU D 289 -15.38 5.72 -20.92
N CYS D 290 -14.14 5.75 -21.39
CA CYS D 290 -13.22 6.85 -21.18
C CYS D 290 -13.03 7.57 -22.50
N LEU D 291 -13.35 8.86 -22.54
CA LEU D 291 -13.28 9.65 -23.76
C LEU D 291 -12.50 10.93 -23.50
N ALA D 292 -11.80 11.39 -24.53
CA ALA D 292 -11.11 12.67 -24.49
C ALA D 292 -10.66 13.06 -25.88
N LYS D 293 -9.55 13.78 -25.98
CA LYS D 293 -8.89 14.04 -27.26
C LYS D 293 -9.84 14.51 -28.34
N GLY D 294 -10.24 13.59 -29.23
CA GLY D 294 -11.11 13.86 -30.36
C GLY D 294 -12.50 14.36 -29.98
N ILE D 295 -12.92 14.24 -28.73
CA ILE D 295 -14.26 14.67 -28.34
C ILE D 295 -14.50 16.14 -28.69
N THR D 296 -13.47 16.97 -28.55
CA THR D 296 -13.52 18.36 -28.99
C THR D 296 -12.53 18.64 -30.11
N ALA D 297 -11.92 17.60 -30.68
CA ALA D 297 -10.89 17.73 -31.71
C ALA D 297 -9.70 18.58 -31.24
N GLY D 298 -9.44 18.59 -29.94
CA GLY D 298 -8.32 19.33 -29.37
C GLY D 298 -8.50 20.83 -29.24
N TYR D 299 -9.61 21.39 -29.69
CA TYR D 299 -9.75 22.83 -29.70
C TYR D 299 -9.88 23.39 -28.28
N ILE D 300 -10.54 22.65 -27.40
CA ILE D 300 -10.72 23.00 -25.99
C ILE D 300 -10.58 21.72 -25.16
N PRO D 301 -9.84 21.75 -24.04
CA PRO D 301 -9.70 20.53 -23.22
C PRO D 301 -11.04 20.03 -22.71
N LEU D 302 -11.34 18.76 -23.03
CA LEU D 302 -12.53 18.13 -22.48
C LEU D 302 -12.31 16.63 -22.36
N GLY D 303 -12.80 16.08 -21.25
CA GLY D 303 -12.83 14.64 -21.08
C GLY D 303 -14.22 14.21 -20.62
N ALA D 304 -14.48 12.92 -20.78
CA ALA D 304 -15.76 12.38 -20.36
C ALA D 304 -15.60 10.93 -19.93
N THR D 305 -16.29 10.58 -18.85
CA THR D 305 -16.43 9.20 -18.41
C THR D 305 -17.93 8.90 -18.44
N LEU D 306 -18.30 7.86 -19.18
CA LEU D 306 -19.70 7.44 -19.27
C LEU D 306 -19.90 6.13 -18.52
N PHE D 307 -21.06 6.01 -17.88
CA PHE D 307 -21.41 4.84 -17.10
C PHE D 307 -22.74 4.28 -17.60
N ASN D 308 -22.85 2.96 -17.62
CA ASN D 308 -24.05 2.33 -18.14
C ASN D 308 -25.16 2.33 -17.08
N GLN D 309 -26.34 1.85 -17.49
CA GLN D 309 -27.49 1.87 -16.58
C GLN D 309 -27.21 1.05 -15.33
N ARG D 310 -26.57 -0.11 -15.49
CA ARG D 310 -26.16 -0.94 -14.36
C ARG D 310 -25.50 -0.10 -13.26
N ILE D 311 -24.43 0.61 -13.62
CA ILE D 311 -23.68 1.39 -12.64
C ILE D 311 -24.51 2.56 -12.11
N ALA D 312 -25.17 3.30 -12.99
CA ALA D 312 -25.89 4.50 -12.56
C ALA D 312 -26.97 4.15 -11.54
N ASP D 313 -27.73 3.10 -11.82
CA ASP D 313 -28.81 2.68 -10.93
C ASP D 313 -28.27 2.31 -9.55
N ALA D 314 -27.13 1.60 -9.51
CA ALA D 314 -26.58 1.16 -8.23
C ALA D 314 -26.15 2.33 -7.36
N ILE D 315 -25.47 3.32 -7.95
CA ILE D 315 -24.98 4.45 -7.18
C ILE D 315 -26.13 5.36 -6.76
N GLU D 316 -27.05 5.64 -7.69
CA GLU D 316 -28.19 6.50 -7.40
C GLU D 316 -29.18 5.86 -6.42
N ASN D 317 -29.18 4.53 -6.30
CA ASN D 317 -29.99 3.82 -5.31
C ASN D 317 -29.19 3.39 -4.09
N GLY D 318 -27.95 3.85 -3.95
CA GLY D 318 -27.13 3.45 -2.82
C GLY D 318 -27.66 4.01 -1.51
N GLN D 319 -27.45 3.24 -0.43
CA GLN D 319 -27.92 3.63 0.90
C GLN D 319 -26.99 4.65 1.53
N GLY D 320 -27.58 5.61 2.24
CA GLY D 320 -26.81 6.59 3.01
C GLY D 320 -25.85 7.37 2.14
N PHE D 321 -24.60 7.49 2.62
CA PHE D 321 -23.60 8.30 1.97
C PHE D 321 -23.13 7.73 0.65
N SER D 322 -23.49 6.47 0.33
CA SER D 322 -22.96 5.82 -0.85
C SER D 322 -23.51 6.40 -2.16
N HIS D 323 -24.58 7.19 -2.12
CA HIS D 323 -25.07 7.86 -3.31
C HIS D 323 -24.57 9.28 -3.42
N MET D 324 -23.75 9.73 -2.49
CA MET D 324 -23.09 11.02 -2.60
C MET D 324 -21.88 10.87 -3.52
N ILE D 325 -21.88 11.58 -4.63
CA ILE D 325 -20.78 11.50 -5.60
C ILE D 325 -19.86 12.67 -5.29
N MET D 326 -18.86 12.42 -4.45
CA MET D 326 -17.93 13.44 -3.99
C MET D 326 -16.64 13.41 -4.81
N HIS D 327 -16.82 13.40 -6.12
CA HIS D 327 -15.74 13.42 -7.08
C HIS D 327 -16.15 14.32 -8.24
N GLY D 328 -15.23 15.16 -8.66
CA GLY D 328 -15.48 16.04 -9.78
C GLY D 328 -14.55 17.23 -9.74
N TYR D 329 -14.66 18.07 -10.77
CA TYR D 329 -13.67 19.07 -11.09
C TYR D 329 -14.33 20.43 -11.32
N THR D 330 -13.59 21.49 -11.01
CA THR D 330 -14.05 22.86 -11.29
C THR D 330 -14.57 23.02 -12.71
N TYR D 331 -13.90 22.40 -13.67
CA TYR D 331 -14.23 22.57 -15.08
C TYR D 331 -15.02 21.39 -15.64
N SER D 332 -15.53 20.52 -14.77
CA SER D 332 -16.52 19.53 -15.16
C SER D 332 -17.70 20.22 -15.83
N GLY D 333 -17.97 19.83 -17.09
CA GLY D 333 -19.11 20.38 -17.81
C GLY D 333 -18.93 21.78 -18.35
N HIS D 334 -17.68 22.22 -18.54
CA HIS D 334 -17.32 23.57 -18.97
C HIS D 334 -18.14 24.00 -20.21
N PRO D 335 -18.84 25.14 -20.16
CA PRO D 335 -19.76 25.49 -21.25
C PRO D 335 -19.11 25.64 -22.62
N THR D 336 -17.98 26.35 -22.68
CA THR D 336 -17.32 26.58 -23.97
C THR D 336 -16.78 25.29 -24.56
N ALA D 337 -16.18 24.43 -23.71
CA ALA D 337 -15.75 23.12 -24.16
C ALA D 337 -16.92 22.30 -24.67
N CYS D 338 -18.04 22.34 -23.94
CA CYS D 338 -19.24 21.64 -24.41
C CYS D 338 -19.70 22.20 -25.74
N ALA D 339 -19.79 23.52 -25.85
CA ALA D 339 -20.14 24.17 -27.11
C ALA D 339 -19.28 23.64 -28.26
N ALA D 340 -17.95 23.62 -28.04
CA ALA D 340 -17.03 23.11 -29.06
C ALA D 340 -17.27 21.64 -29.37
N ALA D 341 -17.50 20.82 -28.34
CA ALA D 341 -17.75 19.39 -28.54
C ALA D 341 -18.97 19.16 -29.43
N LEU D 342 -20.07 19.87 -29.16
CA LEU D 342 -21.28 19.69 -29.96
C LEU D 342 -21.01 19.96 -31.43
N ALA D 343 -20.25 21.01 -31.72
CA ALA D 343 -19.93 21.33 -33.11
C ALA D 343 -19.05 20.26 -33.74
N VAL D 344 -18.12 19.69 -32.97
CA VAL D 344 -17.22 18.69 -33.50
C VAL D 344 -17.96 17.40 -33.83
N LEU D 345 -18.88 16.98 -32.95
CA LEU D 345 -19.65 15.77 -33.21
C LEU D 345 -20.51 15.91 -34.46
N ASP D 346 -20.99 17.14 -34.74
CA ASP D 346 -21.73 17.40 -35.98
C ASP D 346 -20.90 17.03 -37.20
N ILE D 347 -19.65 17.51 -37.26
CA ILE D 347 -18.79 17.25 -38.40
C ILE D 347 -18.44 15.77 -38.53
N VAL D 348 -18.13 15.12 -37.40
CA VAL D 348 -17.71 13.72 -37.42
C VAL D 348 -18.79 12.83 -38.02
N GLU D 349 -20.04 13.05 -37.61
CA GLU D 349 -21.11 12.23 -38.16
C GLU D 349 -21.45 12.66 -39.58
N ALA D 350 -21.47 13.98 -39.83
CA ALA D 350 -21.85 14.48 -41.16
C ALA D 350 -20.86 14.01 -42.22
N GLU D 351 -19.57 14.05 -41.92
CA GLU D 351 -18.54 13.69 -42.88
C GLU D 351 -18.12 12.24 -42.78
N ASP D 352 -18.89 11.41 -42.08
CA ASP D 352 -18.55 10.00 -41.83
C ASP D 352 -17.04 9.80 -41.68
N LEU D 353 -16.46 10.41 -40.65
CA LEU D 353 -15.04 10.32 -40.39
C LEU D 353 -14.58 8.92 -39.95
N PRO D 354 -15.39 8.14 -39.22
CA PRO D 354 -15.00 6.74 -39.01
C PRO D 354 -14.91 5.96 -40.30
N GLY D 355 -15.78 6.25 -41.26
CA GLY D 355 -15.74 5.55 -42.53
C GLY D 355 -14.53 5.90 -43.36
N ASN D 356 -14.16 7.19 -43.38
CA ASN D 356 -12.94 7.60 -44.09
C ASN D 356 -11.69 7.01 -43.45
N ALA D 357 -11.67 6.93 -42.11
CA ALA D 357 -10.51 6.37 -41.41
C ALA D 357 -10.29 4.90 -41.77
N ALA D 358 -11.37 4.12 -41.80
CA ALA D 358 -11.24 2.72 -42.21
C ALA D 358 -10.71 2.61 -43.63
N LYS D 359 -11.29 3.36 -44.57
CA LYS D 359 -10.96 3.20 -45.99
C LYS D 359 -9.56 3.68 -46.32
N VAL D 360 -9.25 4.93 -45.97
CA VAL D 360 -7.95 5.50 -46.33
C VAL D 360 -6.84 4.94 -45.44
N GLY D 361 -7.15 4.65 -44.17
CA GLY D 361 -6.19 3.99 -43.32
C GLY D 361 -5.76 2.64 -43.87
N ALA D 362 -6.73 1.83 -44.31
CA ALA D 362 -6.40 0.55 -44.94
C ALA D 362 -5.49 0.76 -46.13
N GLN D 363 -5.88 1.66 -47.03
CA GLN D 363 -5.05 2.06 -48.16
C GLN D 363 -3.63 2.39 -47.72
N LEU D 364 -3.50 3.25 -46.70
CA LEU D 364 -2.20 3.69 -46.26
C LEU D 364 -1.36 2.53 -45.72
N LEU D 365 -1.95 1.66 -44.91
CA LEU D 365 -1.22 0.50 -44.40
C LEU D 365 -0.72 -0.37 -45.55
N GLU D 366 -1.57 -0.57 -46.56
CA GLU D 366 -1.16 -1.30 -47.74
C GLU D 366 0.02 -0.63 -48.44
N GLN D 367 -0.01 0.70 -48.57
CA GLN D 367 1.07 1.41 -49.25
C GLN D 367 2.38 1.36 -48.48
N LEU D 368 2.33 1.08 -47.17
CA LEU D 368 3.53 1.07 -46.35
C LEU D 368 4.23 -0.28 -46.26
N GLN D 369 3.58 -1.38 -46.67
CA GLN D 369 4.22 -2.70 -46.55
C GLN D 369 5.56 -2.82 -47.28
N PRO D 370 5.75 -2.26 -48.48
CA PRO D 370 7.08 -2.35 -49.13
C PRO D 370 8.22 -1.78 -48.29
N LEU D 371 7.93 -0.93 -47.30
CA LEU D 371 8.98 -0.46 -46.41
C LEU D 371 9.61 -1.61 -45.63
N VAL D 372 8.78 -2.55 -45.17
CA VAL D 372 9.29 -3.70 -44.44
C VAL D 372 10.25 -4.50 -45.31
N GLU D 373 9.89 -4.66 -46.59
CA GLU D 373 10.69 -5.46 -47.52
C GLU D 373 12.01 -4.77 -47.83
N ARG D 374 12.01 -3.45 -47.90
CA ARG D 374 13.18 -2.72 -48.35
C ARG D 374 14.18 -2.42 -47.23
N TYR D 375 13.70 -2.22 -46.01
CA TYR D 375 14.53 -1.71 -44.93
C TYR D 375 14.58 -2.73 -43.80
N ALA D 376 15.79 -3.24 -43.53
CA ALA D 376 16.00 -4.20 -42.46
C ALA D 376 15.49 -3.67 -41.11
N VAL D 377 15.66 -2.38 -40.85
CA VAL D 377 15.28 -1.84 -39.54
C VAL D 377 13.78 -1.89 -39.33
N VAL D 378 12.99 -2.00 -40.40
CA VAL D 378 11.54 -2.06 -40.26
C VAL D 378 11.18 -3.51 -39.96
N GLY D 379 10.74 -3.78 -38.73
CA GLY D 379 10.33 -5.11 -38.33
C GLY D 379 8.95 -5.47 -38.88
N GLU D 380 7.95 -4.65 -38.57
CA GLU D 380 6.64 -4.76 -39.19
C GLU D 380 5.94 -3.42 -39.04
N VAL D 381 4.89 -3.23 -39.84
CA VAL D 381 4.01 -2.07 -39.73
C VAL D 381 2.58 -2.57 -39.66
N ARG D 382 1.87 -2.13 -38.63
CA ARG D 382 0.51 -2.59 -38.37
C ARG D 382 -0.43 -1.41 -38.17
N GLY D 383 -1.72 -1.67 -38.26
CA GLY D 383 -2.69 -0.60 -38.10
C GLY D 383 -4.11 -1.09 -38.31
N LYS D 384 -5.04 -0.20 -37.93
CA LYS D 384 -6.48 -0.39 -38.09
C LYS D 384 -7.08 1.01 -38.15
N GLY D 385 -7.74 1.34 -39.26
CA GLY D 385 -8.12 2.72 -39.45
C GLY D 385 -6.91 3.62 -39.54
N LEU D 386 -7.00 4.79 -38.93
CA LEU D 386 -5.93 5.80 -39.02
C LEU D 386 -5.10 5.88 -37.74
N MET D 387 -4.81 4.75 -37.12
CA MET D 387 -3.71 4.63 -36.18
C MET D 387 -2.76 3.55 -36.69
N ILE D 388 -1.51 3.93 -36.93
CA ILE D 388 -0.53 3.04 -37.56
C ILE D 388 0.80 3.21 -36.85
N ALA D 389 1.54 2.12 -36.71
CA ALA D 389 2.89 2.15 -36.14
C ALA D 389 3.84 1.30 -36.97
N LEU D 390 5.05 1.83 -37.18
CA LEU D 390 6.16 1.10 -37.77
C LEU D 390 7.10 0.64 -36.66
N ASP D 391 7.30 -0.67 -36.54
CA ASP D 391 8.08 -1.28 -35.46
C ASP D 391 9.54 -1.44 -35.92
N LEU D 392 10.44 -0.67 -35.31
CA LEU D 392 11.85 -0.69 -35.69
C LEU D 392 12.61 -1.63 -34.76
N VAL D 393 13.39 -2.54 -35.34
CA VAL D 393 14.13 -3.54 -34.59
C VAL D 393 15.59 -3.49 -35.00
N SER D 394 16.44 -4.01 -34.11
CA SER D 394 17.85 -4.21 -34.41
C SER D 394 18.11 -5.55 -35.09
N ASP D 395 17.21 -6.53 -34.95
CA ASP D 395 17.40 -7.87 -35.45
C ASP D 395 16.06 -8.40 -35.93
N LYS D 396 16.01 -8.89 -37.17
CA LYS D 396 14.76 -9.39 -37.73
C LYS D 396 14.30 -10.67 -37.05
N ARG D 397 15.25 -11.60 -36.81
CA ARG D 397 14.88 -12.91 -36.27
C ARG D 397 14.55 -12.88 -34.79
N THR D 398 15.01 -11.86 -34.06
CA THR D 398 14.73 -11.77 -32.64
C THR D 398 13.71 -10.69 -32.30
N ARG D 399 13.31 -9.87 -33.28
CA ARG D 399 12.40 -8.74 -33.09
C ARG D 399 12.84 -7.84 -31.95
N GLN D 400 14.13 -7.81 -31.63
CA GLN D 400 14.58 -6.96 -30.53
C GLN D 400 14.40 -5.50 -30.90
N PRO D 401 13.69 -4.71 -30.12
CA PRO D 401 13.45 -3.31 -30.48
C PRO D 401 14.75 -2.53 -30.57
N LEU D 402 14.75 -1.57 -31.49
CA LEU D 402 15.78 -0.54 -31.50
C LEU D 402 15.82 0.19 -30.17
N ASP D 403 17.01 0.59 -29.75
CA ASP D 403 17.12 1.38 -28.53
C ASP D 403 16.88 2.84 -28.87
N PRO D 404 15.89 3.50 -28.25
CA PRO D 404 15.66 4.93 -28.54
C PRO D 404 16.85 5.80 -28.16
N ALA D 405 17.60 5.40 -27.14
CA ALA D 405 18.74 6.19 -26.70
C ALA D 405 19.81 6.33 -27.79
N ALA D 406 19.86 5.41 -28.75
CA ALA D 406 20.75 5.58 -29.90
C ALA D 406 20.29 6.70 -30.83
N GLY D 407 19.01 7.07 -30.77
CA GLY D 407 18.54 8.22 -31.51
C GLY D 407 18.18 7.98 -32.96
N GLN D 408 18.21 6.74 -33.46
CA GLN D 408 17.85 6.48 -34.85
C GLN D 408 16.37 6.72 -35.11
N PRO D 409 15.44 6.29 -34.23
CA PRO D 409 14.03 6.63 -34.46
C PRO D 409 13.80 8.13 -34.52
N SER D 410 14.52 8.91 -33.71
CA SER D 410 14.41 10.35 -33.76
C SER D 410 14.97 10.91 -35.05
N ARG D 411 15.98 10.26 -35.63
CA ARG D 411 16.60 10.78 -36.83
C ARG D 411 15.78 10.51 -38.07
N ILE D 412 15.15 9.34 -38.15
CA ILE D 412 14.21 9.08 -39.24
C ILE D 412 13.06 10.06 -39.20
N ALA D 413 12.53 10.31 -37.99
CA ALA D 413 11.43 11.26 -37.83
C ALA D 413 11.82 12.66 -38.32
N ASP D 414 13.04 13.10 -38.02
CA ASP D 414 13.49 14.42 -38.46
C ASP D 414 13.48 14.52 -39.98
N GLU D 415 13.97 13.49 -40.67
CA GLU D 415 14.06 13.55 -42.12
C GLU D 415 12.67 13.51 -42.76
N ALA D 416 11.75 12.75 -42.17
CA ALA D 416 10.36 12.79 -42.62
C ALA D 416 9.80 14.21 -42.60
N ARG D 417 10.06 14.95 -41.50
CA ARG D 417 9.62 16.34 -41.41
C ARG D 417 10.25 17.18 -42.51
N ARG D 418 11.57 17.03 -42.70
CA ARG D 418 12.24 17.73 -43.80
C ARG D 418 11.58 17.41 -45.12
N ALA D 419 11.01 16.20 -45.25
CA ALA D 419 10.23 15.82 -46.42
C ALA D 419 8.77 16.26 -46.32
N GLY D 420 8.38 16.99 -45.29
CA GLY D 420 7.07 17.62 -45.27
C GLY D 420 5.99 16.88 -44.50
N VAL D 421 6.34 15.90 -43.67
CA VAL D 421 5.34 15.14 -42.92
C VAL D 421 5.88 14.93 -41.51
N LEU D 422 5.17 15.47 -40.52
CA LEU D 422 5.56 15.31 -39.12
C LEU D 422 4.98 14.02 -38.56
N VAL D 423 5.85 13.15 -38.07
CA VAL D 423 5.48 11.88 -37.46
C VAL D 423 6.09 11.81 -36.05
N ARG D 424 5.71 10.76 -35.32
CA ARG D 424 5.97 10.67 -33.88
C ARG D 424 6.75 9.42 -33.52
N PRO D 425 8.01 9.55 -33.09
CA PRO D 425 8.71 8.38 -32.54
C PRO D 425 8.34 8.18 -31.07
N ILE D 426 7.93 6.97 -30.73
CA ILE D 426 7.74 6.57 -29.34
C ILE D 426 8.59 5.34 -29.14
N GLY D 427 9.66 5.48 -28.36
CA GLY D 427 10.56 4.36 -28.19
C GLY D 427 11.14 3.94 -29.52
N ASN D 428 10.87 2.69 -29.90
CA ASN D 428 11.39 2.11 -31.13
C ASN D 428 10.35 2.09 -32.25
N LYS D 429 9.27 2.83 -32.11
CA LYS D 429 8.17 2.78 -33.07
C LYS D 429 7.84 4.19 -33.56
N ILE D 430 7.57 4.28 -34.86
CA ILE D 430 7.09 5.51 -35.49
C ILE D 430 5.58 5.42 -35.54
N ILE D 431 4.89 6.41 -34.94
CA ILE D 431 3.43 6.44 -34.91
C ILE D 431 2.91 7.36 -36.00
N LEU D 432 1.91 6.87 -36.75
CA LEU D 432 1.15 7.66 -37.70
C LEU D 432 -0.25 7.84 -37.15
N SER D 433 -0.68 9.09 -36.98
CA SER D 433 -2.05 9.31 -36.52
C SER D 433 -2.60 10.65 -37.02
N PRO D 434 -2.73 10.85 -38.33
CA PRO D 434 -3.12 12.17 -38.85
C PRO D 434 -4.61 12.41 -38.63
N PRO D 435 -5.13 13.60 -38.98
CA PRO D 435 -6.58 13.82 -38.88
C PRO D 435 -7.37 12.80 -39.68
N LEU D 436 -8.58 12.52 -39.19
CA LEU D 436 -9.43 11.52 -39.85
C LEU D 436 -10.00 12.03 -41.17
N THR D 437 -9.79 13.32 -41.49
CA THR D 437 -10.10 13.91 -42.80
C THR D 437 -9.02 13.65 -43.85
N LEU D 438 -8.01 12.85 -43.53
CA LEU D 438 -6.94 12.56 -44.48
C LEU D 438 -7.51 12.10 -45.82
N THR D 439 -6.92 12.60 -46.91
CA THR D 439 -7.37 12.27 -48.25
C THR D 439 -6.51 11.15 -48.82
N ARG D 440 -6.99 10.57 -49.95
CA ARG D 440 -6.28 9.47 -50.60
C ARG D 440 -4.84 9.83 -50.91
N ASP D 441 -4.59 11.09 -51.25
CA ASP D 441 -3.28 11.50 -51.73
C ASP D 441 -2.46 12.23 -50.69
N GLU D 442 -3.07 12.74 -49.61
CA GLU D 442 -2.26 13.07 -48.45
C GLU D 442 -1.61 11.82 -47.87
N ALA D 443 -2.32 10.69 -47.92
CA ALA D 443 -1.73 9.41 -47.54
C ALA D 443 -0.56 9.05 -48.44
N GLY D 444 -0.65 9.38 -49.73
CA GLY D 444 0.46 9.16 -50.64
C GLY D 444 1.68 10.00 -50.28
N LEU D 445 1.46 11.26 -49.90
CA LEU D 445 2.55 12.11 -49.43
C LEU D 445 3.23 11.52 -48.20
N MET D 446 2.46 10.93 -47.29
CA MET D 446 3.06 10.33 -46.10
C MET D 446 3.96 9.16 -46.48
N VAL D 447 3.53 8.31 -47.41
CA VAL D 447 4.35 7.19 -47.85
C VAL D 447 5.67 7.68 -48.43
N SER D 448 5.61 8.68 -49.30
CA SER D 448 6.83 9.18 -49.94
C SER D 448 7.80 9.79 -48.92
N ALA D 449 7.27 10.46 -47.90
CA ALA D 449 8.16 11.10 -46.94
C ALA D 449 8.87 10.08 -46.06
N LEU D 450 8.18 8.99 -45.69
CA LEU D 450 8.83 7.94 -44.91
C LEU D 450 9.84 7.19 -45.74
N GLU D 451 9.49 6.82 -46.98
CA GLU D 451 10.44 6.18 -47.88
C GLU D 451 11.71 7.01 -48.02
N ALA D 452 11.55 8.32 -48.17
CA ALA D 452 12.73 9.19 -48.18
C ALA D 452 13.46 9.14 -46.85
N ALA D 453 12.72 9.13 -45.74
CA ALA D 453 13.34 9.11 -44.42
C ALA D 453 14.12 7.83 -44.19
N PHE D 454 13.57 6.69 -44.61
CA PHE D 454 14.28 5.43 -44.41
C PHE D 454 15.44 5.27 -45.38
N ALA D 455 15.33 5.85 -46.58
CA ALA D 455 16.48 5.88 -47.47
C ALA D 455 17.62 6.66 -46.84
N ARG D 456 17.31 7.81 -46.24
CA ARG D 456 18.37 8.64 -45.66
C ARG D 456 18.89 8.05 -44.36
N CYS D 457 18.00 7.65 -43.45
CA CYS D 457 18.38 7.34 -42.08
C CYS D 457 18.03 5.92 -41.65
N GLY D 458 17.67 5.03 -42.57
CA GLY D 458 17.26 3.69 -42.20
C GLY D 458 18.34 2.70 -41.82
#